data_9E8C
#
_entry.id   9E8C
#
_cell.length_a   1.00
_cell.length_b   1.00
_cell.length_c   1.00
_cell.angle_alpha   90.00
_cell.angle_beta   90.00
_cell.angle_gamma   90.00
#
_symmetry.space_group_name_H-M   'P 1'
#
loop_
_entity.id
_entity.type
_entity.pdbx_description
1 polymer 'Integrin alpha-IIb'
2 polymer 'Integrin beta-3'
3 branched beta-D-mannopyranose-(1-4)-2-acetamido-2-deoxy-beta-D-glucopyranose-(1-4)-2-acetamido-2-deoxy-beta-D-glucopyranose
4 branched 2-acetamido-2-deoxy-beta-D-glucopyranose-(1-4)-2-acetamido-2-deoxy-beta-D-glucopyranose
5 branched 2-acetamido-2-deoxy-beta-D-glucopyranose-(1-4)-2-acetamido-2-deoxy-beta-D-glucopyranose-(1-4)-beta-D-mannopyranose
6 non-polymer 'CALCIUM ION'
7 non-polymer 2-acetamido-2-deoxy-beta-D-glucopyranose
8 non-polymer 'MAGNESIUM ION'
#
loop_
_entity_poly.entity_id
_entity_poly.type
_entity_poly.pdbx_seq_one_letter_code
_entity_poly.pdbx_strand_id
1 'polypeptide(L)'
;MARALCPLQALWLLEWVLLLLGPCAAPPAWALNLDPVQLTFYAGPNGSQFGFSLDFHKDSHGRVAIVVGAPRTLGPSQEE
TGGVFLCPWRAEGGQCPSLLFDLRDETRNVGSQTLQTFKARQGLGASVVSWSDVIVACAPWQHWNVLEKTEEAEKTPVGS
CFLAQPESGRRAEYSPCRGNTLSRIYVENDFSWDKRYCEAGFSSVVTQAGELVLGAPGGYYFLGLLAQAPVADIFSSYRP
GILLWHVSSQSLSFDSSNPEYFDGYWGYSVAVGEFDGDLNTTEYVVGAPTWSWTLGAVEILDSYYQRLHRLRGEQMASYF
GHSVAVTDVNGDGRHDLLVGAPLYMESRADRKLAEVGRVYLFLQPRGPHALGAPSLLLTGTQLYGRFGSAIAPLGDLDRD
GYNDIAVAAPYGGPSGRGQVLVFLGQSEGLRSRPSQVLDSPFPTGSAFGFSLRGAVDIDDNGYPDLIVGAYGANQVAVYR
AQPVVKASVQLLVQDSLNPAVKSCVLPQTKTPVSCFNIQMCVGATGHNIPQKLSLNAELQLDRQKPRQGRRVLLLGSQQA
GTTLNLDLGGKHSPICHTTMAFLRDEADFRDKLSPIVLSLNVSLPPTEAGMAPAVVLHGDTHVQEQTRIVLDCGEDDVCV
PQLQLTASVTGSPLLVGADNVLELQMDAANEGEGAYEAELAVHLPQGAHYMRALSNVEGFERLICNQKKENETRVVLCEL
GNPMKKNAQIGIAMLVSVGNLEEAGESVSFQLQIRSKNSQNPNSKIVLLDVPVRAEAQVELRGNSFPASLVVAAEEGERE
QNSLDSWGPKVEHTYELHNNGPGTVNGLHLSIHLPGQSQPSDLLYILDIQPQGGLQCFPQPPVNPLKVDWGLPIPSPSPI
HPAHHKRDRRQIFLPEPEQPSRLQDPVLVSCDSAPCTVVQCDLQEMARGQRAMVTVLAFLWLPSLYQRPLDQFVLQSHAW
FNVSSLPYAVPPLSLPRGEAQVWTQLLRALEERAIPIWWVLVGVLGGLLLLTILVLAMWKVGFFKRNRPPLEEDDEEGE
;
A,C
2 'polypeptide(L)'
;MRARPRPRPLWATVLALGALAGVGVGGPNICTTRGVSSCQQCLAVSPMCAWCSDEALPLGSPRCDLKENLLKDNCAPESI
EFPVSEARVLEDRPLSDKGSGDSSQVTQVSPQRIALRLRPDDSKNFSIQVRQVEDYPVDIYYLMDLSYSMKDDLWSIQNL
GTKLATQMRKLTSNLRIGFGAFVDKPVSPYMYISPPEALENPCYDMKTTCLPMFGYKHVLTLTDQVTRFNEEVKKQSVSR
NRDAPEGGFDAIMQATVCDEKIGWRNDASHLLVFTTDAKTHIALDGRLAGIVQPNDGQCHVGSDNHYSASTTMDYPSLGL
MTEKLSQKNINLIFAVTENVVNLYQNYSELIPGTTVGVLSMDSSNVLQLIVDAYGKIRSKVELEVRDLPEELSLSFNATC
LNNEVIPGLKSCMGLKIGDTVSFSIEAKVRGCPQEKEKSFTIKPVGFKDSLIVQVTFDCDCACQAQAEPNSHRCNNGNGT
FECGVCRCGPGWLGSQCECSEEDYRPSQQDECSPREGQPVCSQRGECLCGQCVCHSSDFGKITGKYCECDDFSCVRYKGE
MCSGHGQCSCGDCLCDSDWTGYYCNCTTRTDTCMSSNGLLCSGRGKCECGSCVCIQPGSYGDTCEKCPTCPDACTFKKEC
VECKKFDRGALHDENTCNRYCRDEIESVKELKDTGKDAVNCTYKNEDDCVVRFQYYEDSSGKSILYVVEEPECPKGPDIL
VVLLSVMGAILLIGLAALLIWKLLITIHDRKEFAKFEEERARAKWDTANNPLYKEATSTFTNITYRGT
;
B,D
#
loop_
_chem_comp.id
_chem_comp.type
_chem_comp.name
_chem_comp.formula
BMA D-saccharide, beta linking beta-D-mannopyranose 'C6 H12 O6'
CA non-polymer 'CALCIUM ION' 'Ca 2'
MG non-polymer 'MAGNESIUM ION' 'Mg 2'
NAG D-saccharide, beta linking 2-acetamido-2-deoxy-beta-D-glucopyranose 'C8 H15 N O6'
#
# COMPACT_ATOMS: atom_id res chain seq x y z
N LEU A 32 -8.28 -18.50 -4.59
CA LEU A 32 -8.69 -18.69 -3.22
C LEU A 32 -10.08 -18.12 -2.95
N ASN A 33 -10.33 -16.92 -3.47
CA ASN A 33 -11.62 -16.22 -3.18
C ASN A 33 -12.55 -16.21 -4.39
N LEU A 34 -12.34 -17.12 -5.35
CA LEU A 34 -13.19 -17.14 -6.54
C LEU A 34 -14.54 -17.76 -6.21
N ASP A 35 -15.61 -16.99 -6.45
CA ASP A 35 -16.97 -17.39 -6.08
C ASP A 35 -17.48 -18.50 -6.98
N PRO A 36 -17.63 -19.73 -6.45
CA PRO A 36 -18.13 -20.83 -7.28
C PRO A 36 -19.64 -20.94 -7.29
N VAL A 37 -20.30 -20.50 -6.22
CA VAL A 37 -21.74 -20.68 -6.11
C VAL A 37 -22.51 -19.76 -7.05
N GLN A 38 -21.89 -18.67 -7.51
CA GLN A 38 -22.48 -17.79 -8.49
C GLN A 38 -21.51 -17.63 -9.65
N LEU A 39 -21.99 -17.86 -10.87
CA LEU A 39 -21.16 -17.83 -12.06
C LEU A 39 -21.87 -17.04 -13.14
N THR A 40 -21.08 -16.52 -14.08
CA THR A 40 -21.64 -15.86 -15.27
C THR A 40 -21.64 -16.86 -16.42
N PHE A 41 -22.82 -17.10 -16.99
CA PHE A 41 -23.00 -18.05 -18.08
C PHE A 41 -23.32 -17.29 -19.36
N TYR A 42 -22.51 -17.52 -20.39
CA TYR A 42 -22.69 -16.90 -21.70
C TYR A 42 -23.00 -17.99 -22.71
N ALA A 43 -24.10 -17.84 -23.44
CA ALA A 43 -24.50 -18.81 -24.45
C ALA A 43 -23.85 -18.49 -25.79
N GLY A 44 -23.90 -19.47 -26.69
CA GLY A 44 -23.36 -19.31 -28.03
C GLY A 44 -24.21 -20.03 -29.06
N PRO A 45 -23.61 -20.34 -30.20
CA PRO A 45 -24.35 -21.03 -31.26
C PRO A 45 -24.57 -22.50 -30.93
N ASN A 46 -25.68 -23.03 -31.43
CA ASN A 46 -25.98 -24.44 -31.26
C ASN A 46 -24.94 -25.34 -31.92
N GLY A 47 -24.19 -24.80 -32.88
CA GLY A 47 -23.08 -25.53 -33.47
C GLY A 47 -21.86 -25.61 -32.58
N SER A 48 -21.95 -25.07 -31.37
CA SER A 48 -20.90 -25.17 -30.36
C SER A 48 -19.62 -24.46 -30.79
N GLN A 49 -18.50 -24.89 -30.22
CA GLN A 49 -17.17 -24.28 -30.33
C GLN A 49 -17.09 -22.92 -29.68
N PHE A 50 -18.17 -22.44 -29.06
CA PHE A 50 -18.18 -21.16 -28.38
C PHE A 50 -17.40 -21.23 -27.09
N GLY A 51 -16.13 -20.87 -27.13
CA GLY A 51 -15.28 -20.92 -25.96
C GLY A 51 -13.94 -21.58 -26.24
N PHE A 52 -13.66 -21.84 -27.52
CA PHE A 52 -12.37 -22.40 -27.90
C PHE A 52 -11.23 -21.51 -27.45
N SER A 53 -11.37 -20.20 -27.65
CA SER A 53 -10.40 -19.23 -27.19
C SER A 53 -11.16 -17.97 -26.79
N LEU A 54 -10.59 -17.23 -25.84
CA LEU A 54 -11.23 -16.02 -25.37
C LEU A 54 -10.20 -15.12 -24.73
N ASP A 55 -10.57 -13.85 -24.56
CA ASP A 55 -9.67 -12.89 -23.94
C ASP A 55 -10.47 -11.71 -23.42
N PHE A 56 -9.79 -10.90 -22.61
CA PHE A 56 -10.36 -9.67 -22.07
C PHE A 56 -10.01 -8.49 -22.97
N HIS A 57 -11.02 -7.95 -23.65
CA HIS A 57 -10.87 -6.74 -24.45
C HIS A 57 -10.92 -5.55 -23.51
N LYS A 58 -9.77 -4.91 -23.34
CA LYS A 58 -9.63 -3.76 -22.45
C LYS A 58 -9.89 -2.50 -23.25
N ASP A 59 -11.04 -1.88 -23.03
CA ASP A 59 -11.38 -0.64 -23.71
C ASP A 59 -10.42 0.47 -23.31
N SER A 60 -10.13 1.36 -24.26
CA SER A 60 -9.30 2.52 -23.95
C SER A 60 -9.93 3.36 -22.85
N HIS A 61 -11.26 3.39 -22.79
CA HIS A 61 -11.95 4.12 -21.75
C HIS A 61 -11.74 3.49 -20.37
N GLY A 62 -11.18 2.29 -20.32
CA GLY A 62 -10.97 1.58 -19.07
C GLY A 62 -11.87 0.38 -18.88
N ARG A 63 -12.92 0.25 -19.69
CA ARG A 63 -13.85 -0.86 -19.57
C ARG A 63 -13.21 -2.15 -20.06
N VAL A 64 -13.80 -3.28 -19.66
CA VAL A 64 -13.35 -4.60 -20.07
C VAL A 64 -14.56 -5.42 -20.47
N ALA A 65 -14.49 -6.07 -21.63
CA ALA A 65 -15.53 -6.98 -22.09
C ALA A 65 -14.88 -8.26 -22.60
N ILE A 66 -15.60 -9.36 -22.53
CA ILE A 66 -15.02 -10.66 -22.85
C ILE A 66 -15.29 -10.97 -24.32
N VAL A 67 -14.22 -11.24 -25.08
CA VAL A 67 -14.34 -11.58 -26.48
C VAL A 67 -14.04 -13.06 -26.63
N VAL A 68 -14.97 -13.81 -27.24
CA VAL A 68 -14.90 -15.26 -27.31
C VAL A 68 -14.97 -15.67 -28.77
N GLY A 69 -14.00 -16.46 -29.23
CA GLY A 69 -14.00 -16.98 -30.58
C GLY A 69 -14.69 -18.33 -30.65
N ALA A 70 -15.68 -18.42 -31.53
CA ALA A 70 -16.41 -19.66 -31.80
C ALA A 70 -16.03 -20.14 -33.19
N PRO A 71 -14.96 -20.93 -33.32
CA PRO A 71 -14.41 -21.23 -34.64
C PRO A 71 -15.18 -22.25 -35.46
N ARG A 72 -16.41 -22.60 -35.07
CA ARG A 72 -17.20 -23.52 -35.87
C ARG A 72 -18.65 -23.05 -35.98
N THR A 73 -18.85 -21.75 -36.16
CA THR A 73 -20.19 -21.23 -36.42
C THR A 73 -20.55 -21.45 -37.88
N LEU A 74 -21.77 -21.06 -38.24
CA LEU A 74 -22.23 -21.23 -39.61
C LEU A 74 -21.44 -20.36 -40.57
N GLY A 75 -21.37 -20.80 -41.82
CA GLY A 75 -20.66 -20.08 -42.86
C GLY A 75 -21.55 -19.14 -43.63
N PRO A 76 -21.05 -18.64 -44.76
CA PRO A 76 -21.90 -17.82 -45.63
C PRO A 76 -23.16 -18.54 -46.09
N SER A 77 -23.05 -19.82 -46.42
CA SER A 77 -24.21 -20.66 -46.69
C SER A 77 -23.98 -22.01 -46.00
N GLN A 78 -24.32 -22.07 -44.71
CA GLN A 78 -24.21 -23.28 -43.91
C GLN A 78 -22.85 -23.95 -44.09
N GLU A 79 -21.80 -23.15 -44.15
CA GLU A 79 -20.47 -23.65 -44.44
C GLU A 79 -19.66 -23.78 -43.16
N GLU A 80 -18.64 -24.63 -43.21
CA GLU A 80 -17.69 -24.78 -42.12
C GLU A 80 -16.82 -23.53 -42.07
N THR A 81 -17.05 -22.68 -41.08
CA THR A 81 -16.28 -21.45 -40.91
C THR A 81 -16.06 -21.24 -39.42
N GLY A 82 -15.63 -20.03 -39.07
CA GLY A 82 -15.53 -19.65 -37.67
C GLY A 82 -16.45 -18.51 -37.31
N GLY A 83 -16.04 -17.66 -36.38
CA GLY A 83 -16.88 -16.57 -35.92
C GLY A 83 -16.59 -16.17 -34.49
N VAL A 84 -16.72 -14.88 -34.18
CA VAL A 84 -16.33 -14.34 -32.88
C VAL A 84 -17.48 -13.53 -32.31
N PHE A 85 -17.73 -13.70 -31.01
CA PHE A 85 -18.72 -12.94 -30.28
C PHE A 85 -18.05 -12.00 -29.27
N LEU A 86 -18.75 -10.91 -28.98
CA LEU A 86 -18.29 -9.89 -28.04
C LEU A 86 -19.33 -9.76 -26.94
N CYS A 87 -19.01 -10.28 -25.75
CA CYS A 87 -19.92 -10.25 -24.62
C CYS A 87 -19.55 -9.10 -23.70
N PRO A 88 -20.43 -8.14 -23.48
CA PRO A 88 -20.19 -7.16 -22.42
C PRO A 88 -20.15 -7.83 -21.07
N TRP A 89 -19.31 -7.31 -20.18
CA TRP A 89 -19.17 -7.91 -18.86
C TRP A 89 -20.45 -7.70 -18.06
N ARG A 90 -21.01 -8.80 -17.55
CA ARG A 90 -22.28 -8.78 -16.86
C ARG A 90 -22.27 -9.85 -15.78
N ALA A 91 -23.44 -10.12 -15.19
CA ALA A 91 -23.62 -11.18 -14.22
C ALA A 91 -24.62 -12.22 -14.68
N GLU A 92 -25.79 -11.80 -15.17
CA GLU A 92 -26.80 -12.76 -15.61
C GLU A 92 -26.37 -13.47 -16.89
N GLY A 93 -25.77 -12.76 -17.83
CA GLY A 93 -25.35 -13.34 -19.09
C GLY A 93 -26.48 -13.44 -20.10
N GLY A 94 -26.11 -13.84 -21.31
CA GLY A 94 -27.08 -13.99 -22.37
C GLY A 94 -26.41 -14.26 -23.70
N GLN A 95 -27.14 -13.96 -24.78
CA GLN A 95 -26.67 -14.18 -26.14
C GLN A 95 -25.88 -12.96 -26.59
N CYS A 96 -24.58 -13.13 -26.78
CA CYS A 96 -23.72 -12.00 -27.09
C CYS A 96 -23.85 -11.60 -28.56
N PRO A 97 -23.56 -10.35 -28.89
CA PRO A 97 -23.50 -9.94 -30.30
C PRO A 97 -22.27 -10.54 -30.99
N SER A 98 -22.33 -10.56 -32.32
CA SER A 98 -21.29 -11.15 -33.15
C SER A 98 -20.50 -10.05 -33.86
N LEU A 99 -19.19 -10.21 -33.88
CA LEU A 99 -18.27 -9.26 -34.51
C LEU A 99 -17.73 -9.89 -35.78
N LEU A 100 -18.18 -9.39 -36.93
CA LEU A 100 -17.78 -9.94 -38.21
C LEU A 100 -16.38 -9.47 -38.58
N PHE A 101 -15.58 -10.39 -39.12
CA PHE A 101 -14.26 -10.02 -39.63
C PHE A 101 -14.16 -10.22 -41.14
N ASP A 102 -14.31 -11.45 -41.64
CA ASP A 102 -14.31 -11.72 -43.07
C ASP A 102 -14.83 -13.11 -43.37
N LEU A 103 -15.95 -13.22 -44.09
CA LEU A 103 -16.49 -14.52 -44.51
C LEU A 103 -16.96 -14.39 -45.95
N ARG A 104 -16.06 -14.68 -46.89
CA ARG A 104 -16.35 -14.63 -48.32
C ARG A 104 -15.19 -15.26 -49.07
N ASP A 105 -15.51 -15.97 -50.14
CA ASP A 105 -14.49 -16.58 -50.99
C ASP A 105 -14.06 -15.54 -52.03
N GLU A 106 -13.01 -14.78 -51.69
CA GLU A 106 -12.52 -13.75 -52.60
C GLU A 106 -11.86 -14.38 -53.82
N THR A 107 -11.69 -13.58 -54.87
CA THR A 107 -11.07 -14.03 -56.10
C THR A 107 -10.52 -12.81 -56.83
N ARG A 108 -9.20 -12.77 -57.03
CA ARG A 108 -8.55 -11.66 -57.71
C ARG A 108 -7.70 -12.19 -58.85
N ASN A 109 -7.76 -11.50 -59.99
CA ASN A 109 -7.04 -11.88 -61.20
C ASN A 109 -5.82 -10.98 -61.35
N VAL A 110 -4.66 -11.47 -60.94
CA VAL A 110 -3.39 -10.80 -61.15
C VAL A 110 -2.74 -11.43 -62.38
N GLY A 111 -3.01 -10.85 -63.54
CA GLY A 111 -2.48 -11.42 -64.78
C GLY A 111 -2.96 -12.85 -64.95
N SER A 112 -2.00 -13.77 -65.05
CA SER A 112 -2.33 -15.18 -65.17
C SER A 112 -2.97 -15.71 -63.89
N GLN A 113 -2.47 -15.29 -62.73
CA GLN A 113 -2.84 -15.93 -61.48
C GLN A 113 -4.22 -15.46 -61.03
N THR A 114 -5.20 -16.35 -61.05
CA THR A 114 -6.53 -16.06 -60.52
C THR A 114 -6.60 -16.67 -59.13
N LEU A 115 -6.05 -15.92 -58.16
CA LEU A 115 -5.95 -16.44 -56.80
C LEU A 115 -7.27 -16.25 -56.06
N GLN A 116 -7.54 -17.14 -55.11
CA GLN A 116 -8.81 -17.14 -54.42
C GLN A 116 -8.66 -17.75 -53.03
N THR A 117 -9.58 -17.36 -52.15
CA THR A 117 -9.62 -17.83 -50.78
C THR A 117 -10.84 -18.71 -50.58
N PHE A 118 -10.73 -19.66 -49.64
CA PHE A 118 -11.81 -20.57 -49.32
C PHE A 118 -12.02 -20.54 -47.81
N LYS A 119 -13.26 -20.30 -47.39
CA LYS A 119 -13.61 -20.20 -45.98
C LYS A 119 -13.90 -21.56 -45.34
N ALA A 120 -13.78 -22.65 -46.09
CA ALA A 120 -14.14 -23.97 -45.59
C ALA A 120 -13.35 -24.35 -44.36
N ARG A 121 -14.04 -24.49 -43.23
CA ARG A 121 -13.44 -24.86 -41.95
C ARG A 121 -12.26 -23.94 -41.62
N GLN A 122 -12.47 -22.64 -41.83
CA GLN A 122 -11.41 -21.69 -41.56
C GLN A 122 -11.08 -21.63 -40.06
N GLY A 123 -12.09 -21.70 -39.22
CA GLY A 123 -11.87 -21.65 -37.79
C GLY A 123 -11.65 -20.28 -37.22
N LEU A 124 -12.42 -19.28 -37.67
CA LEU A 124 -12.32 -17.93 -37.14
C LEU A 124 -12.76 -17.89 -35.68
N GLY A 125 -11.79 -17.76 -34.78
CA GLY A 125 -12.09 -17.76 -33.37
C GLY A 125 -11.24 -18.74 -32.59
N ALA A 126 -10.40 -19.50 -33.28
CA ALA A 126 -9.50 -20.42 -32.61
C ALA A 126 -8.41 -19.72 -31.83
N SER A 127 -8.23 -18.42 -32.01
CA SER A 127 -7.26 -17.65 -31.25
C SER A 127 -7.69 -16.21 -31.23
N VAL A 128 -7.96 -15.67 -30.04
CA VAL A 128 -8.44 -14.31 -29.86
C VAL A 128 -7.54 -13.61 -28.86
N VAL A 129 -7.08 -12.41 -29.22
CA VAL A 129 -6.32 -11.58 -28.29
C VAL A 129 -6.65 -10.11 -28.55
N SER A 130 -6.71 -9.33 -27.48
CA SER A 130 -7.15 -7.94 -27.59
C SER A 130 -6.13 -7.01 -26.98
N TRP A 131 -6.08 -5.79 -27.52
CA TRP A 131 -5.13 -4.78 -27.06
C TRP A 131 -5.56 -3.42 -27.59
N SER A 132 -5.72 -2.45 -26.69
CA SER A 132 -5.97 -1.05 -27.05
C SER A 132 -7.00 -0.93 -28.17
N ASP A 133 -8.21 -1.40 -27.87
CA ASP A 133 -9.38 -1.22 -28.71
C ASP A 133 -9.35 -2.10 -29.97
N VAL A 134 -8.27 -2.84 -30.19
CA VAL A 134 -8.22 -3.74 -31.35
C VAL A 134 -8.37 -5.18 -30.87
N ILE A 135 -9.09 -5.98 -31.67
CA ILE A 135 -9.31 -7.40 -31.42
C ILE A 135 -8.71 -8.15 -32.61
N VAL A 136 -7.90 -9.17 -32.31
CA VAL A 136 -7.28 -10.00 -33.33
C VAL A 136 -7.82 -11.40 -33.13
N ALA A 137 -8.58 -11.89 -34.11
CA ALA A 137 -9.21 -13.20 -34.07
C ALA A 137 -8.80 -13.97 -35.31
N CYS A 138 -8.36 -15.21 -35.12
CA CYS A 138 -7.72 -15.95 -36.20
C CYS A 138 -8.62 -17.07 -36.72
N ALA A 139 -8.44 -17.38 -38.00
CA ALA A 139 -9.03 -18.55 -38.65
C ALA A 139 -7.86 -19.36 -39.18
N PRO A 140 -7.31 -20.27 -38.37
CA PRO A 140 -6.06 -20.94 -38.77
C PRO A 140 -6.21 -21.91 -39.92
N TRP A 141 -7.39 -22.47 -40.16
CA TRP A 141 -7.56 -23.47 -41.21
C TRP A 141 -8.31 -22.92 -42.42
N GLN A 142 -8.09 -21.64 -42.72
CA GLN A 142 -8.66 -21.06 -43.93
C GLN A 142 -7.80 -21.44 -45.13
N HIS A 143 -8.46 -21.78 -46.23
CA HIS A 143 -7.76 -22.31 -47.39
C HIS A 143 -7.53 -21.22 -48.44
N TRP A 144 -6.59 -21.47 -49.34
CA TRP A 144 -6.15 -20.45 -50.29
C TRP A 144 -5.49 -21.13 -51.47
N ASN A 145 -6.06 -20.95 -52.67
CA ASN A 145 -5.53 -21.59 -53.87
C ASN A 145 -5.32 -20.55 -54.97
N VAL A 146 -4.19 -20.64 -55.65
CA VAL A 146 -3.87 -19.74 -56.75
C VAL A 146 -3.87 -20.56 -58.04
N LEU A 147 -4.75 -20.19 -58.97
CA LEU A 147 -4.88 -20.88 -60.25
C LEU A 147 -4.03 -20.13 -61.27
N GLU A 148 -2.88 -20.70 -61.61
CA GLU A 148 -1.99 -20.11 -62.63
C GLU A 148 -2.19 -20.89 -63.91
N LYS A 149 -3.22 -20.53 -64.67
CA LYS A 149 -3.58 -21.21 -65.92
C LYS A 149 -3.90 -22.66 -65.59
N THR A 150 -3.19 -23.64 -66.14
CA THR A 150 -3.48 -25.03 -65.82
C THR A 150 -3.02 -25.41 -64.42
N GLU A 151 -1.81 -24.99 -64.05
CA GLU A 151 -1.26 -25.33 -62.75
C GLU A 151 -2.00 -24.58 -61.65
N GLU A 152 -1.84 -25.06 -60.41
CA GLU A 152 -2.52 -24.46 -59.28
C GLU A 152 -1.65 -24.60 -58.03
N ALA A 153 -1.92 -23.73 -57.06
CA ALA A 153 -1.21 -23.75 -55.79
C ALA A 153 -1.80 -24.73 -54.78
N GLU A 154 -2.88 -25.41 -55.14
CA GLU A 154 -3.58 -26.39 -54.30
C GLU A 154 -4.35 -25.67 -53.19
N LYS A 155 -5.57 -26.12 -52.93
CA LYS A 155 -6.42 -25.53 -51.89
C LYS A 155 -5.86 -25.94 -50.53
N THR A 156 -4.86 -25.21 -50.09
CA THR A 156 -4.14 -25.49 -48.86
C THR A 156 -4.53 -24.52 -47.77
N PRO A 157 -4.48 -24.95 -46.51
CA PRO A 157 -4.88 -24.09 -45.38
C PRO A 157 -3.78 -23.12 -44.94
N VAL A 158 -3.64 -22.00 -45.66
CA VAL A 158 -2.67 -21.00 -45.27
C VAL A 158 -3.05 -20.35 -43.94
N GLY A 159 -4.35 -20.30 -43.63
CA GLY A 159 -4.78 -19.68 -42.41
C GLY A 159 -4.66 -18.16 -42.43
N SER A 160 -5.35 -17.50 -41.50
CA SER A 160 -5.33 -16.04 -41.44
C SER A 160 -5.63 -15.61 -40.02
N CYS A 161 -5.41 -14.33 -39.74
CA CYS A 161 -5.89 -13.74 -38.49
C CYS A 161 -6.35 -12.32 -38.78
N PHE A 162 -7.65 -12.08 -38.60
CA PHE A 162 -8.28 -10.82 -38.94
C PHE A 162 -8.24 -9.88 -37.73
N LEU A 163 -7.88 -8.64 -37.97
CA LEU A 163 -7.81 -7.61 -36.95
C LEU A 163 -8.96 -6.63 -37.16
N ALA A 164 -9.44 -6.05 -36.06
CA ALA A 164 -10.55 -5.12 -36.17
C ALA A 164 -10.63 -4.25 -34.93
N GLN A 165 -10.85 -2.95 -35.13
CA GLN A 165 -11.17 -2.06 -34.03
C GLN A 165 -12.67 -1.88 -33.98
N PRO A 166 -13.39 -2.56 -33.08
CA PRO A 166 -14.87 -2.51 -33.13
C PRO A 166 -15.43 -1.11 -32.98
N GLU A 167 -14.80 -0.25 -32.18
CA GLU A 167 -15.27 1.13 -32.07
C GLU A 167 -15.01 1.88 -33.37
N SER A 168 -13.79 1.79 -33.88
CA SER A 168 -13.46 2.42 -35.16
C SER A 168 -14.20 1.76 -36.32
N GLY A 169 -14.32 0.44 -36.29
CA GLY A 169 -14.90 -0.32 -37.38
C GLY A 169 -13.90 -0.73 -38.44
N ARG A 170 -12.68 -0.23 -38.39
CA ARG A 170 -11.67 -0.59 -39.37
C ARG A 170 -11.25 -2.04 -39.19
N ARG A 171 -11.19 -2.77 -40.31
CA ARG A 171 -10.79 -4.18 -40.32
C ARG A 171 -9.54 -4.31 -41.18
N ALA A 172 -8.47 -4.82 -40.59
CA ALA A 172 -7.19 -5.00 -41.29
C ALA A 172 -6.77 -6.46 -41.16
N GLU A 173 -7.24 -7.29 -42.07
CA GLU A 173 -6.91 -8.71 -42.04
C GLU A 173 -5.45 -8.94 -42.35
N TYR A 174 -4.83 -9.83 -41.58
CA TYR A 174 -3.39 -10.11 -41.68
C TYR A 174 -3.22 -11.59 -41.96
N SER A 175 -2.45 -11.92 -42.99
CA SER A 175 -2.23 -13.32 -43.38
C SER A 175 -0.89 -13.42 -44.08
N PRO A 176 0.19 -13.61 -43.32
CA PRO A 176 1.52 -13.73 -43.97
C PRO A 176 1.61 -14.91 -44.91
N CYS A 177 0.92 -16.00 -44.62
CA CYS A 177 1.07 -17.24 -45.38
C CYS A 177 0.33 -17.22 -46.71
N ARG A 178 -0.60 -16.29 -46.91
CA ARG A 178 -1.18 -16.13 -48.24
C ARG A 178 -0.08 -15.81 -49.23
N GLY A 179 -0.05 -16.56 -50.33
CA GLY A 179 0.99 -16.42 -51.31
C GLY A 179 0.50 -16.83 -52.68
N ASN A 180 1.34 -16.62 -53.68
CA ASN A 180 1.02 -16.95 -55.06
C ASN A 180 2.02 -17.92 -55.69
N THR A 181 3.05 -18.34 -54.96
CA THR A 181 4.01 -19.30 -55.49
C THR A 181 3.32 -20.61 -55.79
N LEU A 182 3.34 -21.03 -57.05
CA LEU A 182 2.59 -22.20 -57.47
C LEU A 182 3.27 -23.48 -56.96
N SER A 183 2.47 -24.54 -56.87
CA SER A 183 2.90 -25.78 -56.24
C SER A 183 4.11 -26.40 -56.95
N ARG A 184 4.23 -26.18 -58.26
CA ARG A 184 5.34 -26.76 -59.00
C ARG A 184 6.68 -26.26 -58.47
N ILE A 185 6.76 -24.96 -58.15
CA ILE A 185 8.00 -24.41 -57.60
C ILE A 185 8.34 -25.07 -56.27
N TYR A 186 7.33 -25.29 -55.43
CA TYR A 186 7.55 -26.00 -54.18
C TYR A 186 8.10 -27.40 -54.44
N VAL A 187 7.47 -28.14 -55.36
CA VAL A 187 7.91 -29.50 -55.65
C VAL A 187 9.31 -29.52 -56.24
N GLU A 188 9.72 -28.46 -56.93
CA GLU A 188 10.96 -28.49 -57.71
C GLU A 188 12.18 -28.75 -56.83
N ASN A 189 12.55 -27.80 -55.97
CA ASN A 189 13.86 -27.87 -55.36
C ASN A 189 13.89 -28.80 -54.14
N ASP A 190 13.25 -28.38 -53.03
CA ASP A 190 13.21 -29.26 -51.86
C ASP A 190 11.94 -29.12 -51.03
N PHE A 191 10.87 -28.51 -51.53
CA PHE A 191 9.70 -28.18 -50.72
C PHE A 191 10.10 -27.30 -49.53
N SER A 192 10.83 -26.23 -49.85
CA SER A 192 11.41 -25.35 -48.86
C SER A 192 10.71 -24.01 -48.83
N TRP A 193 10.77 -23.34 -47.67
CA TRP A 193 10.15 -22.03 -47.45
C TRP A 193 8.65 -22.06 -47.76
N ASP A 194 8.01 -23.19 -47.52
CA ASP A 194 6.59 -23.33 -47.83
C ASP A 194 5.73 -22.67 -46.76
N LYS A 195 4.59 -22.13 -47.20
CA LYS A 195 3.58 -21.59 -46.30
C LYS A 195 2.18 -21.97 -46.73
N ARG A 196 2.02 -23.02 -47.54
CA ARG A 196 0.70 -23.39 -48.03
C ARG A 196 -0.22 -23.81 -46.90
N TYR A 197 0.30 -24.57 -45.94
CA TYR A 197 -0.50 -25.13 -44.86
C TYR A 197 0.02 -24.65 -43.51
N CYS A 198 0.56 -23.44 -43.47
CA CYS A 198 1.14 -22.91 -42.24
C CYS A 198 0.10 -22.82 -41.14
N GLU A 199 -1.13 -22.45 -41.48
CA GLU A 199 -2.20 -22.25 -40.50
C GLU A 199 -1.82 -21.17 -39.49
N ALA A 200 -1.48 -20.00 -40.02
CA ALA A 200 -1.14 -18.87 -39.17
C ALA A 200 -2.33 -18.48 -38.30
N GLY A 201 -2.04 -18.12 -37.06
CA GLY A 201 -3.09 -17.77 -36.13
C GLY A 201 -3.56 -18.90 -35.24
N PHE A 202 -2.83 -20.01 -35.17
CA PHE A 202 -3.21 -21.06 -34.23
C PHE A 202 -3.06 -20.60 -32.78
N SER A 203 -2.37 -19.49 -32.55
CA SER A 203 -2.26 -18.90 -31.22
C SER A 203 -1.92 -17.44 -31.41
N SER A 204 -2.82 -16.56 -30.99
CA SER A 204 -2.68 -15.12 -31.20
C SER A 204 -2.34 -14.44 -29.89
N VAL A 205 -1.30 -13.60 -29.92
CA VAL A 205 -0.94 -12.80 -28.75
C VAL A 205 -0.54 -11.42 -29.24
N VAL A 206 -0.56 -10.44 -28.35
CA VAL A 206 -0.18 -9.07 -28.68
C VAL A 206 0.68 -8.52 -27.54
N THR A 207 1.80 -7.89 -27.89
CA THR A 207 2.71 -7.34 -26.90
C THR A 207 2.10 -6.09 -26.27
N GLN A 208 2.85 -5.50 -25.33
CA GLN A 208 2.42 -4.26 -24.71
C GLN A 208 2.36 -3.12 -25.72
N ALA A 209 3.33 -3.06 -26.63
CA ALA A 209 3.40 -1.99 -27.62
C ALA A 209 2.36 -2.15 -28.73
N GLY A 210 1.67 -3.28 -28.81
CA GLY A 210 0.71 -3.53 -29.85
C GLY A 210 1.17 -4.46 -30.95
N GLU A 211 2.43 -4.87 -30.95
CA GLU A 211 2.91 -5.82 -31.93
C GLU A 211 2.14 -7.13 -31.83
N LEU A 212 1.55 -7.56 -32.94
CA LEU A 212 0.78 -8.79 -32.99
C LEU A 212 1.69 -9.95 -33.37
N VAL A 213 1.56 -11.06 -32.65
CA VAL A 213 2.35 -12.26 -32.85
C VAL A 213 1.40 -13.42 -33.07
N LEU A 214 1.64 -14.19 -34.14
CA LEU A 214 0.79 -15.30 -34.55
C LEU A 214 1.64 -16.54 -34.72
N GLY A 215 1.09 -17.69 -34.31
CA GLY A 215 1.75 -18.96 -34.53
C GLY A 215 1.20 -19.67 -35.76
N ALA A 216 2.05 -20.48 -36.39
CA ALA A 216 1.66 -21.26 -37.56
C ALA A 216 2.32 -22.63 -37.47
N PRO A 217 1.65 -23.61 -36.88
CA PRO A 217 2.26 -24.93 -36.69
C PRO A 217 2.65 -25.61 -37.99
N GLY A 218 1.85 -25.39 -39.04
CA GLY A 218 2.09 -26.04 -40.31
C GLY A 218 3.07 -25.36 -41.23
N GLY A 219 3.68 -24.27 -40.80
CA GLY A 219 4.62 -23.57 -41.66
C GLY A 219 5.84 -24.41 -41.95
N TYR A 220 6.45 -24.14 -43.11
CA TYR A 220 7.64 -24.87 -43.57
C TYR A 220 7.36 -26.37 -43.67
N TYR A 221 6.27 -26.70 -44.37
CA TYR A 221 5.84 -28.08 -44.58
C TYR A 221 5.56 -28.78 -43.25
N PHE A 222 4.59 -28.23 -42.52
CA PHE A 222 4.21 -28.74 -41.20
C PHE A 222 5.41 -28.80 -40.26
N LEU A 223 6.03 -27.64 -40.04
CA LEU A 223 7.17 -27.52 -39.14
C LEU A 223 7.00 -26.44 -38.10
N GLY A 224 6.36 -25.32 -38.41
CA GLY A 224 6.12 -24.28 -37.44
C GLY A 224 6.87 -22.99 -37.71
N LEU A 225 6.13 -21.89 -37.81
CA LEU A 225 6.72 -20.56 -37.99
C LEU A 225 5.93 -19.57 -37.16
N LEU A 226 6.44 -18.34 -37.08
CA LEU A 226 5.82 -17.28 -36.31
C LEU A 226 5.72 -16.04 -37.18
N ALA A 227 4.75 -15.19 -36.88
CA ALA A 227 4.55 -13.93 -37.58
C ALA A 227 4.48 -12.81 -36.55
N GLN A 228 5.16 -11.70 -36.85
CA GLN A 228 5.09 -10.50 -36.02
C GLN A 228 4.84 -9.30 -36.92
N ALA A 229 3.88 -8.47 -36.51
CA ALA A 229 3.57 -7.27 -37.28
C ALA A 229 2.84 -6.27 -36.40
N PRO A 230 3.20 -4.98 -36.48
CA PRO A 230 2.47 -3.98 -35.67
C PRO A 230 1.04 -3.84 -36.13
N VAL A 231 0.12 -3.82 -35.16
CA VAL A 231 -1.29 -3.66 -35.50
C VAL A 231 -1.50 -2.33 -36.20
N ALA A 232 -0.78 -1.29 -35.78
CA ALA A 232 -0.80 -0.03 -36.50
C ALA A 232 -0.30 -0.21 -37.93
N ASP A 233 0.82 -0.91 -38.09
CA ASP A 233 1.34 -1.17 -39.43
C ASP A 233 0.39 -2.06 -40.23
N ILE A 234 -0.23 -3.04 -39.57
CA ILE A 234 -1.19 -3.90 -40.25
C ILE A 234 -2.35 -3.09 -40.79
N PHE A 235 -2.86 -2.16 -39.98
CA PHE A 235 -3.94 -1.30 -40.44
C PHE A 235 -3.48 -0.33 -41.53
N SER A 236 -2.23 0.12 -41.46
CA SER A 236 -1.73 1.05 -42.47
C SER A 236 -1.59 0.36 -43.83
N SER A 237 -1.01 -0.84 -43.84
CA SER A 237 -0.67 -1.50 -45.10
C SER A 237 -1.83 -2.28 -45.71
N TYR A 238 -2.90 -2.54 -44.96
CA TYR A 238 -4.00 -3.33 -45.48
C TYR A 238 -4.79 -2.54 -46.52
N ARG A 239 -5.18 -3.22 -47.59
CA ARG A 239 -6.04 -2.64 -48.63
C ARG A 239 -7.15 -3.62 -48.94
N PRO A 240 -8.41 -3.18 -48.95
CA PRO A 240 -9.51 -4.11 -49.29
C PRO A 240 -9.41 -4.59 -50.72
N GLY A 241 -9.88 -5.81 -50.95
CA GLY A 241 -9.91 -6.37 -52.28
C GLY A 241 -8.66 -7.15 -52.64
N ILE A 242 -7.51 -6.47 -52.66
CA ILE A 242 -6.25 -7.15 -52.96
C ILE A 242 -5.98 -8.21 -51.92
N LEU A 243 -5.42 -9.34 -52.36
CA LEU A 243 -5.19 -10.49 -51.50
C LEU A 243 -3.72 -10.78 -51.28
N LEU A 244 -2.87 -9.76 -51.41
CA LEU A 244 -1.44 -9.92 -51.19
C LEU A 244 -0.84 -8.59 -50.74
N TRP A 245 0.16 -8.67 -49.87
CA TRP A 245 0.90 -7.51 -49.41
C TRP A 245 2.17 -8.00 -48.72
N HIS A 246 2.91 -7.07 -48.12
CA HIS A 246 4.10 -7.42 -47.35
C HIS A 246 4.07 -6.76 -45.99
N VAL A 247 3.35 -5.65 -45.87
CA VAL A 247 3.11 -4.95 -44.62
C VAL A 247 4.43 -4.63 -43.92
N SER A 248 5.19 -3.70 -44.49
CA SER A 248 6.42 -3.14 -43.91
C SER A 248 7.37 -4.30 -43.58
N SER A 249 8.07 -4.25 -42.47
CA SER A 249 9.02 -5.29 -42.07
C SER A 249 8.38 -6.26 -41.07
N GLN A 250 7.36 -6.98 -41.54
CA GLN A 250 6.78 -8.03 -40.73
C GLN A 250 7.83 -9.12 -40.51
N SER A 251 7.92 -9.59 -39.27
CA SER A 251 8.96 -10.54 -38.89
C SER A 251 8.39 -11.95 -38.88
N LEU A 252 8.91 -12.79 -39.77
CA LEU A 252 8.54 -14.20 -39.83
C LEU A 252 9.67 -15.06 -39.29
N SER A 253 9.30 -16.22 -38.77
CA SER A 253 10.29 -17.13 -38.21
C SER A 253 11.20 -17.68 -39.30
N PHE A 254 12.35 -18.21 -38.87
CA PHE A 254 13.32 -18.77 -39.79
C PHE A 254 13.00 -20.23 -40.09
N ASP A 255 13.01 -20.58 -41.37
CA ASP A 255 12.83 -21.97 -41.75
C ASP A 255 14.01 -22.81 -41.27
N SER A 256 13.71 -24.01 -40.78
CA SER A 256 14.71 -24.88 -40.18
C SER A 256 14.72 -26.23 -40.90
N SER A 257 15.92 -26.78 -41.06
CA SER A 257 16.11 -28.12 -41.59
C SER A 257 16.51 -29.12 -40.53
N ASN A 258 16.49 -28.72 -39.26
CA ASN A 258 16.87 -29.62 -38.19
C ASN A 258 15.83 -30.73 -38.04
N PRO A 259 16.24 -32.00 -37.97
CA PRO A 259 15.25 -33.08 -37.89
C PRO A 259 14.32 -32.98 -36.70
N GLU A 260 14.82 -32.50 -35.56
CA GLU A 260 13.98 -32.40 -34.37
C GLU A 260 12.79 -31.48 -34.58
N TYR A 261 12.94 -30.48 -35.45
CA TYR A 261 11.86 -29.53 -35.71
C TYR A 261 10.80 -30.08 -36.64
N PHE A 262 11.06 -31.19 -37.33
CA PHE A 262 10.09 -31.74 -38.26
C PHE A 262 8.81 -32.11 -37.51
N ASP A 263 7.69 -31.56 -37.99
CA ASP A 263 6.41 -31.64 -37.27
C ASP A 263 6.57 -31.14 -35.84
N GLY A 264 7.37 -30.07 -35.67
CA GLY A 264 7.53 -29.47 -34.37
C GLY A 264 6.26 -28.83 -33.84
N TYR A 265 5.38 -28.37 -34.71
CA TYR A 265 4.15 -27.69 -34.33
C TYR A 265 4.44 -26.47 -33.45
N TRP A 266 5.41 -25.67 -33.90
CA TRP A 266 5.71 -24.42 -33.23
C TRP A 266 4.50 -23.48 -33.31
N GLY A 267 4.45 -22.52 -32.39
CA GLY A 267 3.35 -21.59 -32.37
C GLY A 267 2.00 -22.21 -32.03
N TYR A 268 2.00 -23.41 -31.45
CA TYR A 268 0.75 -24.01 -30.99
C TYR A 268 0.10 -23.16 -29.92
N SER A 269 0.89 -22.67 -28.97
CA SER A 269 0.43 -21.74 -27.95
C SER A 269 1.49 -20.66 -27.77
N VAL A 270 1.05 -19.41 -27.64
CA VAL A 270 1.98 -18.29 -27.53
C VAL A 270 1.54 -17.38 -26.37
N ALA A 271 2.51 -16.65 -25.84
CA ALA A 271 2.25 -15.66 -24.79
C ALA A 271 3.35 -14.61 -24.86
N VAL A 272 3.12 -13.47 -24.19
CA VAL A 272 4.06 -12.36 -24.18
C VAL A 272 4.47 -12.08 -22.74
N GLY A 273 5.77 -11.90 -22.53
CA GLY A 273 6.29 -11.58 -21.21
C GLY A 273 7.74 -11.14 -21.30
N GLU A 274 8.20 -10.53 -20.22
CA GLU A 274 9.56 -10.02 -20.13
C GLU A 274 10.44 -11.05 -19.44
N PHE A 275 11.49 -11.49 -20.12
CA PHE A 275 12.37 -12.53 -19.58
C PHE A 275 13.86 -12.25 -19.72
N ASP A 276 14.28 -11.40 -20.66
CA ASP A 276 15.70 -11.17 -20.87
C ASP A 276 16.26 -10.26 -19.79
N GLY A 277 17.56 -9.95 -19.88
CA GLY A 277 18.17 -9.05 -18.93
C GLY A 277 17.84 -7.59 -19.16
N ASP A 278 17.21 -7.28 -20.29
CA ASP A 278 16.85 -5.91 -20.64
C ASP A 278 15.34 -5.74 -20.60
N LEU A 279 14.91 -4.56 -20.16
CA LEU A 279 13.49 -4.21 -20.15
C LEU A 279 13.14 -3.53 -21.48
N ASN A 280 11.95 -2.95 -21.56
CA ASN A 280 11.50 -2.18 -22.72
C ASN A 280 11.38 -3.05 -23.96
N THR A 281 11.57 -4.35 -23.82
CA THR A 281 11.41 -5.30 -24.91
C THR A 281 10.49 -6.43 -24.45
N THR A 282 9.63 -6.88 -25.35
CA THR A 282 8.64 -7.92 -25.06
C THR A 282 9.09 -9.22 -25.69
N GLU A 283 9.16 -10.29 -24.89
CA GLU A 283 9.49 -11.60 -25.40
C GLU A 283 8.22 -12.40 -25.67
N TYR A 284 8.31 -13.32 -26.63
CA TYR A 284 7.25 -14.24 -26.96
C TYR A 284 7.65 -15.64 -26.53
N VAL A 285 6.79 -16.30 -25.77
CA VAL A 285 6.98 -17.68 -25.36
C VAL A 285 6.07 -18.53 -26.24
N VAL A 286 6.65 -19.53 -26.88
CA VAL A 286 5.95 -20.37 -27.84
C VAL A 286 6.10 -21.83 -27.43
N GLY A 287 5.04 -22.61 -27.63
CA GLY A 287 5.03 -24.01 -27.25
C GLY A 287 4.92 -24.91 -28.47
N ALA A 288 5.77 -25.94 -28.48
CA ALA A 288 5.77 -26.95 -29.54
C ALA A 288 5.43 -28.29 -28.90
N PRO A 289 4.16 -28.69 -28.89
CA PRO A 289 3.76 -29.90 -28.17
C PRO A 289 4.23 -31.19 -28.83
N THR A 290 4.76 -31.12 -30.05
CA THR A 290 5.22 -32.30 -30.78
C THR A 290 6.69 -32.17 -31.15
N TRP A 291 7.41 -31.27 -30.48
CA TRP A 291 8.81 -31.05 -30.79
C TRP A 291 9.64 -32.29 -30.51
N SER A 292 10.55 -32.61 -31.43
CA SER A 292 11.47 -33.74 -31.31
C SER A 292 10.70 -35.05 -31.08
N TRP A 293 9.90 -35.41 -32.08
CA TRP A 293 9.15 -36.67 -32.08
C TRP A 293 8.23 -36.76 -30.85
N THR A 294 7.28 -35.82 -30.79
CA THR A 294 6.25 -35.73 -29.77
C THR A 294 6.80 -35.50 -28.37
N LEU A 295 8.10 -35.22 -28.24
CA LEU A 295 8.66 -34.95 -26.92
C LEU A 295 8.11 -33.64 -26.34
N GLY A 296 8.16 -32.56 -27.12
CA GLY A 296 7.64 -31.28 -26.69
C GLY A 296 8.71 -30.31 -26.24
N ALA A 297 8.45 -29.01 -26.40
CA ALA A 297 9.39 -27.98 -25.98
C ALA A 297 8.66 -26.66 -25.82
N VAL A 298 9.33 -25.72 -25.16
CA VAL A 298 8.87 -24.35 -25.04
C VAL A 298 10.07 -23.43 -25.24
N GLU A 299 9.84 -22.30 -25.89
CA GLU A 299 10.93 -21.43 -26.30
C GLU A 299 10.60 -19.98 -25.98
N ILE A 300 11.64 -19.23 -25.63
CA ILE A 300 11.56 -17.80 -25.39
C ILE A 300 12.27 -17.10 -26.54
N LEU A 301 11.57 -16.17 -27.17
CA LEU A 301 12.07 -15.48 -28.36
C LEU A 301 11.98 -13.97 -28.14
N ASP A 302 12.93 -13.25 -28.70
CA ASP A 302 12.81 -11.80 -28.80
C ASP A 302 12.11 -11.46 -30.12
N SER A 303 12.01 -10.17 -30.45
CA SER A 303 11.41 -9.80 -31.72
C SER A 303 12.27 -10.25 -32.90
N TYR A 304 13.56 -10.46 -32.66
CA TYR A 304 14.48 -10.95 -33.69
C TYR A 304 14.53 -12.47 -33.76
N TYR A 305 13.78 -13.17 -32.89
CA TYR A 305 13.72 -14.63 -32.88
C TYR A 305 15.11 -15.24 -32.75
N GLN A 306 15.79 -14.88 -31.66
CA GLN A 306 17.12 -15.39 -31.40
C GLN A 306 17.15 -16.65 -30.56
N ARG A 307 16.00 -17.08 -30.04
CA ARG A 307 15.90 -18.28 -29.20
C ARG A 307 16.85 -18.19 -28.01
N LEU A 308 16.57 -17.22 -27.15
CA LEU A 308 17.40 -17.01 -25.97
C LEU A 308 17.38 -18.22 -25.04
N HIS A 309 16.20 -18.82 -24.84
CA HIS A 309 16.08 -19.98 -23.98
C HIS A 309 15.11 -20.98 -24.59
N ARG A 310 15.36 -22.27 -24.37
CA ARG A 310 14.44 -23.32 -24.78
C ARG A 310 14.52 -24.46 -23.78
N LEU A 311 13.36 -24.85 -23.25
CA LEU A 311 13.25 -25.94 -22.29
C LEU A 311 12.36 -27.02 -22.88
N ARG A 312 12.89 -28.23 -22.99
CA ARG A 312 12.13 -29.34 -23.56
C ARG A 312 11.26 -29.99 -22.49
N GLY A 313 10.45 -30.95 -22.92
CA GLY A 313 9.66 -31.75 -22.02
C GLY A 313 10.45 -32.90 -21.42
N GLU A 314 9.73 -33.76 -20.71
CA GLU A 314 10.34 -34.94 -20.10
C GLU A 314 9.72 -36.25 -20.54
N GLN A 315 8.42 -36.28 -20.82
CA GLN A 315 7.72 -37.50 -21.21
C GLN A 315 7.26 -37.38 -22.65
N MET A 316 7.58 -38.40 -23.45
CA MET A 316 7.15 -38.43 -24.84
C MET A 316 5.62 -38.52 -24.93
N ALA A 317 5.08 -37.90 -25.97
CA ALA A 317 3.64 -37.89 -26.24
C ALA A 317 2.83 -37.26 -25.12
N SER A 318 3.48 -36.54 -24.21
CA SER A 318 2.80 -35.88 -23.11
C SER A 318 2.31 -34.49 -23.47
N TYR A 319 2.66 -33.98 -24.65
CA TYR A 319 2.20 -32.67 -25.15
C TYR A 319 2.69 -31.54 -24.24
N PHE A 320 4.00 -31.50 -24.05
CA PHE A 320 4.62 -30.41 -23.28
C PHE A 320 4.60 -29.14 -24.10
N GLY A 321 3.77 -28.19 -23.70
CA GLY A 321 3.64 -26.93 -24.40
C GLY A 321 2.27 -26.67 -25.01
N HIS A 322 1.25 -27.44 -24.65
CA HIS A 322 -0.08 -27.23 -25.20
C HIS A 322 -0.61 -25.85 -24.84
N SER A 323 -0.42 -25.42 -23.60
CA SER A 323 -0.80 -24.09 -23.15
C SER A 323 0.33 -23.52 -22.32
N VAL A 324 0.72 -22.28 -22.62
CA VAL A 324 1.86 -21.64 -21.97
C VAL A 324 1.41 -20.31 -21.40
N ALA A 325 1.84 -20.01 -20.17
CA ALA A 325 1.44 -18.79 -19.48
C ALA A 325 2.66 -18.09 -18.90
N VAL A 326 2.57 -16.77 -18.78
CA VAL A 326 3.65 -15.94 -18.28
C VAL A 326 3.09 -15.04 -17.19
N THR A 327 3.65 -15.15 -15.99
CA THR A 327 3.32 -14.26 -14.87
C THR A 327 4.34 -14.47 -13.76
N ASP A 328 4.50 -13.45 -12.94
CA ASP A 328 5.43 -13.48 -11.80
C ASP A 328 4.61 -13.73 -10.54
N VAL A 329 4.33 -15.00 -10.27
CA VAL A 329 3.57 -15.37 -9.09
C VAL A 329 4.39 -15.25 -7.82
N ASN A 330 5.72 -15.31 -7.94
CA ASN A 330 6.58 -15.19 -6.77
C ASN A 330 6.56 -13.79 -6.18
N GLY A 331 6.15 -12.78 -6.94
CA GLY A 331 6.18 -11.41 -6.48
C GLY A 331 7.52 -10.72 -6.63
N ASP A 332 8.53 -11.40 -7.15
CA ASP A 332 9.85 -10.81 -7.33
C ASP A 332 9.90 -9.79 -8.46
N GLY A 333 8.85 -9.68 -9.25
CA GLY A 333 8.84 -8.79 -10.40
C GLY A 333 9.17 -9.45 -11.73
N ARG A 334 10.29 -10.18 -11.78
CA ARG A 334 10.67 -10.87 -13.00
C ARG A 334 9.65 -11.95 -13.34
N HIS A 335 9.22 -11.97 -14.61
CA HIS A 335 8.15 -12.86 -15.03
C HIS A 335 8.58 -14.32 -14.94
N ASP A 336 7.61 -15.19 -14.69
CA ASP A 336 7.83 -16.61 -14.51
C ASP A 336 7.00 -17.39 -15.51
N LEU A 337 7.42 -18.62 -15.79
CA LEU A 337 6.89 -19.41 -16.90
C LEU A 337 6.09 -20.59 -16.38
N LEU A 338 4.95 -20.85 -17.02
CA LEU A 338 4.13 -22.03 -16.72
C LEU A 338 3.87 -22.77 -18.02
N VAL A 339 4.15 -24.07 -18.03
CA VAL A 339 4.00 -24.90 -19.22
C VAL A 339 3.02 -26.01 -18.93
N GLY A 340 2.08 -26.24 -19.84
CA GLY A 340 1.04 -27.24 -19.67
C GLY A 340 1.33 -28.47 -20.52
N ALA A 341 1.12 -29.65 -19.92
CA ALA A 341 1.25 -30.93 -20.60
C ALA A 341 0.02 -31.77 -20.26
N PRO A 342 -1.11 -31.49 -20.90
CA PRO A 342 -2.35 -32.22 -20.58
C PRO A 342 -2.28 -33.72 -20.81
N LEU A 343 -1.40 -34.18 -21.71
CA LEU A 343 -1.29 -35.59 -22.01
C LEU A 343 -0.18 -36.28 -21.23
N TYR A 344 0.20 -35.73 -20.09
CA TYR A 344 1.19 -36.38 -19.25
C TYR A 344 0.65 -37.70 -18.71
N MET A 345 1.52 -38.69 -18.61
CA MET A 345 1.17 -40.00 -18.08
C MET A 345 1.88 -40.16 -16.73
N GLU A 346 1.15 -39.85 -15.66
CA GLU A 346 1.74 -39.90 -14.33
C GLU A 346 2.07 -41.35 -13.93
N SER A 347 3.16 -41.50 -13.19
CA SER A 347 3.59 -42.81 -12.71
C SER A 347 2.81 -43.17 -11.45
N ARG A 348 1.50 -43.31 -11.62
CA ARG A 348 0.60 -43.62 -10.51
C ARG A 348 0.87 -45.00 -9.93
N LEU A 353 1.56 -45.18 -14.94
CA LEU A 353 1.26 -44.74 -16.29
C LEU A 353 -0.21 -44.38 -16.45
N ALA A 354 -0.67 -43.42 -15.67
CA ALA A 354 -2.03 -42.91 -15.76
C ALA A 354 -2.03 -41.58 -16.51
N GLU A 355 -2.84 -41.48 -17.55
CA GLU A 355 -2.83 -40.29 -18.39
C GLU A 355 -3.47 -39.11 -17.68
N VAL A 356 -2.66 -38.37 -16.93
CA VAL A 356 -3.12 -37.17 -16.23
C VAL A 356 -2.11 -36.06 -16.48
N GLY A 357 -2.59 -34.91 -16.90
CA GLY A 357 -1.71 -33.83 -17.31
C GLY A 357 -0.91 -33.25 -16.14
N ARG A 358 -0.03 -32.31 -16.49
CA ARG A 358 0.88 -31.75 -15.50
C ARG A 358 1.34 -30.38 -15.95
N VAL A 359 1.42 -29.45 -15.00
CA VAL A 359 1.90 -28.10 -15.23
C VAL A 359 3.28 -27.96 -14.59
N TYR A 360 4.24 -27.55 -15.39
CA TYR A 360 5.60 -27.29 -14.95
C TYR A 360 5.75 -25.81 -14.68
N LEU A 361 6.32 -25.48 -13.52
CA LEU A 361 6.50 -24.09 -13.09
C LEU A 361 7.98 -23.75 -13.11
N PHE A 362 8.28 -22.52 -13.53
CA PHE A 362 9.66 -22.04 -13.64
C PHE A 362 9.70 -20.61 -13.11
N LEU A 363 10.15 -20.45 -11.88
CA LEU A 363 10.43 -19.12 -11.36
C LEU A 363 11.69 -18.57 -12.02
N GLN A 364 11.76 -17.24 -12.13
CA GLN A 364 12.89 -16.62 -12.80
C GLN A 364 14.01 -16.35 -11.81
N PRO A 365 15.11 -17.09 -11.89
CA PRO A 365 16.23 -16.88 -10.96
C PRO A 365 17.21 -15.83 -11.47
N ARG A 366 18.30 -15.62 -10.74
CA ARG A 366 19.31 -14.65 -11.11
C ARG A 366 20.63 -15.32 -11.49
N GLY A 367 20.56 -16.51 -12.06
CA GLY A 367 21.74 -17.25 -12.45
C GLY A 367 22.20 -16.89 -13.85
N PRO A 368 23.39 -17.37 -14.21
CA PRO A 368 23.93 -17.09 -15.55
C PRO A 368 23.14 -17.78 -16.64
N HIS A 369 22.91 -19.08 -16.51
CA HIS A 369 22.08 -19.86 -17.43
C HIS A 369 20.97 -20.56 -16.66
N ALA A 370 20.33 -19.83 -15.75
CA ALA A 370 19.30 -20.39 -14.89
C ALA A 370 17.98 -20.48 -15.66
N LEU A 371 16.88 -20.70 -14.93
CA LEU A 371 15.51 -20.86 -15.39
C LEU A 371 15.27 -22.24 -15.99
N GLY A 372 16.32 -23.06 -16.16
CA GLY A 372 16.13 -24.36 -16.80
C GLY A 372 15.39 -25.35 -15.92
N ALA A 373 15.76 -25.44 -14.65
CA ALA A 373 15.22 -26.47 -13.77
C ALA A 373 13.82 -26.08 -13.30
N PRO A 374 12.82 -26.95 -13.47
CA PRO A 374 11.49 -26.66 -12.94
C PRO A 374 11.48 -26.71 -11.41
N SER A 375 10.52 -25.99 -10.83
CA SER A 375 10.39 -25.89 -9.39
C SER A 375 9.15 -26.61 -8.87
N LEU A 376 7.97 -26.29 -9.41
CA LEU A 376 6.73 -26.92 -8.98
C LEU A 376 6.15 -27.73 -10.13
N LEU A 377 5.81 -28.99 -9.87
CA LEU A 377 5.21 -29.89 -10.85
C LEU A 377 3.82 -30.25 -10.36
N LEU A 378 2.83 -29.49 -10.81
CA LEU A 378 1.46 -29.72 -10.40
C LEU A 378 0.83 -30.81 -11.27
N THR A 379 0.15 -31.76 -10.63
CA THR A 379 -0.45 -32.88 -11.34
C THR A 379 -1.86 -33.10 -10.84
N GLY A 380 -2.77 -33.40 -11.77
CA GLY A 380 -4.16 -33.64 -11.42
C GLY A 380 -4.39 -35.03 -10.89
N THR A 381 -5.66 -35.33 -10.59
CA THR A 381 -6.05 -36.60 -10.00
C THR A 381 -6.91 -37.44 -10.94
N GLN A 382 -8.01 -36.87 -11.45
CA GLN A 382 -8.93 -37.61 -12.31
C GLN A 382 -8.21 -38.11 -13.55
N LEU A 383 -8.42 -39.39 -13.88
CA LEU A 383 -7.78 -39.99 -15.04
C LEU A 383 -8.31 -39.34 -16.32
N TYR A 384 -7.42 -39.15 -17.29
CA TYR A 384 -7.74 -38.51 -18.56
C TYR A 384 -8.24 -37.08 -18.35
N GLY A 385 -7.79 -36.44 -17.27
CA GLY A 385 -8.24 -35.09 -16.96
C GLY A 385 -7.64 -34.01 -17.83
N ARG A 386 -6.47 -34.28 -18.42
CA ARG A 386 -5.75 -33.30 -19.22
C ARG A 386 -5.41 -32.05 -18.40
N PHE A 387 -4.69 -32.27 -17.31
CA PHE A 387 -4.33 -31.19 -16.40
C PHE A 387 -3.25 -30.32 -17.03
N GLY A 388 -3.62 -29.15 -17.50
CA GLY A 388 -2.66 -28.24 -18.09
C GLY A 388 -3.02 -27.76 -19.48
N SER A 389 -4.29 -27.90 -19.85
CA SER A 389 -4.75 -27.41 -21.14
C SER A 389 -5.04 -25.92 -21.14
N ALA A 390 -5.02 -25.28 -19.97
CA ALA A 390 -5.29 -23.84 -19.89
C ALA A 390 -4.63 -23.34 -18.60
N ILE A 391 -3.56 -22.57 -18.76
CA ILE A 391 -2.91 -21.89 -17.66
C ILE A 391 -3.20 -20.40 -17.80
N ALA A 392 -3.97 -19.85 -16.87
CA ALA A 392 -4.33 -18.44 -16.91
C ALA A 392 -3.59 -17.69 -15.81
N PRO A 393 -2.72 -16.74 -16.16
CA PRO A 393 -2.21 -15.81 -15.14
C PRO A 393 -3.35 -15.04 -14.53
N LEU A 394 -3.25 -14.79 -13.22
CA LEU A 394 -4.31 -14.11 -12.49
C LEU A 394 -3.85 -12.85 -11.78
N GLY A 395 -2.56 -12.63 -11.62
CA GLY A 395 -2.12 -11.47 -10.86
C GLY A 395 -2.46 -11.66 -9.39
N ASP A 396 -2.54 -10.52 -8.67
CA ASP A 396 -2.86 -10.57 -7.22
C ASP A 396 -4.35 -10.89 -7.06
N LEU A 397 -4.73 -12.16 -7.26
CA LEU A 397 -6.17 -12.55 -7.21
C LEU A 397 -6.76 -12.17 -5.84
N ASP A 398 -6.00 -12.35 -4.76
CA ASP A 398 -6.55 -12.09 -3.39
C ASP A 398 -5.77 -10.97 -2.71
N ARG A 399 -5.38 -9.94 -3.47
CA ARG A 399 -4.59 -8.81 -2.90
C ARG A 399 -3.55 -9.38 -1.92
N ASP A 400 -2.93 -10.51 -2.27
CA ASP A 400 -1.96 -11.13 -1.37
C ASP A 400 -0.55 -10.59 -1.55
N GLY A 401 -0.34 -9.67 -2.48
CA GLY A 401 0.98 -9.16 -2.77
C GLY A 401 1.76 -9.95 -3.78
N TYR A 402 1.22 -11.05 -4.29
CA TYR A 402 1.89 -11.86 -5.30
C TYR A 402 0.88 -12.30 -6.34
N ASN A 403 1.36 -12.53 -7.56
CA ASN A 403 0.49 -12.97 -8.63
C ASN A 403 0.04 -14.41 -8.40
N ASP A 404 -1.02 -14.79 -9.10
CA ASP A 404 -1.64 -16.10 -8.93
C ASP A 404 -1.96 -16.67 -10.30
N ILE A 405 -2.26 -17.97 -10.33
CA ILE A 405 -2.55 -18.67 -11.58
C ILE A 405 -3.78 -19.56 -11.41
N ALA A 406 -4.34 -19.96 -12.54
CA ALA A 406 -5.44 -20.93 -12.56
C ALA A 406 -5.16 -21.93 -13.65
N VAL A 407 -4.95 -23.20 -13.28
CA VAL A 407 -4.75 -24.28 -14.23
C VAL A 407 -6.11 -24.96 -14.46
N ALA A 408 -6.30 -25.54 -15.63
CA ALA A 408 -7.55 -26.25 -15.90
C ALA A 408 -7.30 -27.63 -16.45
N ALA A 409 -8.09 -28.61 -15.97
CA ALA A 409 -8.12 -29.94 -16.54
C ALA A 409 -9.49 -30.14 -17.18
N PRO A 410 -9.59 -30.05 -18.50
CA PRO A 410 -10.93 -30.03 -19.13
C PRO A 410 -11.74 -31.29 -18.91
N TYR A 411 -11.10 -32.42 -18.61
CA TYR A 411 -11.83 -33.67 -18.37
C TYR A 411 -11.54 -34.25 -16.99
N GLY A 412 -11.13 -33.41 -16.04
CA GLY A 412 -10.91 -33.84 -14.68
C GLY A 412 -12.18 -33.82 -13.87
N GLY A 413 -12.02 -33.92 -12.56
CA GLY A 413 -13.13 -33.85 -11.64
C GLY A 413 -13.60 -35.20 -11.17
N PRO A 414 -14.76 -35.23 -10.51
CA PRO A 414 -15.29 -36.51 -10.03
C PRO A 414 -15.66 -37.46 -11.17
N SER A 415 -16.43 -36.95 -12.14
CA SER A 415 -16.93 -37.75 -13.24
C SER A 415 -16.40 -37.25 -14.59
N GLY A 416 -15.18 -36.73 -14.62
CA GLY A 416 -14.59 -36.29 -15.87
C GLY A 416 -15.17 -35.04 -16.45
N ARG A 417 -15.97 -34.28 -15.69
CA ARG A 417 -16.56 -33.06 -16.21
C ARG A 417 -15.49 -32.03 -16.56
N GLY A 418 -14.47 -31.90 -15.73
CA GLY A 418 -13.46 -30.88 -15.91
C GLY A 418 -13.41 -29.94 -14.72
N GLN A 419 -12.21 -29.60 -14.27
CA GLN A 419 -12.09 -28.77 -13.07
C GLN A 419 -10.95 -27.78 -13.20
N VAL A 420 -11.17 -26.59 -12.67
CA VAL A 420 -10.15 -25.54 -12.61
C VAL A 420 -9.54 -25.55 -11.22
N LEU A 421 -8.22 -25.52 -11.15
CA LEU A 421 -7.47 -25.56 -9.90
C LEU A 421 -6.79 -24.20 -9.76
N VAL A 422 -7.20 -23.45 -8.75
CA VAL A 422 -6.62 -22.13 -8.52
C VAL A 422 -5.39 -22.29 -7.62
N PHE A 423 -4.25 -21.75 -8.06
CA PHE A 423 -3.02 -21.83 -7.29
C PHE A 423 -2.51 -20.43 -7.02
N LEU A 424 -2.36 -20.10 -5.74
CA LEU A 424 -1.95 -18.77 -5.32
C LEU A 424 -0.44 -18.62 -5.41
N GLY A 425 0.01 -17.36 -5.35
CA GLY A 425 1.42 -17.06 -5.36
C GLY A 425 2.12 -17.55 -4.11
N GLN A 426 1.70 -17.06 -2.94
CA GLN A 426 2.19 -17.47 -1.64
C GLN A 426 3.66 -17.14 -1.45
N SER A 427 4.31 -16.51 -2.43
CA SER A 427 5.74 -16.22 -2.44
C SER A 427 6.56 -17.52 -2.35
N GLU A 428 7.88 -17.40 -2.54
CA GLU A 428 8.79 -18.53 -2.43
C GLU A 428 8.32 -19.71 -3.28
N GLY A 429 7.76 -19.40 -4.44
CA GLY A 429 7.19 -20.42 -5.30
C GLY A 429 5.71 -20.22 -5.57
N LEU A 430 4.96 -21.32 -5.62
CA LEU A 430 3.53 -21.28 -5.89
C LEU A 430 2.82 -22.20 -4.91
N ARG A 431 1.53 -21.94 -4.71
CA ARG A 431 0.72 -22.74 -3.81
C ARG A 431 0.60 -24.16 -4.38
N SER A 432 1.28 -25.11 -3.76
CA SER A 432 1.28 -26.49 -4.28
C SER A 432 -0.11 -27.09 -4.24
N ARG A 433 -0.84 -26.85 -3.16
CA ARG A 433 -2.21 -27.36 -3.09
C ARG A 433 -3.17 -26.45 -3.84
N PRO A 434 -4.27 -26.99 -4.35
CA PRO A 434 -5.29 -26.13 -4.94
C PRO A 434 -6.00 -25.29 -3.88
N SER A 435 -5.75 -23.98 -3.88
CA SER A 435 -6.45 -23.11 -2.95
C SER A 435 -7.95 -23.16 -3.16
N GLN A 436 -8.39 -23.45 -4.38
CA GLN A 436 -9.80 -23.68 -4.67
C GLN A 436 -9.91 -24.58 -5.88
N VAL A 437 -10.99 -25.34 -5.92
CA VAL A 437 -11.29 -26.25 -7.02
C VAL A 437 -12.67 -25.88 -7.56
N LEU A 438 -12.71 -25.40 -8.80
CA LEU A 438 -13.93 -24.99 -9.48
C LEU A 438 -14.41 -26.16 -10.33
N ASP A 439 -15.62 -26.63 -10.06
CA ASP A 439 -16.16 -27.80 -10.73
C ASP A 439 -16.98 -27.40 -11.94
N SER A 440 -16.91 -28.22 -12.99
CA SER A 440 -17.69 -27.96 -14.18
C SER A 440 -19.18 -28.13 -13.88
N PRO A 441 -20.00 -27.13 -14.17
CA PRO A 441 -21.47 -27.32 -14.15
C PRO A 441 -22.05 -27.84 -15.45
N PHE A 442 -21.20 -28.30 -16.38
CA PHE A 442 -21.56 -28.77 -17.70
C PHE A 442 -21.46 -30.30 -17.78
N PRO A 443 -22.23 -30.93 -18.67
CA PRO A 443 -22.17 -32.38 -18.80
C PRO A 443 -20.79 -32.86 -19.24
N THR A 444 -20.63 -34.17 -19.23
CA THR A 444 -19.36 -34.78 -19.61
C THR A 444 -19.03 -34.47 -21.07
N GLY A 445 -17.74 -34.31 -21.34
CA GLY A 445 -17.24 -34.05 -22.67
C GLY A 445 -17.23 -32.59 -23.08
N SER A 446 -17.75 -31.69 -22.25
CA SER A 446 -17.70 -30.27 -22.57
C SER A 446 -16.30 -29.69 -22.50
N ALA A 447 -15.34 -30.44 -21.94
CA ALA A 447 -13.95 -30.02 -21.83
C ALA A 447 -13.82 -28.70 -21.07
N PHE A 448 -14.64 -28.51 -20.05
CA PHE A 448 -14.65 -27.29 -19.24
C PHE A 448 -13.25 -26.92 -18.79
N GLY A 449 -12.74 -25.81 -19.31
CA GLY A 449 -11.42 -25.36 -18.95
C GLY A 449 -10.39 -25.49 -20.06
N PHE A 450 -10.82 -25.43 -21.32
CA PHE A 450 -9.85 -25.48 -22.40
C PHE A 450 -9.12 -24.16 -22.58
N SER A 451 -9.84 -23.03 -22.45
CA SER A 451 -9.27 -21.70 -22.56
C SER A 451 -9.55 -20.96 -21.26
N LEU A 452 -8.49 -20.53 -20.58
CA LEU A 452 -8.61 -19.81 -19.33
C LEU A 452 -7.86 -18.49 -19.44
N ARG A 453 -8.49 -17.40 -19.01
CA ARG A 453 -7.86 -16.10 -18.99
C ARG A 453 -8.16 -15.39 -17.67
N GLY A 454 -7.16 -14.69 -17.17
CA GLY A 454 -7.30 -13.90 -15.95
C GLY A 454 -6.41 -12.69 -16.01
N ALA A 455 -5.77 -12.36 -14.89
CA ALA A 455 -4.82 -11.25 -14.78
C ALA A 455 -5.42 -9.91 -15.16
N VAL A 456 -6.75 -9.83 -15.26
CA VAL A 456 -7.44 -8.59 -15.58
C VAL A 456 -8.58 -8.43 -14.57
N ASP A 457 -8.46 -7.39 -13.73
CA ASP A 457 -9.47 -7.15 -12.67
C ASP A 457 -10.78 -6.70 -13.33
N ILE A 458 -11.67 -7.65 -13.60
CA ILE A 458 -12.95 -7.34 -14.24
C ILE A 458 -13.84 -6.54 -13.30
N ASP A 459 -13.64 -6.70 -11.98
CA ASP A 459 -14.46 -5.96 -10.99
C ASP A 459 -13.74 -4.66 -10.58
N ASP A 460 -12.55 -4.40 -11.12
CA ASP A 460 -11.79 -3.19 -10.83
C ASP A 460 -11.68 -2.95 -9.32
N ASN A 461 -11.50 -4.03 -8.56
CA ASN A 461 -11.47 -3.91 -7.07
C ASN A 461 -10.18 -4.51 -6.51
N GLY A 462 -9.11 -4.53 -7.29
CA GLY A 462 -7.86 -5.17 -6.83
C GLY A 462 -8.03 -6.67 -6.76
N TYR A 463 -9.18 -7.18 -7.23
CA TYR A 463 -9.46 -8.64 -7.17
C TYR A 463 -9.73 -9.17 -8.59
N PRO A 464 -8.68 -9.56 -9.34
CA PRO A 464 -8.84 -10.06 -10.70
C PRO A 464 -9.80 -11.26 -10.77
N ASP A 465 -10.53 -11.41 -11.87
CA ASP A 465 -11.50 -12.52 -12.01
C ASP A 465 -10.93 -13.61 -12.92
N LEU A 466 -11.72 -14.62 -13.24
CA LEU A 466 -11.29 -15.69 -14.14
C LEU A 466 -12.39 -15.99 -15.13
N ILE A 467 -12.01 -16.35 -16.36
CA ILE A 467 -12.96 -16.80 -17.36
C ILE A 467 -12.57 -18.19 -17.84
N VAL A 468 -13.54 -19.09 -17.88
CA VAL A 468 -13.36 -20.45 -18.34
C VAL A 468 -14.23 -20.64 -19.58
N GLY A 469 -13.59 -20.82 -20.72
CA GLY A 469 -14.29 -21.23 -21.93
C GLY A 469 -13.75 -22.58 -22.36
N ALA A 470 -14.54 -23.31 -23.12
CA ALA A 470 -14.20 -24.67 -23.49
C ALA A 470 -14.66 -24.96 -24.90
N TYR A 471 -13.83 -25.66 -25.67
CA TYR A 471 -14.22 -26.03 -27.02
C TYR A 471 -15.43 -26.95 -26.97
N GLY A 472 -16.44 -26.64 -27.77
CA GLY A 472 -17.67 -27.40 -27.79
C GLY A 472 -18.49 -27.32 -26.52
N ALA A 473 -18.14 -26.42 -25.61
CA ALA A 473 -18.93 -26.28 -24.37
C ALA A 473 -20.31 -25.71 -24.67
N ASN A 474 -20.40 -24.80 -25.64
CA ASN A 474 -21.58 -23.99 -25.96
C ASN A 474 -21.86 -22.95 -24.88
N GLN A 475 -21.10 -22.95 -23.78
CA GLN A 475 -21.28 -21.98 -22.71
C GLN A 475 -19.91 -21.51 -22.23
N VAL A 476 -19.86 -20.27 -21.77
CA VAL A 476 -18.66 -19.68 -21.18
C VAL A 476 -18.99 -19.28 -19.75
N ALA A 477 -18.16 -19.73 -18.80
CA ALA A 477 -18.36 -19.45 -17.40
C ALA A 477 -17.37 -18.39 -16.95
N VAL A 478 -17.82 -17.52 -16.04
CA VAL A 478 -16.96 -16.49 -15.47
C VAL A 478 -17.06 -16.57 -13.95
N TYR A 479 -15.91 -16.63 -13.29
CA TYR A 479 -15.79 -16.65 -11.84
C TYR A 479 -15.34 -15.28 -11.36
N ARG A 480 -16.11 -14.69 -10.44
CA ARG A 480 -15.79 -13.40 -9.83
C ARG A 480 -15.09 -13.62 -8.49
N ALA A 481 -13.94 -12.96 -8.32
CA ALA A 481 -13.20 -13.05 -7.04
C ALA A 481 -13.94 -12.25 -5.97
N GLN A 482 -13.72 -12.56 -4.69
CA GLN A 482 -14.43 -11.86 -3.59
C GLN A 482 -13.40 -11.28 -2.61
N PRO A 483 -13.71 -10.20 -1.87
CA PRO A 483 -12.73 -9.55 -0.98
C PRO A 483 -12.07 -10.52 0.01
N VAL A 484 -10.76 -10.37 0.24
CA VAL A 484 -10.03 -11.26 1.19
C VAL A 484 -9.65 -10.47 2.44
N VAL A 485 -9.88 -11.04 3.63
CA VAL A 485 -9.57 -10.38 4.89
C VAL A 485 -8.48 -11.19 5.56
N LYS A 486 -7.29 -10.62 5.70
CA LYS A 486 -6.25 -11.25 6.49
C LYS A 486 -6.43 -10.84 7.95
N ALA A 487 -6.16 -11.77 8.85
CA ALA A 487 -6.30 -11.51 10.28
C ALA A 487 -4.94 -11.60 10.97
N SER A 488 -4.65 -10.61 11.81
CA SER A 488 -3.44 -10.59 12.62
C SER A 488 -3.88 -10.65 14.08
N VAL A 489 -3.62 -11.78 14.73
CA VAL A 489 -4.16 -12.06 16.06
C VAL A 489 -3.02 -12.15 17.06
N GLN A 490 -3.20 -11.51 18.22
CA GLN A 490 -2.26 -11.58 19.31
C GLN A 490 -3.01 -11.71 20.63
N LEU A 491 -2.36 -12.33 21.60
CA LEU A 491 -2.91 -12.53 22.93
C LEU A 491 -2.08 -11.78 23.96
N LEU A 492 -2.72 -11.46 25.09
CA LEU A 492 -2.10 -10.81 26.22
C LEU A 492 -2.53 -11.61 27.44
N VAL A 493 -1.71 -12.60 27.80
CA VAL A 493 -1.98 -13.46 28.94
C VAL A 493 -0.75 -13.47 29.83
N GLN A 494 -0.98 -13.47 31.15
CA GLN A 494 0.13 -13.51 32.09
C GLN A 494 0.93 -14.78 31.90
N ASP A 495 2.26 -14.63 31.82
CA ASP A 495 3.11 -15.76 31.47
C ASP A 495 3.03 -16.87 32.51
N SER A 496 3.02 -16.51 33.79
CA SER A 496 2.94 -17.49 34.86
C SER A 496 2.54 -16.77 36.14
N LEU A 497 2.03 -17.54 37.09
CA LEU A 497 1.65 -17.00 38.39
C LEU A 497 1.57 -18.12 39.40
N ASN A 498 1.60 -17.75 40.66
CA ASN A 498 1.38 -18.70 41.74
C ASN A 498 -0.11 -19.04 41.82
N PRO A 499 -0.49 -20.31 41.80
CA PRO A 499 -1.91 -20.66 41.94
C PRO A 499 -2.53 -20.15 43.24
N ALA A 500 -1.72 -19.97 44.28
CA ALA A 500 -2.21 -19.51 45.58
C ALA A 500 -1.90 -18.04 45.83
N VAL A 501 -1.92 -17.21 44.78
CA VAL A 501 -1.75 -15.77 44.98
C VAL A 501 -2.86 -15.22 45.86
N LYS A 502 -4.09 -15.71 45.64
CA LYS A 502 -5.23 -15.40 46.51
C LYS A 502 -5.53 -13.91 46.56
N SER A 503 -5.28 -13.20 45.45
CA SER A 503 -5.58 -11.77 45.39
C SER A 503 -6.94 -11.47 44.79
N CYS A 504 -7.38 -12.23 43.79
CA CYS A 504 -8.71 -12.00 43.22
C CYS A 504 -9.79 -12.41 44.20
N VAL A 505 -10.96 -11.79 44.06
CA VAL A 505 -12.08 -11.98 44.96
C VAL A 505 -13.26 -12.51 44.14
N LEU A 506 -13.79 -13.66 44.56
CA LEU A 506 -15.02 -14.17 43.97
C LEU A 506 -16.21 -13.32 44.42
N PRO A 507 -17.14 -13.00 43.51
CA PRO A 507 -18.26 -12.14 43.89
C PRO A 507 -19.17 -12.77 44.94
N GLN A 508 -19.68 -13.96 44.64
CA GLN A 508 -20.66 -14.60 45.52
C GLN A 508 -20.00 -15.24 46.74
N THR A 509 -19.11 -16.20 46.51
CA THR A 509 -18.51 -16.94 47.61
C THR A 509 -17.55 -16.08 48.42
N LYS A 510 -17.00 -15.03 47.81
CA LYS A 510 -16.00 -14.17 48.45
C LYS A 510 -14.79 -14.99 48.90
N THR A 511 -14.12 -15.59 47.92
CA THR A 511 -12.97 -16.43 48.18
C THR A 511 -11.71 -15.81 47.56
N PRO A 512 -10.57 -15.88 48.24
CA PRO A 512 -9.32 -15.37 47.66
C PRO A 512 -8.74 -16.38 46.68
N VAL A 513 -8.50 -15.93 45.45
CA VAL A 513 -7.98 -16.79 44.38
C VAL A 513 -6.94 -16.01 43.59
N SER A 514 -6.12 -16.74 42.87
CA SER A 514 -5.15 -16.17 41.94
C SER A 514 -5.83 -15.95 40.59
N CYS A 515 -5.37 -14.93 39.87
CA CYS A 515 -5.96 -14.60 38.58
C CYS A 515 -4.92 -13.94 37.70
N PHE A 516 -5.25 -13.85 36.41
CA PHE A 516 -4.35 -13.31 35.40
C PHE A 516 -5.16 -12.49 34.41
N ASN A 517 -4.45 -11.63 33.67
CA ASN A 517 -5.09 -10.77 32.69
C ASN A 517 -5.13 -11.48 31.34
N ILE A 518 -6.33 -11.66 30.80
CA ILE A 518 -6.53 -12.32 29.51
C ILE A 518 -7.12 -11.29 28.56
N GLN A 519 -6.40 -11.03 27.47
CA GLN A 519 -6.85 -10.08 26.46
C GLN A 519 -6.52 -10.62 25.08
N MET A 520 -7.29 -10.20 24.07
CA MET A 520 -7.12 -10.69 22.70
C MET A 520 -7.33 -9.54 21.74
N CYS A 521 -6.38 -9.35 20.82
CA CYS A 521 -6.48 -8.30 19.82
C CYS A 521 -6.28 -8.90 18.44
N VAL A 522 -7.29 -8.79 17.58
CA VAL A 522 -7.20 -9.27 16.21
C VAL A 522 -7.54 -8.13 15.28
N GLY A 523 -6.69 -7.91 14.28
CA GLY A 523 -6.86 -6.83 13.33
C GLY A 523 -7.04 -7.35 11.92
N ALA A 524 -7.75 -6.57 11.10
CA ALA A 524 -8.08 -6.95 9.73
C ALA A 524 -7.18 -6.17 8.77
N THR A 525 -6.31 -6.89 8.08
CA THR A 525 -5.44 -6.32 7.05
C THR A 525 -5.87 -6.82 5.68
N GLY A 526 -5.35 -6.16 4.65
CA GLY A 526 -5.69 -6.44 3.27
C GLY A 526 -6.33 -5.25 2.62
N HIS A 527 -6.67 -5.41 1.33
CA HIS A 527 -7.29 -4.30 0.56
C HIS A 527 -8.78 -4.58 0.35
N ASN A 528 -9.60 -3.51 0.31
CA ASN A 528 -11.05 -3.66 0.01
C ASN A 528 -11.73 -4.58 1.02
N ILE A 529 -11.28 -4.59 2.28
CA ILE A 529 -12.02 -5.39 3.26
C ILE A 529 -13.43 -4.86 3.39
N PRO A 530 -14.46 -5.70 3.33
CA PRO A 530 -15.83 -5.20 3.52
C PRO A 530 -16.01 -4.67 4.93
N GLN A 531 -16.94 -3.71 5.06
CA GLN A 531 -17.20 -3.06 6.33
C GLN A 531 -18.24 -3.79 7.18
N LYS A 532 -18.83 -4.85 6.64
CA LYS A 532 -19.78 -5.68 7.39
C LYS A 532 -19.11 -6.90 8.02
N LEU A 533 -17.82 -6.81 8.32
CA LEU A 533 -17.09 -7.95 8.90
C LEU A 533 -17.63 -8.27 10.28
N SER A 534 -17.84 -9.57 10.53
CA SER A 534 -18.44 -10.06 11.78
C SER A 534 -17.64 -11.24 12.32
N LEU A 535 -16.32 -11.07 12.41
CA LEU A 535 -15.46 -12.14 12.89
C LEU A 535 -15.88 -12.59 14.29
N ASN A 536 -15.87 -13.90 14.51
CA ASN A 536 -16.21 -14.49 15.79
C ASN A 536 -14.97 -15.17 16.38
N ALA A 537 -14.61 -14.77 17.59
CA ALA A 537 -13.42 -15.30 18.25
C ALA A 537 -13.84 -16.27 19.36
N GLU A 538 -13.18 -17.42 19.40
CA GLU A 538 -13.45 -18.45 20.39
C GLU A 538 -12.19 -18.66 21.21
N LEU A 539 -12.32 -18.58 22.53
CA LEU A 539 -11.19 -18.78 23.43
C LEU A 539 -11.29 -20.14 24.09
N GLN A 540 -10.12 -20.76 24.30
CA GLN A 540 -10.01 -22.07 24.93
C GLN A 540 -8.98 -21.97 26.04
N LEU A 541 -9.42 -22.15 27.28
CA LEU A 541 -8.56 -22.15 28.44
C LEU A 541 -8.31 -23.60 28.84
N ASP A 542 -7.05 -24.02 28.86
CA ASP A 542 -6.66 -25.42 29.02
C ASP A 542 -7.30 -26.29 27.95
N ARG A 543 -6.94 -25.99 26.70
CA ARG A 543 -7.52 -26.70 25.56
C ARG A 543 -7.19 -28.18 25.59
N GLN A 544 -5.94 -28.53 25.95
CA GLN A 544 -5.54 -29.93 25.95
C GLN A 544 -6.35 -30.75 26.94
N LYS A 545 -6.59 -30.20 28.13
CA LYS A 545 -7.41 -30.89 29.12
C LYS A 545 -8.85 -30.96 28.62
N PRO A 546 -9.53 -32.09 28.82
CA PRO A 546 -10.92 -32.20 28.38
C PRO A 546 -11.85 -31.56 29.40
N ARG A 547 -13.15 -31.62 29.09
CA ARG A 547 -14.16 -31.06 29.98
C ARG A 547 -14.18 -31.84 31.29
N GLN A 548 -14.36 -31.10 32.39
CA GLN A 548 -14.25 -31.61 33.76
C GLN A 548 -12.81 -31.99 34.09
N GLY A 549 -11.92 -31.88 33.11
CA GLY A 549 -10.50 -31.97 33.35
C GLY A 549 -9.89 -30.60 33.33
N ARG A 550 -10.72 -29.60 33.02
CA ARG A 550 -10.25 -28.22 32.97
C ARG A 550 -9.91 -27.72 34.36
N ARG A 551 -9.04 -26.72 34.42
CA ARG A 551 -8.57 -26.15 35.67
C ARG A 551 -9.06 -24.72 35.89
N VAL A 552 -8.83 -23.83 34.94
CA VAL A 552 -9.28 -22.45 35.04
C VAL A 552 -10.71 -22.36 34.54
N LEU A 553 -11.40 -21.29 34.92
CA LEU A 553 -12.84 -21.21 34.72
C LEU A 553 -13.29 -19.77 34.81
N LEU A 554 -14.09 -19.34 33.83
CA LEU A 554 -14.47 -17.93 33.73
C LEU A 554 -15.37 -17.52 34.89
N LEU A 555 -15.17 -16.27 35.36
CA LEU A 555 -16.05 -15.72 36.39
C LEU A 555 -17.44 -15.46 35.83
N GLY A 556 -17.52 -14.77 34.69
CA GLY A 556 -18.80 -14.30 34.20
C GLY A 556 -19.71 -15.41 33.70
N SER A 557 -19.16 -16.32 32.90
CA SER A 557 -19.97 -17.32 32.21
C SER A 557 -19.87 -18.72 32.81
N GLN A 558 -18.92 -18.95 33.72
CA GLN A 558 -18.72 -20.27 34.32
C GLN A 558 -18.49 -21.35 33.27
N GLN A 559 -17.74 -21.01 32.23
CA GLN A 559 -17.45 -21.95 31.15
C GLN A 559 -15.96 -21.93 30.85
N ALA A 560 -15.46 -23.05 30.33
CA ALA A 560 -14.05 -23.18 29.97
C ALA A 560 -13.77 -22.76 28.54
N GLY A 561 -14.62 -21.91 27.96
CA GLY A 561 -14.44 -21.45 26.60
C GLY A 561 -15.69 -20.80 26.06
N THR A 562 -15.53 -19.71 25.29
CA THR A 562 -16.67 -18.96 24.81
C THR A 562 -16.35 -18.35 23.46
N THR A 563 -17.40 -18.00 22.73
CA THR A 563 -17.31 -17.28 21.48
C THR A 563 -17.90 -15.88 21.64
N LEU A 564 -17.20 -14.89 21.12
CA LEU A 564 -17.63 -13.51 21.17
C LEU A 564 -17.55 -12.89 19.79
N ASN A 565 -18.43 -11.93 19.53
CA ASN A 565 -18.48 -11.25 18.23
C ASN A 565 -17.39 -10.19 18.19
N LEU A 566 -16.17 -10.64 17.91
CA LEU A 566 -15.03 -9.74 17.74
C LEU A 566 -15.01 -9.19 16.32
N ASP A 567 -16.11 -8.55 15.95
CA ASP A 567 -16.27 -8.02 14.61
C ASP A 567 -15.29 -6.88 14.38
N LEU A 568 -14.63 -6.89 13.21
CA LEU A 568 -13.71 -5.83 12.82
C LEU A 568 -14.28 -4.94 11.73
N GLY A 569 -15.56 -5.11 11.40
CA GLY A 569 -16.16 -4.32 10.34
C GLY A 569 -16.30 -2.85 10.73
N GLY A 570 -15.95 -1.98 9.78
CA GLY A 570 -16.12 -0.55 9.95
C GLY A 570 -14.99 0.15 10.66
N LYS A 571 -13.86 -0.51 10.90
CA LYS A 571 -12.75 0.14 11.57
C LYS A 571 -11.46 -0.59 11.25
N HIS A 572 -10.35 0.09 11.46
CA HIS A 572 -9.02 -0.48 11.27
C HIS A 572 -8.37 -0.93 12.58
N SER A 573 -8.75 -0.35 13.69
CA SER A 573 -8.15 -0.70 14.97
C SER A 573 -8.68 -2.04 15.47
N PRO A 574 -7.83 -2.86 16.07
CA PRO A 574 -8.31 -4.13 16.64
C PRO A 574 -9.19 -3.89 17.85
N ILE A 575 -10.04 -4.86 18.13
CA ILE A 575 -10.91 -4.86 19.31
C ILE A 575 -10.30 -5.79 20.35
N CYS A 576 -10.15 -5.30 21.57
CA CYS A 576 -9.58 -6.08 22.67
C CYS A 576 -10.49 -5.93 23.89
N HIS A 577 -11.47 -6.81 24.01
CA HIS A 577 -12.31 -6.89 25.20
C HIS A 577 -11.81 -8.04 26.06
N THR A 578 -11.36 -7.72 27.26
CA THR A 578 -10.70 -8.69 28.12
C THR A 578 -11.73 -9.58 28.82
N THR A 579 -11.21 -10.54 29.59
CA THR A 579 -12.02 -11.46 30.37
C THR A 579 -11.34 -11.67 31.72
N MET A 580 -11.97 -12.47 32.57
CA MET A 580 -11.38 -12.82 33.86
C MET A 580 -11.86 -14.22 34.23
N ALA A 581 -10.93 -15.16 34.32
CA ALA A 581 -11.21 -16.52 34.72
C ALA A 581 -10.47 -16.82 36.01
N PHE A 582 -11.17 -17.35 37.00
CA PHE A 582 -10.54 -17.55 38.30
C PHE A 582 -9.78 -18.88 38.34
N LEU A 583 -8.88 -18.98 39.30
CA LEU A 583 -8.07 -20.17 39.53
C LEU A 583 -8.32 -20.62 40.96
N ARG A 584 -8.86 -21.83 41.11
CA ARG A 584 -9.33 -22.28 42.41
C ARG A 584 -8.15 -22.60 43.35
N ASP A 585 -8.49 -22.78 44.63
CA ASP A 585 -7.48 -23.02 45.64
C ASP A 585 -6.77 -24.36 45.41
N GLU A 586 -5.58 -24.46 46.00
CA GLU A 586 -4.76 -25.67 45.86
C GLU A 586 -5.55 -26.93 46.21
N ALA A 587 -6.25 -26.92 47.34
CA ALA A 587 -7.01 -28.08 47.78
C ALA A 587 -8.22 -28.38 46.91
N ASP A 588 -8.65 -27.43 46.07
CA ASP A 588 -9.86 -27.62 45.29
C ASP A 588 -9.66 -28.65 44.19
N PHE A 589 -8.73 -28.38 43.27
CA PHE A 589 -8.44 -29.29 42.17
C PHE A 589 -7.09 -29.97 42.41
N ARG A 590 -6.69 -30.80 41.44
CA ARG A 590 -5.40 -31.45 41.47
C ARG A 590 -4.66 -31.35 40.14
N ASP A 591 -5.26 -30.75 39.12
CA ASP A 591 -4.63 -30.57 37.81
C ASP A 591 -3.71 -29.36 37.77
N LYS A 592 -3.29 -28.86 38.93
CA LYS A 592 -2.40 -27.70 38.97
C LYS A 592 -1.05 -27.98 38.32
N LEU A 593 -0.64 -29.25 38.25
CA LEU A 593 0.64 -29.57 37.62
C LEU A 593 0.59 -29.30 36.12
N SER A 594 -0.59 -29.27 35.53
CA SER A 594 -0.73 -29.01 34.11
C SER A 594 -0.61 -27.52 33.82
N PRO A 595 0.31 -27.11 32.94
CA PRO A 595 0.35 -25.71 32.53
C PRO A 595 -0.90 -25.31 31.76
N ILE A 596 -1.29 -24.05 31.91
CA ILE A 596 -2.54 -23.56 31.32
C ILE A 596 -2.33 -23.31 29.83
N VAL A 597 -3.32 -23.69 29.03
CA VAL A 597 -3.28 -23.50 27.59
C VAL A 597 -4.34 -22.48 27.22
N LEU A 598 -3.90 -21.41 26.56
CA LEU A 598 -4.77 -20.29 26.18
C LEU A 598 -4.71 -20.16 24.67
N SER A 599 -5.67 -20.77 23.98
CA SER A 599 -5.72 -20.77 22.53
C SER A 599 -6.90 -19.92 22.06
N LEU A 600 -6.61 -18.89 21.28
CA LEU A 600 -7.64 -18.04 20.70
C LEU A 600 -7.70 -18.33 19.21
N ASN A 601 -8.88 -18.71 18.73
CA ASN A 601 -9.09 -19.01 17.32
C ASN A 601 -10.25 -18.19 16.79
N VAL A 602 -10.03 -17.50 15.68
CA VAL A 602 -11.03 -16.60 15.11
C VAL A 602 -11.51 -17.18 13.79
N SER A 603 -12.82 -17.24 13.61
CA SER A 603 -13.44 -17.80 12.43
C SER A 603 -14.54 -16.87 11.94
N LEU A 604 -14.82 -16.97 10.64
CA LEU A 604 -15.88 -16.17 10.04
C LEU A 604 -17.23 -16.63 10.59
N PRO A 605 -18.22 -15.73 10.63
CA PRO A 605 -19.54 -16.11 11.13
C PRO A 605 -20.19 -17.14 10.24
N PRO A 606 -20.96 -18.07 10.80
CA PRO A 606 -21.59 -19.11 9.97
C PRO A 606 -22.71 -18.58 9.09
N THR A 607 -23.38 -17.51 9.49
CA THR A 607 -24.50 -16.97 8.73
C THR A 607 -24.02 -16.33 7.42
N MET A 611 -26.21 -17.14 2.20
CA MET A 611 -25.86 -16.71 0.85
C MET A 611 -24.35 -16.73 0.64
N ALA A 612 -23.89 -15.97 -0.34
CA ALA A 612 -22.46 -15.90 -0.62
C ALA A 612 -21.75 -15.16 0.50
N PRO A 613 -20.74 -15.76 1.14
CA PRO A 613 -20.03 -15.07 2.23
C PRO A 613 -19.38 -13.77 1.80
N ALA A 614 -18.85 -13.71 0.57
CA ALA A 614 -18.16 -12.56 0.01
C ALA A 614 -16.91 -12.18 0.80
N VAL A 615 -16.46 -13.03 1.72
CA VAL A 615 -15.28 -12.79 2.53
C VAL A 615 -14.50 -14.08 2.66
N VAL A 616 -13.18 -13.97 2.65
CA VAL A 616 -12.28 -15.11 2.80
C VAL A 616 -11.28 -14.76 3.88
N LEU A 617 -11.39 -15.43 5.03
CA LEU A 617 -10.42 -15.25 6.10
C LEU A 617 -9.09 -15.88 5.69
N HIS A 618 -8.00 -15.17 5.96
CA HIS A 618 -6.67 -15.68 5.67
C HIS A 618 -5.69 -15.16 6.71
N GLY A 619 -4.45 -15.59 6.60
CA GLY A 619 -3.41 -15.18 7.52
C GLY A 619 -3.48 -15.91 8.85
N ASP A 620 -3.06 -15.25 9.92
CA ASP A 620 -3.13 -15.83 11.24
C ASP A 620 -4.57 -15.84 11.74
N THR A 621 -5.03 -17.00 12.21
CA THR A 621 -6.38 -17.10 12.74
C THR A 621 -6.45 -17.92 14.02
N HIS A 622 -5.31 -18.33 14.58
CA HIS A 622 -5.30 -19.13 15.80
C HIS A 622 -3.97 -18.91 16.50
N VAL A 623 -4.01 -18.23 17.64
CA VAL A 623 -2.84 -17.99 18.45
C VAL A 623 -3.04 -18.68 19.79
N GLN A 624 -2.05 -19.46 20.22
CA GLN A 624 -2.14 -20.33 21.38
C GLN A 624 -1.01 -20.04 22.36
N GLU A 625 -0.83 -18.75 22.69
CA GLU A 625 0.15 -18.37 23.68
C GLU A 625 -0.14 -19.06 25.02
N GLN A 626 0.90 -19.53 25.68
CA GLN A 626 0.78 -20.45 26.80
C GLN A 626 1.16 -19.77 28.12
N THR A 627 0.56 -20.27 29.19
CA THR A 627 0.90 -19.84 30.55
C THR A 627 1.25 -21.08 31.38
N ARG A 628 2.44 -21.10 31.94
CA ARG A 628 2.89 -22.19 32.78
C ARG A 628 2.59 -21.89 34.24
N ILE A 629 2.66 -22.93 35.06
CA ILE A 629 2.47 -22.81 36.50
C ILE A 629 3.83 -22.96 37.17
N VAL A 630 4.23 -21.96 37.95
CA VAL A 630 5.52 -21.94 38.61
C VAL A 630 5.31 -21.71 40.10
N LEU A 631 5.69 -22.69 40.91
CA LEU A 631 5.70 -22.53 42.37
C LEU A 631 6.59 -23.61 42.95
N ASP A 632 7.70 -23.20 43.57
CA ASP A 632 8.66 -24.13 44.17
C ASP A 632 9.15 -25.14 43.15
N CYS A 633 8.64 -26.37 43.22
CA CYS A 633 9.06 -27.42 42.29
C CYS A 633 8.23 -27.37 41.01
N GLY B 27 3.71 -57.40 31.32
CA GLY B 27 3.72 -56.75 30.01
C GLY B 27 2.44 -55.98 29.73
N PRO B 28 2.50 -54.65 29.86
CA PRO B 28 1.30 -53.84 29.58
C PRO B 28 0.87 -53.88 28.12
N ASN B 29 1.75 -54.29 27.20
CA ASN B 29 1.44 -54.37 25.77
C ASN B 29 0.99 -53.03 25.21
N ILE B 30 0.36 -53.04 24.04
CA ILE B 30 -0.09 -51.83 23.37
C ILE B 30 -1.61 -51.78 23.24
N CYS B 31 -2.25 -52.92 23.02
CA CYS B 31 -3.70 -52.95 22.83
C CYS B 31 -4.42 -52.51 24.09
N THR B 32 -3.93 -52.91 25.26
CA THR B 32 -4.50 -52.42 26.51
C THR B 32 -4.27 -50.92 26.67
N THR B 33 -3.09 -50.44 26.33
CA THR B 33 -2.75 -49.02 26.47
C THR B 33 -3.40 -48.19 25.36
N SER B 37 -12.21 -50.00 23.84
CA SER B 37 -13.42 -49.23 24.04
C SER B 37 -14.67 -50.11 23.97
N SER B 38 -14.67 -51.05 23.02
CA SER B 38 -15.76 -52.00 22.89
C SER B 38 -15.25 -53.20 22.10
N CYS B 39 -16.17 -54.06 21.65
CA CYS B 39 -15.78 -55.24 20.89
C CYS B 39 -15.12 -54.85 19.57
N GLN B 40 -15.65 -53.83 18.90
CA GLN B 40 -15.11 -53.43 17.59
C GLN B 40 -13.68 -52.92 17.72
N GLN B 41 -13.41 -52.10 18.74
CA GLN B 41 -12.09 -51.49 18.85
C GLN B 41 -11.00 -52.53 19.09
N CYS B 42 -11.26 -53.50 19.96
CA CYS B 42 -10.26 -54.53 20.22
C CYS B 42 -10.02 -55.42 19.00
N LEU B 43 -10.97 -55.46 18.06
CA LEU B 43 -10.75 -56.15 16.80
C LEU B 43 -10.05 -55.28 15.77
N ALA B 44 -9.83 -54.00 16.07
CA ALA B 44 -9.22 -53.07 15.14
C ALA B 44 -7.90 -52.49 15.60
N VAL B 45 -7.64 -52.47 16.91
CA VAL B 45 -6.41 -51.87 17.41
C VAL B 45 -5.20 -52.70 16.99
N SER B 46 -5.27 -54.01 17.20
CA SER B 46 -4.16 -54.90 16.89
C SER B 46 -4.69 -56.20 16.30
N PRO B 47 -3.93 -56.84 15.42
CA PRO B 47 -4.39 -58.12 14.84
C PRO B 47 -4.49 -59.24 15.86
N MET B 48 -3.87 -59.11 17.03
CA MET B 48 -3.76 -60.23 17.96
C MET B 48 -4.68 -60.15 19.16
N CYS B 49 -5.01 -58.95 19.64
CA CYS B 49 -5.79 -58.84 20.87
C CYS B 49 -7.28 -59.07 20.61
N ALA B 50 -7.95 -59.66 21.60
CA ALA B 50 -9.36 -59.98 21.52
C ALA B 50 -10.11 -59.32 22.67
N TRP B 51 -11.43 -59.33 22.55
CA TRP B 51 -12.33 -58.66 23.50
C TRP B 51 -13.26 -59.72 24.10
N CYS B 52 -13.01 -60.09 25.37
CA CYS B 52 -13.82 -61.11 26.02
C CYS B 52 -15.28 -60.67 26.06
N SER B 53 -16.12 -61.32 25.26
CA SER B 53 -17.53 -60.94 25.13
C SER B 53 -18.40 -61.78 26.06
N ASP B 54 -18.22 -61.57 27.35
CA ASP B 54 -19.03 -62.23 28.37
C ASP B 54 -19.81 -61.17 29.14
N GLU B 55 -21.12 -61.39 29.28
CA GLU B 55 -21.99 -60.40 29.96
C GLU B 55 -22.19 -60.82 31.42
N ALA B 56 -21.68 -61.98 31.80
CA ALA B 56 -21.76 -62.41 33.22
C ALA B 56 -20.60 -61.77 33.98
N LEU B 57 -19.46 -61.54 33.32
CA LEU B 57 -18.28 -61.02 34.05
C LEU B 57 -17.71 -59.79 33.35
N PRO B 58 -17.69 -58.60 34.00
CA PRO B 58 -17.05 -57.42 33.43
C PRO B 58 -15.56 -57.49 33.80
N SER B 61 -10.15 -57.40 34.58
CA SER B 61 -8.94 -57.96 33.93
C SER B 61 -8.62 -57.21 32.64
N PRO B 62 -7.41 -57.37 32.06
CA PRO B 62 -7.03 -56.67 30.83
C PRO B 62 -8.19 -56.56 29.83
N ARG B 63 -9.15 -57.50 29.89
CA ARG B 63 -10.31 -57.48 28.97
C ARG B 63 -9.84 -57.37 27.52
N CYS B 64 -9.55 -56.15 27.05
CA CYS B 64 -9.11 -55.98 25.68
C CYS B 64 -7.59 -56.15 25.62
N ASP B 65 -7.17 -57.41 25.50
CA ASP B 65 -5.76 -57.74 25.40
C ASP B 65 -5.60 -59.00 24.55
N LEU B 66 -4.38 -59.53 24.51
CA LEU B 66 -4.07 -60.68 23.67
C LEU B 66 -4.91 -61.89 24.07
N LYS B 67 -5.36 -62.64 23.08
CA LYS B 67 -6.26 -63.77 23.33
C LYS B 67 -5.60 -64.83 24.21
N GLU B 68 -4.31 -65.09 24.02
CA GLU B 68 -3.60 -65.99 24.92
C GLU B 68 -3.58 -65.43 26.34
N ASN B 69 -3.37 -64.13 26.47
CA ASN B 69 -3.50 -63.49 27.78
C ASN B 69 -4.92 -63.62 28.31
N LEU B 70 -5.92 -63.55 27.43
CA LEU B 70 -7.31 -63.74 27.86
C LEU B 70 -7.52 -65.14 28.41
N LEU B 71 -6.91 -66.15 27.80
CA LEU B 71 -6.89 -67.47 28.40
C LEU B 71 -6.19 -67.43 29.75
N LYS B 72 -5.10 -66.68 29.85
CA LYS B 72 -4.40 -66.54 31.13
C LYS B 72 -5.28 -65.88 32.18
N ASP B 73 -6.00 -64.82 31.80
CA ASP B 73 -6.96 -64.20 32.69
C ASP B 73 -8.34 -64.86 32.61
N ASN B 74 -8.39 -66.11 32.15
CA ASN B 74 -9.60 -66.94 32.18
C ASN B 74 -10.71 -66.37 31.30
N CYS B 75 -10.41 -66.26 30.00
CA CYS B 75 -11.42 -66.11 28.96
C CYS B 75 -11.40 -67.32 28.04
N ALA B 76 -11.29 -68.51 28.65
CA ALA B 76 -11.13 -69.74 27.87
C ALA B 76 -12.23 -69.98 26.84
N PRO B 77 -13.52 -69.78 27.14
CA PRO B 77 -14.53 -69.98 26.09
C PRO B 77 -14.31 -69.11 24.87
N GLU B 78 -13.74 -67.91 25.04
CA GLU B 78 -13.47 -66.98 23.95
C GLU B 78 -14.75 -66.71 23.15
N SER B 79 -15.71 -66.09 23.83
CA SER B 79 -16.97 -65.73 23.21
C SER B 79 -16.81 -64.72 22.09
N ILE B 80 -15.66 -64.05 22.00
CA ILE B 80 -15.39 -63.12 20.92
C ILE B 80 -15.35 -63.88 19.59
N GLU B 81 -16.10 -63.39 18.61
CA GLU B 81 -16.06 -63.94 17.26
C GLU B 81 -14.98 -63.20 16.49
N PHE B 82 -13.82 -63.81 16.36
CA PHE B 82 -12.71 -63.18 15.66
C PHE B 82 -12.99 -63.14 14.16
N PRO B 83 -12.44 -62.14 13.46
CA PRO B 83 -12.53 -62.16 11.99
C PRO B 83 -11.83 -63.38 11.41
N VAL B 84 -12.38 -63.88 10.31
CA VAL B 84 -11.87 -65.12 9.71
C VAL B 84 -10.43 -64.91 9.24
N SER B 85 -10.18 -63.83 8.52
CA SER B 85 -8.83 -63.41 8.14
C SER B 85 -8.09 -64.49 7.34
N GLU B 86 -8.81 -65.24 6.51
CA GLU B 86 -8.20 -66.26 5.67
C GLU B 86 -8.99 -66.38 4.38
N ALA B 87 -8.35 -66.97 3.38
CA ALA B 87 -8.92 -67.09 2.04
C ALA B 87 -9.46 -68.50 1.82
N ARG B 88 -10.75 -68.58 1.48
CA ARG B 88 -11.39 -69.83 1.10
C ARG B 88 -11.80 -69.76 -0.36
N VAL B 89 -11.36 -70.75 -1.14
CA VAL B 89 -11.64 -70.74 -2.57
C VAL B 89 -13.09 -71.15 -2.83
N LEU B 90 -13.59 -70.75 -3.99
CA LEU B 90 -14.92 -71.16 -4.44
C LEU B 90 -14.90 -71.90 -5.78
N GLU B 91 -13.88 -71.68 -6.62
CA GLU B 91 -13.84 -72.30 -7.94
C GLU B 91 -12.40 -72.38 -8.39
N ASP B 92 -11.94 -73.59 -8.70
CA ASP B 92 -10.57 -73.85 -9.15
C ASP B 92 -10.57 -75.06 -10.06
N ARG B 93 -9.71 -75.01 -11.09
CA ARG B 93 -9.52 -76.11 -12.01
C ARG B 93 -8.03 -76.26 -12.31
N PRO B 94 -7.56 -77.48 -12.59
CA PRO B 94 -6.14 -77.66 -12.86
C PRO B 94 -5.72 -76.99 -14.16
N LEU B 95 -4.43 -76.64 -14.23
CA LEU B 95 -3.89 -75.96 -15.40
C LEU B 95 -3.63 -76.97 -16.51
N SER B 96 -4.11 -76.66 -17.71
CA SER B 96 -3.89 -77.53 -18.86
C SER B 96 -2.43 -77.47 -19.31
N ASP B 97 -1.99 -78.53 -19.99
CA ASP B 97 -0.62 -78.61 -20.49
C ASP B 97 -0.51 -78.11 -21.93
N LYS B 98 -1.25 -78.74 -22.84
CA LYS B 98 -1.22 -78.37 -24.26
C LYS B 98 -2.52 -77.75 -24.75
N GLY B 99 -3.66 -78.12 -24.17
CA GLY B 99 -4.92 -77.55 -24.59
C GLY B 99 -5.68 -78.42 -25.57
N SER B 100 -6.77 -79.04 -25.12
CA SER B 100 -7.56 -79.88 -25.99
C SER B 100 -8.30 -79.06 -27.03
N GLY B 101 -8.95 -77.98 -26.61
CA GLY B 101 -9.70 -77.14 -27.51
C GLY B 101 -10.99 -76.61 -26.91
N ASP B 102 -11.48 -77.26 -25.86
CA ASP B 102 -12.69 -76.82 -25.20
C ASP B 102 -12.43 -75.53 -24.42
N SER B 103 -13.51 -74.80 -24.13
CA SER B 103 -13.39 -73.53 -23.43
C SER B 103 -12.81 -73.71 -22.03
N SER B 104 -13.30 -74.71 -21.30
CA SER B 104 -12.87 -74.93 -19.92
C SER B 104 -11.71 -75.90 -19.79
N GLN B 105 -11.32 -76.57 -20.88
CA GLN B 105 -10.24 -77.55 -20.85
C GLN B 105 -8.87 -76.93 -21.09
N VAL B 106 -8.81 -75.61 -21.27
CA VAL B 106 -7.55 -74.93 -21.54
C VAL B 106 -7.23 -73.99 -20.38
N THR B 107 -7.61 -74.40 -19.18
CA THR B 107 -7.41 -73.56 -18.00
C THR B 107 -5.94 -73.19 -17.83
N GLN B 108 -5.69 -71.91 -17.61
CA GLN B 108 -4.34 -71.39 -17.47
C GLN B 108 -4.05 -70.79 -16.11
N VAL B 109 -5.05 -70.26 -15.41
CA VAL B 109 -4.85 -69.57 -14.15
C VAL B 109 -5.59 -70.33 -13.05
N SER B 110 -4.88 -70.63 -11.96
CA SER B 110 -5.47 -71.24 -10.78
C SER B 110 -4.99 -70.46 -9.56
N PRO B 111 -5.88 -70.12 -8.63
CA PRO B 111 -7.33 -70.40 -8.60
C PRO B 111 -8.13 -69.41 -9.45
N GLN B 112 -9.45 -69.57 -9.50
CA GLN B 112 -10.30 -68.69 -10.28
C GLN B 112 -11.36 -67.97 -9.46
N ARG B 113 -11.70 -68.43 -8.27
CA ARG B 113 -12.67 -67.73 -7.43
C ARG B 113 -12.40 -68.11 -5.99
N ILE B 114 -12.04 -67.13 -5.16
CA ILE B 114 -11.77 -67.33 -3.75
C ILE B 114 -12.55 -66.30 -2.94
N ALA B 115 -12.67 -66.56 -1.64
CA ALA B 115 -13.35 -65.66 -0.71
C ALA B 115 -12.41 -65.28 0.42
N LEU B 116 -12.36 -63.98 0.73
CA LEU B 116 -11.40 -63.44 1.69
C LEU B 116 -12.11 -62.60 2.73
N ARG B 117 -11.72 -62.76 3.99
CA ARG B 117 -12.39 -62.12 5.13
C ARG B 117 -11.37 -61.53 6.10
N LEU B 118 -10.42 -60.76 5.58
CA LEU B 118 -9.37 -60.20 6.41
C LEU B 118 -9.91 -59.23 7.46
N ARG B 119 -9.25 -59.21 8.62
CA ARG B 119 -9.59 -58.24 9.65
C ARG B 119 -9.04 -56.86 9.26
N PRO B 120 -9.60 -55.79 9.81
CA PRO B 120 -9.08 -54.45 9.50
C PRO B 120 -7.61 -54.33 9.90
N ASP B 121 -6.85 -53.64 9.05
CA ASP B 121 -5.41 -53.49 9.21
C ASP B 121 -4.72 -54.85 9.37
N ASP B 122 -4.85 -55.66 8.33
CA ASP B 122 -4.23 -56.99 8.31
C ASP B 122 -3.86 -57.34 6.88
N SER B 123 -2.70 -57.97 6.72
CA SER B 123 -2.16 -58.31 5.41
C SER B 123 -2.12 -59.82 5.26
N LYS B 124 -2.66 -60.32 4.14
CA LYS B 124 -2.62 -61.75 3.84
C LYS B 124 -2.05 -61.94 2.45
N ASN B 125 -1.07 -62.84 2.33
CA ASN B 125 -0.46 -63.14 1.04
C ASN B 125 -0.98 -64.49 0.55
N PHE B 126 -1.48 -64.50 -0.68
CA PHE B 126 -2.00 -65.71 -1.30
C PHE B 126 -1.37 -65.86 -2.68
N SER B 127 -1.15 -67.11 -3.07
CA SER B 127 -0.44 -67.43 -4.30
C SER B 127 -1.39 -67.95 -5.37
N ILE B 128 -1.08 -67.64 -6.62
CA ILE B 128 -1.84 -68.06 -7.78
C ILE B 128 -0.87 -68.68 -8.78
N GLN B 129 -1.40 -69.57 -9.62
CA GLN B 129 -0.61 -70.27 -10.63
C GLN B 129 -1.18 -69.96 -12.00
N VAL B 130 -0.32 -69.52 -12.92
CA VAL B 130 -0.75 -69.16 -14.27
C VAL B 130 0.00 -70.04 -15.28
N ARG B 131 -0.60 -70.20 -16.46
CA ARG B 131 -0.06 -71.09 -17.48
C ARG B 131 -0.20 -70.44 -18.85
N GLN B 132 0.66 -70.87 -19.77
CA GLN B 132 0.58 -70.46 -21.17
C GLN B 132 -0.06 -71.52 -22.06
N VAL B 133 -0.48 -72.65 -21.48
CA VAL B 133 -1.27 -73.71 -22.12
C VAL B 133 -0.64 -74.23 -23.42
N GLU B 134 0.64 -73.92 -23.63
CA GLU B 134 1.37 -74.36 -24.82
C GLU B 134 0.59 -74.03 -26.09
N ASP B 135 0.05 -75.07 -26.75
CA ASP B 135 -0.77 -74.86 -27.92
C ASP B 135 -1.99 -74.01 -27.59
N TYR B 136 -2.23 -72.98 -28.39
CA TYR B 136 -3.26 -71.99 -28.09
C TYR B 136 -3.74 -71.38 -29.40
N PRO B 137 -5.03 -71.44 -29.72
CA PRO B 137 -5.52 -70.81 -30.94
C PRO B 137 -5.22 -69.32 -30.96
N VAL B 138 -4.90 -68.81 -32.15
CA VAL B 138 -4.40 -67.45 -32.31
C VAL B 138 -5.33 -66.69 -33.25
N ASP B 139 -5.56 -65.42 -32.93
CA ASP B 139 -6.18 -64.46 -33.84
C ASP B 139 -5.12 -63.43 -34.19
N ILE B 140 -4.96 -63.15 -35.48
CA ILE B 140 -3.98 -62.18 -35.95
C ILE B 140 -4.65 -61.26 -36.96
N TYR B 141 -4.54 -59.95 -36.72
CA TYR B 141 -5.05 -58.95 -37.63
C TYR B 141 -3.89 -58.08 -38.11
N TYR B 142 -3.79 -57.92 -39.43
CA TYR B 142 -2.67 -57.26 -40.08
C TYR B 142 -3.11 -55.87 -40.52
N LEU B 143 -2.64 -54.84 -39.81
CA LEU B 143 -2.92 -53.45 -40.13
C LEU B 143 -1.76 -52.92 -40.95
N MET B 144 -2.05 -52.45 -42.15
CA MET B 144 -1.02 -52.01 -43.09
C MET B 144 -1.16 -50.51 -43.34
N ASP B 145 -0.03 -49.80 -43.35
CA ASP B 145 -0.03 -48.39 -43.72
C ASP B 145 -0.16 -48.30 -45.23
N LEU B 146 -1.38 -48.04 -45.72
CA LEU B 146 -1.64 -47.98 -47.15
C LEU B 146 -1.29 -46.59 -47.70
N SER B 147 -0.06 -46.19 -47.46
CA SER B 147 0.49 -44.96 -48.02
C SER B 147 1.32 -45.30 -49.26
N TYR B 148 1.60 -44.27 -50.06
CA TYR B 148 2.37 -44.47 -51.27
C TYR B 148 3.78 -44.98 -50.99
N SER B 149 4.41 -44.50 -49.92
CA SER B 149 5.81 -44.81 -49.64
C SER B 149 6.06 -46.30 -49.50
N MET B 150 5.05 -47.09 -49.13
CA MET B 150 5.22 -48.53 -49.01
C MET B 150 4.24 -49.27 -49.91
N LYS B 151 3.78 -48.62 -50.98
CA LYS B 151 2.95 -49.31 -51.96
C LYS B 151 3.66 -50.56 -52.48
N ASP B 152 4.95 -50.43 -52.79
CA ASP B 152 5.74 -51.60 -53.20
C ASP B 152 5.68 -52.70 -52.14
N ASP B 153 5.71 -52.31 -50.86
CA ASP B 153 5.63 -53.29 -49.80
C ASP B 153 4.34 -54.11 -49.89
N LEU B 154 3.24 -53.47 -50.30
CA LEU B 154 2.00 -54.21 -50.49
C LEU B 154 2.18 -55.41 -51.40
N TRP B 155 3.03 -55.29 -52.43
CA TRP B 155 3.28 -56.41 -53.31
C TRP B 155 3.90 -57.59 -52.57
N SER B 156 4.87 -57.32 -51.68
CA SER B 156 5.45 -58.42 -50.91
C SER B 156 4.43 -59.06 -49.99
N ILE B 157 3.30 -58.37 -49.77
CA ILE B 157 2.24 -58.91 -48.91
C ILE B 157 1.22 -59.72 -49.71
N GLN B 158 1.26 -59.66 -51.04
CA GLN B 158 0.24 -60.33 -51.84
C GLN B 158 0.25 -61.84 -51.60
N ASN B 159 1.43 -62.44 -51.50
CA ASN B 159 1.55 -63.87 -51.20
C ASN B 159 2.16 -64.00 -49.81
N LEU B 160 1.31 -63.96 -48.80
CA LEU B 160 1.73 -64.08 -47.40
C LEU B 160 0.95 -65.14 -46.65
N GLY B 161 -0.32 -65.36 -47.00
CA GLY B 161 -1.14 -66.28 -46.23
C GLY B 161 -0.57 -67.68 -46.19
N THR B 162 -0.09 -68.18 -47.33
CA THR B 162 0.50 -69.51 -47.34
C THR B 162 1.74 -69.58 -46.46
N LYS B 163 2.64 -68.61 -46.59
CA LYS B 163 3.86 -68.61 -45.79
C LYS B 163 3.56 -68.41 -44.31
N LEU B 164 2.63 -67.50 -43.99
CA LEU B 164 2.28 -67.26 -42.60
C LEU B 164 1.65 -68.49 -41.97
N ALA B 165 0.76 -69.16 -42.71
CA ALA B 165 0.15 -70.39 -42.21
C ALA B 165 1.19 -71.48 -42.02
N THR B 166 2.14 -71.58 -42.96
CA THR B 166 3.19 -72.59 -42.82
C THR B 166 4.04 -72.33 -41.58
N GLN B 167 4.36 -71.06 -41.31
CA GLN B 167 5.22 -70.74 -40.19
C GLN B 167 4.47 -70.70 -38.85
N MET B 168 3.13 -70.64 -38.86
CA MET B 168 2.37 -70.63 -37.63
C MET B 168 1.65 -71.93 -37.32
N ARG B 169 1.58 -72.86 -38.28
CA ARG B 169 0.94 -74.15 -38.02
C ARG B 169 1.63 -74.90 -36.91
N LYS B 170 2.97 -74.82 -36.85
CA LYS B 170 3.72 -75.49 -35.81
C LYS B 170 3.38 -74.99 -34.41
N LEU B 171 2.82 -73.79 -34.28
CA LEU B 171 2.54 -73.18 -33.00
C LEU B 171 1.08 -72.75 -32.88
N THR B 172 0.15 -73.55 -33.40
CA THR B 172 -1.26 -73.26 -33.28
C THR B 172 -2.07 -74.51 -33.57
N SER B 173 -3.36 -74.43 -33.27
CA SER B 173 -4.35 -75.41 -33.70
C SER B 173 -5.55 -74.79 -34.38
N ASN B 174 -5.82 -73.51 -34.18
CA ASN B 174 -6.91 -72.81 -34.87
C ASN B 174 -6.47 -71.36 -35.05
N LEU B 175 -5.89 -71.08 -36.22
CA LEU B 175 -5.25 -69.80 -36.51
C LEU B 175 -6.15 -68.98 -37.44
N ARG B 176 -6.73 -67.92 -36.90
CA ARG B 176 -7.56 -67.00 -37.66
C ARG B 176 -6.74 -65.76 -38.01
N ILE B 177 -6.89 -65.28 -39.25
CA ILE B 177 -6.19 -64.08 -39.70
C ILE B 177 -7.17 -63.15 -40.39
N GLY B 178 -6.84 -61.87 -40.35
CA GLY B 178 -7.62 -60.83 -40.98
C GLY B 178 -6.73 -59.68 -41.41
N PHE B 179 -7.28 -58.80 -42.23
CA PHE B 179 -6.48 -57.73 -42.84
C PHE B 179 -7.23 -56.41 -42.80
N GLY B 180 -6.49 -55.33 -42.56
CA GLY B 180 -7.06 -54.00 -42.52
C GLY B 180 -6.01 -52.97 -42.89
N ALA B 181 -6.47 -51.82 -43.37
CA ALA B 181 -5.58 -50.80 -43.91
C ALA B 181 -5.87 -49.45 -43.27
N PHE B 182 -4.80 -48.72 -42.98
CA PHE B 182 -4.88 -47.34 -42.53
C PHE B 182 -3.94 -46.50 -43.39
N VAL B 183 -4.36 -45.27 -43.68
CA VAL B 183 -3.48 -44.33 -44.37
C VAL B 183 -3.26 -43.11 -43.50
N ASP B 184 -4.33 -42.37 -43.25
CA ASP B 184 -4.33 -41.18 -42.40
C ASP B 184 -5.76 -40.66 -42.38
N LYS B 185 -6.00 -39.67 -41.55
CA LYS B 185 -7.32 -39.07 -41.48
C LYS B 185 -7.57 -38.29 -42.76
N PRO B 186 -8.63 -38.60 -43.52
CA PRO B 186 -8.89 -37.91 -44.80
C PRO B 186 -9.47 -36.52 -44.59
N VAL B 187 -8.61 -35.60 -44.15
CA VAL B 187 -9.01 -34.22 -43.90
C VAL B 187 -8.05 -33.30 -44.65
N SER B 188 -8.43 -32.02 -44.70
CA SER B 188 -7.78 -31.07 -45.60
C SER B 188 -6.29 -30.93 -45.40
N PRO B 189 -5.76 -30.68 -44.18
CA PRO B 189 -4.31 -30.48 -44.06
C PRO B 189 -3.49 -31.71 -44.40
N TYR B 190 -4.07 -32.90 -44.36
CA TYR B 190 -3.34 -34.13 -44.66
C TYR B 190 -3.69 -34.73 -46.02
N MET B 191 -4.95 -34.60 -46.45
CA MET B 191 -5.39 -35.13 -47.73
C MET B 191 -5.39 -34.02 -48.77
N TYR B 192 -4.74 -34.26 -49.91
CA TYR B 192 -4.80 -33.33 -51.02
C TYR B 192 -6.24 -33.17 -51.47
N ILE B 193 -6.70 -31.93 -51.57
CA ILE B 193 -8.11 -31.65 -51.83
C ILE B 193 -8.35 -31.04 -53.20
N SER B 194 -7.35 -30.49 -53.86
CA SER B 194 -7.49 -29.97 -55.21
C SER B 194 -6.28 -30.39 -56.04
N PRO B 195 -6.43 -30.59 -57.36
CA PRO B 195 -7.65 -30.46 -58.19
C PRO B 195 -8.70 -31.53 -57.86
N PRO B 196 -9.94 -31.40 -58.34
CA PRO B 196 -10.96 -32.39 -57.98
C PRO B 196 -10.61 -33.82 -58.36
N GLU B 197 -9.74 -34.01 -59.36
CA GLU B 197 -9.26 -35.36 -59.67
C GLU B 197 -8.40 -35.93 -58.57
N ALA B 198 -7.82 -35.10 -57.70
CA ALA B 198 -7.05 -35.61 -56.57
C ALA B 198 -7.93 -36.37 -55.59
N LEU B 199 -9.19 -35.94 -55.43
CA LEU B 199 -10.11 -36.71 -54.60
C LEU B 199 -10.35 -38.10 -55.19
N GLU B 200 -10.51 -38.19 -56.51
CA GLU B 200 -10.64 -39.49 -57.15
C GLU B 200 -9.29 -40.18 -57.29
N ASN B 201 -8.23 -39.43 -57.55
CA ASN B 201 -6.90 -39.99 -57.75
C ASN B 201 -5.86 -39.11 -57.08
N PRO B 202 -5.50 -39.41 -55.83
CA PRO B 202 -4.54 -38.55 -55.11
C PRO B 202 -3.17 -38.49 -55.74
N CYS B 203 -2.79 -39.48 -56.55
CA CYS B 203 -1.48 -39.50 -57.20
C CYS B 203 -1.58 -39.12 -58.67
N TYR B 204 -2.46 -38.17 -58.97
CA TYR B 204 -2.65 -37.67 -60.32
C TYR B 204 -1.36 -37.05 -60.87
N ASP B 205 -0.67 -36.26 -60.04
CA ASP B 205 0.43 -35.43 -60.53
C ASP B 205 1.61 -36.28 -61.02
N MET B 206 1.82 -37.45 -60.42
CA MET B 206 2.85 -38.36 -60.90
C MET B 206 2.34 -39.27 -62.01
N LYS B 207 1.23 -38.90 -62.65
CA LYS B 207 0.66 -39.67 -63.77
C LYS B 207 0.40 -41.11 -63.35
N THR B 208 -0.20 -41.28 -62.18
CA THR B 208 -0.47 -42.59 -61.61
C THR B 208 -1.89 -42.61 -61.08
N THR B 209 -2.43 -43.81 -60.93
CA THR B 209 -3.77 -44.01 -60.39
C THR B 209 -3.67 -44.63 -59.01
N CYS B 210 -4.40 -44.08 -58.05
CA CYS B 210 -4.40 -44.56 -56.67
C CYS B 210 -5.85 -44.57 -56.19
N LEU B 211 -6.03 -44.82 -54.89
CA LEU B 211 -7.36 -44.90 -54.33
C LEU B 211 -7.66 -43.65 -53.49
N PRO B 212 -8.91 -43.22 -53.44
CA PRO B 212 -9.27 -42.13 -52.53
C PRO B 212 -8.88 -42.46 -51.10
N MET B 213 -8.26 -41.49 -50.43
CA MET B 213 -7.68 -41.74 -49.12
C MET B 213 -8.76 -42.03 -48.08
N PHE B 214 -8.41 -42.90 -47.13
CA PHE B 214 -9.34 -43.36 -46.11
C PHE B 214 -8.61 -43.46 -44.78
N GLY B 215 -9.36 -43.36 -43.69
CA GLY B 215 -8.77 -43.46 -42.37
C GLY B 215 -8.38 -44.87 -42.00
N TYR B 216 -9.38 -45.75 -41.91
CA TYR B 216 -9.16 -47.15 -41.57
C TYR B 216 -10.29 -47.97 -42.16
N LYS B 217 -9.96 -49.08 -42.80
CA LYS B 217 -10.98 -49.93 -43.40
C LYS B 217 -10.77 -51.38 -43.00
N HIS B 218 -11.88 -52.09 -42.84
CA HIS B 218 -11.87 -53.50 -42.47
C HIS B 218 -11.91 -54.31 -43.75
N VAL B 219 -10.73 -54.77 -44.20
CA VAL B 219 -10.63 -55.45 -45.48
C VAL B 219 -11.15 -56.88 -45.37
N LEU B 220 -10.53 -57.67 -44.51
CA LEU B 220 -10.83 -59.09 -44.36
C LEU B 220 -11.03 -59.43 -42.89
N THR B 221 -12.14 -60.09 -42.58
CA THR B 221 -12.43 -60.53 -41.21
C THR B 221 -11.50 -61.67 -40.81
N LEU B 222 -11.39 -61.91 -39.51
CA LEU B 222 -10.58 -63.00 -39.00
C LEU B 222 -11.10 -64.34 -39.52
N THR B 223 -10.21 -65.13 -40.11
CA THR B 223 -10.56 -66.45 -40.61
C THR B 223 -9.29 -67.27 -40.76
N ASP B 224 -9.46 -68.58 -40.86
CA ASP B 224 -8.35 -69.50 -41.05
C ASP B 224 -8.14 -69.86 -42.51
N GLN B 225 -8.90 -69.26 -43.43
CA GLN B 225 -8.83 -69.57 -44.84
C GLN B 225 -7.74 -68.72 -45.49
N VAL B 226 -6.61 -69.35 -45.80
CA VAL B 226 -5.51 -68.65 -46.45
C VAL B 226 -5.91 -68.22 -47.85
N THR B 227 -6.67 -69.06 -48.55
CA THR B 227 -7.12 -68.72 -49.90
C THR B 227 -7.92 -67.42 -49.89
N ARG B 228 -8.86 -67.29 -48.97
CA ARG B 228 -9.62 -66.05 -48.87
C ARG B 228 -8.74 -64.86 -48.48
N PHE B 229 -7.70 -65.09 -47.68
CA PHE B 229 -6.79 -64.01 -47.33
C PHE B 229 -6.05 -63.48 -48.55
N ASN B 230 -5.38 -64.38 -49.28
CA ASN B 230 -4.65 -63.96 -50.47
C ASN B 230 -5.57 -63.51 -51.59
N GLU B 231 -6.85 -63.89 -51.53
CA GLU B 231 -7.82 -63.34 -52.47
C GLU B 231 -8.20 -61.92 -52.10
N GLU B 232 -8.39 -61.65 -50.81
CA GLU B 232 -8.77 -60.31 -50.39
C GLU B 232 -7.60 -59.33 -50.52
N VAL B 233 -6.37 -59.82 -50.33
CA VAL B 233 -5.20 -59.06 -50.71
C VAL B 233 -5.09 -59.18 -52.23
N LYS B 234 -4.25 -58.36 -52.86
CA LYS B 234 -4.13 -58.12 -54.29
C LYS B 234 -5.27 -57.25 -54.80
N LYS B 235 -6.26 -56.92 -53.95
CA LYS B 235 -7.34 -56.02 -54.30
C LYS B 235 -7.18 -54.65 -53.63
N GLN B 236 -5.97 -54.32 -53.20
CA GLN B 236 -5.72 -53.11 -52.42
C GLN B 236 -5.06 -52.05 -53.29
N SER B 237 -5.65 -50.85 -53.28
CA SER B 237 -5.10 -49.69 -53.96
C SER B 237 -4.65 -48.68 -52.91
N VAL B 238 -3.36 -48.36 -52.92
CA VAL B 238 -2.80 -47.46 -51.91
C VAL B 238 -3.25 -46.03 -52.21
N SER B 239 -3.02 -45.14 -51.25
CA SER B 239 -3.27 -43.72 -51.39
C SER B 239 -2.05 -42.95 -50.91
N ARG B 240 -2.11 -41.63 -50.98
CA ARG B 240 -1.00 -40.78 -50.58
C ARG B 240 -1.50 -39.65 -49.70
N ASN B 241 -0.73 -39.36 -48.64
CA ASN B 241 -1.04 -38.29 -47.70
C ASN B 241 0.05 -37.22 -47.77
N ARG B 242 -0.32 -36.02 -47.34
CA ARG B 242 0.59 -34.87 -47.47
C ARG B 242 1.82 -35.00 -46.59
N ASP B 243 1.65 -35.47 -45.35
CA ASP B 243 2.71 -35.42 -44.36
C ASP B 243 3.08 -36.82 -43.87
N ALA B 244 4.25 -36.89 -43.25
CA ALA B 244 4.73 -38.17 -42.70
C ALA B 244 3.84 -38.74 -41.61
N PRO B 245 3.39 -38.00 -40.60
CA PRO B 245 2.64 -38.62 -39.50
C PRO B 245 1.33 -39.25 -39.98
N GLU B 246 1.21 -40.55 -39.77
CA GLU B 246 0.08 -41.34 -40.22
C GLU B 246 -0.99 -41.42 -39.13
N GLY B 247 -2.14 -41.98 -39.49
CA GLY B 247 -3.24 -42.13 -38.57
C GLY B 247 -3.40 -43.55 -38.05
N GLY B 248 -2.29 -44.19 -37.70
CA GLY B 248 -2.33 -45.59 -37.32
C GLY B 248 -3.05 -45.84 -36.00
N PHE B 249 -2.87 -44.96 -35.02
CA PHE B 249 -3.47 -45.16 -33.71
C PHE B 249 -4.99 -45.09 -33.77
N ASP B 250 -5.55 -44.22 -34.60
CA ASP B 250 -6.99 -44.18 -34.78
C ASP B 250 -7.52 -45.46 -35.42
N ALA B 251 -6.69 -46.16 -36.20
CA ALA B 251 -7.06 -47.46 -36.72
C ALA B 251 -6.97 -48.53 -35.64
N ILE B 252 -5.94 -48.46 -34.79
CA ILE B 252 -5.80 -49.41 -33.69
C ILE B 252 -7.02 -49.33 -32.77
N MET B 253 -7.49 -48.11 -32.51
CA MET B 253 -8.66 -47.94 -31.64
C MET B 253 -9.87 -48.68 -32.20
N GLN B 254 -10.19 -48.47 -33.47
CA GLN B 254 -11.38 -49.09 -34.05
C GLN B 254 -11.18 -50.59 -34.24
N ALA B 255 -9.94 -51.03 -34.48
CA ALA B 255 -9.68 -52.47 -34.53
C ALA B 255 -9.96 -53.12 -33.19
N THR B 256 -9.53 -52.48 -32.10
CA THR B 256 -9.77 -53.03 -30.77
C THR B 256 -11.25 -53.01 -30.42
N VAL B 257 -11.92 -51.86 -30.58
CA VAL B 257 -13.28 -51.74 -30.07
C VAL B 257 -14.26 -52.56 -30.88
N CYS B 258 -14.07 -52.68 -32.20
CA CYS B 258 -14.99 -53.42 -33.05
C CYS B 258 -14.68 -54.91 -33.02
N ASP B 259 -14.85 -55.49 -31.82
CA ASP B 259 -14.53 -56.90 -31.63
C ASP B 259 -15.45 -57.80 -32.45
N GLU B 260 -16.74 -57.47 -32.51
CA GLU B 260 -17.67 -58.27 -33.32
C GLU B 260 -17.33 -58.17 -34.80
N LYS B 261 -17.07 -56.95 -35.28
CA LYS B 261 -16.77 -56.77 -36.69
C LYS B 261 -15.48 -57.50 -37.08
N ILE B 262 -14.41 -57.29 -36.32
CA ILE B 262 -13.16 -58.01 -36.57
C ILE B 262 -13.35 -59.49 -36.28
N GLY B 263 -14.21 -59.82 -35.33
CA GLY B 263 -14.50 -61.21 -35.03
C GLY B 263 -13.54 -61.88 -34.09
N TRP B 264 -13.02 -61.17 -33.10
CA TRP B 264 -12.18 -61.80 -32.08
C TRP B 264 -12.97 -62.87 -31.36
N ARG B 265 -12.36 -64.04 -31.19
CA ARG B 265 -13.02 -65.13 -30.48
C ARG B 265 -13.06 -64.83 -28.98
N ASN B 266 -14.05 -65.42 -28.30
CA ASN B 266 -14.15 -65.25 -26.86
C ASN B 266 -12.94 -65.84 -26.15
N ASP B 267 -12.34 -66.88 -26.72
CA ASP B 267 -11.18 -67.55 -26.13
C ASP B 267 -10.12 -67.75 -27.21
N ALA B 268 -9.15 -66.84 -27.28
CA ALA B 268 -8.08 -66.94 -28.26
C ALA B 268 -6.93 -66.04 -27.85
N SER B 269 -5.74 -66.37 -28.35
CA SER B 269 -4.57 -65.52 -28.17
C SER B 269 -4.64 -64.41 -29.20
N HIS B 270 -4.95 -63.21 -28.74
CA HIS B 270 -5.14 -62.09 -29.65
C HIS B 270 -3.81 -61.42 -29.97
N LEU B 271 -3.63 -61.06 -31.23
CA LEU B 271 -2.50 -60.25 -31.66
C LEU B 271 -3.02 -59.20 -32.63
N LEU B 272 -2.17 -58.21 -32.91
CA LEU B 272 -2.50 -57.17 -33.87
C LEU B 272 -1.18 -56.63 -34.41
N VAL B 273 -0.81 -57.05 -35.61
CA VAL B 273 0.42 -56.59 -36.25
C VAL B 273 0.11 -55.27 -36.91
N PHE B 274 1.02 -54.31 -36.79
CA PHE B 274 0.79 -52.92 -37.20
C PHE B 274 2.02 -52.43 -37.93
N THR B 275 1.92 -52.27 -39.26
CA THR B 275 3.06 -51.99 -40.11
C THR B 275 2.98 -50.56 -40.62
N THR B 276 4.07 -49.82 -40.42
CA THR B 276 4.14 -48.42 -40.83
C THR B 276 5.59 -47.98 -41.01
N ASP B 277 5.75 -46.85 -41.68
CA ASP B 277 7.07 -46.33 -42.05
C ASP B 277 7.44 -45.00 -41.41
N ALA B 278 6.46 -44.19 -41.03
CA ALA B 278 6.75 -42.86 -40.53
C ALA B 278 6.06 -42.61 -39.19
N LYS B 279 6.08 -41.35 -38.74
CA LYS B 279 5.47 -40.98 -37.47
C LYS B 279 3.96 -41.21 -37.54
N THR B 280 3.29 -40.94 -36.41
CA THR B 280 1.84 -41.00 -36.36
C THR B 280 1.33 -39.87 -35.47
N HIS B 281 0.08 -39.49 -35.72
CA HIS B 281 -0.53 -38.41 -34.95
C HIS B 281 -0.99 -38.92 -33.59
N ILE B 282 -0.99 -38.02 -32.62
CA ILE B 282 -1.45 -38.34 -31.27
C ILE B 282 -2.66 -37.48 -30.94
N ALA B 283 -3.18 -37.60 -29.72
CA ALA B 283 -4.38 -36.85 -29.36
C ALA B 283 -4.12 -35.35 -29.42
N LEU B 284 -5.19 -34.61 -29.71
CA LEU B 284 -5.22 -33.16 -29.87
C LEU B 284 -4.48 -32.68 -31.11
N ASP B 285 -3.94 -33.61 -31.90
CA ASP B 285 -3.35 -33.18 -33.20
C ASP B 285 -4.50 -32.74 -34.10
N GLY B 286 -5.70 -33.30 -33.90
CA GLY B 286 -6.83 -32.96 -34.74
C GLY B 286 -7.15 -31.49 -34.79
N ARG B 287 -6.60 -30.69 -33.86
CA ARG B 287 -6.75 -29.25 -33.93
C ARG B 287 -6.13 -28.71 -35.22
N LEU B 288 -5.02 -29.32 -35.66
CA LEU B 288 -4.47 -29.00 -36.96
C LEU B 288 -5.51 -29.22 -38.05
N ALA B 289 -6.22 -30.34 -37.99
CA ALA B 289 -7.34 -30.59 -38.89
C ALA B 289 -8.62 -29.92 -38.41
N GLY B 290 -8.61 -29.30 -37.24
CA GLY B 290 -9.76 -28.61 -36.72
C GLY B 290 -10.74 -29.46 -35.94
N ILE B 291 -10.47 -30.76 -35.80
CA ILE B 291 -11.37 -31.66 -35.08
C ILE B 291 -10.82 -31.84 -33.66
N VAL B 292 -11.70 -31.66 -32.67
CA VAL B 292 -11.26 -31.57 -31.29
C VAL B 292 -11.86 -32.65 -30.40
N GLN B 293 -12.97 -33.25 -30.80
CA GLN B 293 -13.62 -34.27 -29.98
C GLN B 293 -12.66 -35.43 -29.73
N PRO B 294 -12.28 -35.69 -28.49
CA PRO B 294 -11.32 -36.78 -28.22
C PRO B 294 -11.95 -38.14 -28.50
N ASN B 295 -11.08 -39.14 -28.62
CA ASN B 295 -11.52 -40.47 -28.99
C ASN B 295 -12.38 -41.08 -27.88
N ASP B 296 -13.62 -41.42 -28.23
CA ASP B 296 -14.51 -42.08 -27.29
C ASP B 296 -14.18 -43.56 -27.24
N GLY B 297 -15.01 -44.35 -26.57
CA GLY B 297 -14.76 -45.77 -26.44
C GLY B 297 -15.79 -46.63 -27.13
N GLN B 298 -16.21 -46.24 -28.32
CA GLN B 298 -17.23 -46.95 -29.06
C GLN B 298 -16.68 -47.46 -30.39
N CYS B 299 -17.43 -48.37 -31.00
CA CYS B 299 -17.09 -48.92 -32.30
C CYS B 299 -17.95 -48.27 -33.37
N HIS B 300 -17.32 -47.80 -34.44
CA HIS B 300 -18.02 -47.10 -35.50
C HIS B 300 -17.79 -47.70 -36.88
N VAL B 301 -17.01 -48.77 -36.99
CA VAL B 301 -16.79 -49.42 -38.28
C VAL B 301 -18.10 -50.11 -38.69
N GLY B 302 -18.77 -49.54 -39.68
CA GLY B 302 -20.10 -49.98 -40.07
C GLY B 302 -20.10 -51.06 -41.12
N SER B 303 -21.23 -51.16 -41.83
CA SER B 303 -21.37 -52.19 -42.86
C SER B 303 -20.41 -51.96 -44.02
N ASP B 304 -20.02 -50.72 -44.26
CA ASP B 304 -19.08 -50.43 -45.33
C ASP B 304 -17.65 -50.87 -45.01
N ASN B 305 -17.42 -51.40 -43.80
CA ASN B 305 -16.11 -51.90 -43.40
C ASN B 305 -15.05 -50.81 -43.43
N HIS B 306 -15.46 -49.56 -43.20
CA HIS B 306 -14.57 -48.43 -43.15
C HIS B 306 -14.80 -47.65 -41.86
N TYR B 307 -13.79 -46.89 -41.45
CA TYR B 307 -13.88 -46.01 -40.30
C TYR B 307 -14.89 -44.91 -40.61
N SER B 308 -16.10 -45.02 -40.03
CA SER B 308 -17.17 -44.09 -40.38
C SER B 308 -16.90 -42.70 -39.84
N ALA B 309 -16.40 -42.61 -38.60
CA ALA B 309 -16.19 -41.34 -37.93
C ALA B 309 -14.70 -41.02 -37.77
N SER B 310 -13.91 -41.36 -38.79
CA SER B 310 -12.48 -41.08 -38.73
C SER B 310 -12.21 -39.58 -38.71
N THR B 311 -12.82 -38.84 -39.64
CA THR B 311 -12.59 -37.41 -39.71
C THR B 311 -13.14 -36.69 -38.49
N THR B 312 -14.32 -37.09 -38.02
CA THR B 312 -15.00 -36.38 -36.93
C THR B 312 -14.62 -36.96 -35.57
N MET B 313 -13.33 -37.07 -35.30
CA MET B 313 -12.84 -37.52 -34.00
C MET B 313 -11.33 -37.32 -33.95
N ASP B 314 -10.84 -36.96 -32.77
CA ASP B 314 -9.41 -36.77 -32.55
C ASP B 314 -8.68 -38.10 -32.53
N TYR B 315 -7.36 -38.03 -32.72
CA TYR B 315 -6.53 -39.22 -32.57
C TYR B 315 -6.52 -39.68 -31.12
N PRO B 316 -6.32 -40.97 -30.88
CA PRO B 316 -6.39 -41.48 -29.49
C PRO B 316 -5.09 -41.24 -28.74
N SER B 317 -5.25 -40.95 -27.44
CA SER B 317 -4.10 -40.79 -26.57
C SER B 317 -3.44 -42.13 -26.28
N LEU B 318 -2.17 -42.07 -25.86
CA LEU B 318 -1.45 -43.28 -25.52
C LEU B 318 -2.08 -44.00 -24.33
N GLY B 319 -2.56 -43.23 -23.36
CA GLY B 319 -3.22 -43.85 -22.21
C GLY B 319 -4.46 -44.62 -22.60
N LEU B 320 -5.29 -44.03 -23.46
CA LEU B 320 -6.47 -44.74 -23.94
C LEU B 320 -6.08 -45.96 -24.77
N MET B 321 -4.98 -45.85 -25.53
CA MET B 321 -4.50 -47.01 -26.28
C MET B 321 -4.11 -48.15 -25.35
N THR B 322 -3.37 -47.84 -24.28
CA THR B 322 -3.00 -48.88 -23.32
C THR B 322 -4.25 -49.46 -22.66
N GLU B 323 -5.19 -48.60 -22.28
CA GLU B 323 -6.41 -49.06 -21.62
C GLU B 323 -7.18 -50.02 -22.50
N LYS B 324 -7.34 -49.71 -23.78
CA LYS B 324 -8.13 -50.56 -24.65
C LYS B 324 -7.35 -51.75 -25.19
N LEU B 325 -6.01 -51.68 -25.20
CA LEU B 325 -5.22 -52.87 -25.53
C LEU B 325 -5.14 -53.84 -24.36
N SER B 326 -5.36 -53.38 -23.14
CA SER B 326 -5.40 -54.28 -21.99
C SER B 326 -6.80 -54.74 -21.62
N GLN B 327 -7.83 -53.94 -21.90
CA GLN B 327 -9.19 -54.37 -21.58
C GLN B 327 -9.65 -55.52 -22.47
N LYS B 328 -9.30 -55.48 -23.76
CA LYS B 328 -9.66 -56.53 -24.70
C LYS B 328 -8.54 -57.54 -24.90
N ASN B 329 -7.47 -57.45 -24.09
CA ASN B 329 -6.34 -58.38 -24.13
C ASN B 329 -5.64 -58.40 -25.48
N ILE B 330 -5.91 -57.42 -26.35
CA ILE B 330 -5.40 -57.41 -27.72
C ILE B 330 -3.94 -56.95 -27.65
N ASN B 331 -3.01 -57.89 -27.67
CA ASN B 331 -1.61 -57.54 -27.76
C ASN B 331 -1.32 -56.90 -29.12
N LEU B 332 -0.30 -56.05 -29.15
CA LEU B 332 0.01 -55.26 -30.34
C LEU B 332 1.47 -55.42 -30.70
N ILE B 333 1.75 -55.43 -32.00
CA ILE B 333 3.10 -55.60 -32.53
C ILE B 333 3.39 -54.45 -33.47
N PHE B 334 4.55 -53.83 -33.28
CA PHE B 334 4.95 -52.66 -34.06
C PHE B 334 5.99 -53.06 -35.11
N ALA B 335 5.55 -53.16 -36.36
CA ALA B 335 6.44 -53.35 -37.50
C ALA B 335 6.64 -51.98 -38.13
N VAL B 336 7.57 -51.22 -37.59
CA VAL B 336 7.85 -49.87 -38.07
C VAL B 336 9.22 -49.88 -38.73
N THR B 337 9.36 -49.03 -39.75
CA THR B 337 10.63 -48.98 -40.46
C THR B 337 11.75 -48.48 -39.53
N GLU B 338 12.99 -48.65 -39.99
CA GLU B 338 14.14 -48.24 -39.20
C GLU B 338 14.15 -46.74 -38.92
N ASN B 339 13.43 -45.95 -39.72
CA ASN B 339 13.38 -44.52 -39.51
C ASN B 339 12.73 -44.17 -38.17
N VAL B 340 11.67 -44.88 -37.80
CA VAL B 340 10.83 -44.47 -36.68
C VAL B 340 10.80 -45.54 -35.58
N VAL B 341 11.84 -46.37 -35.49
CA VAL B 341 11.87 -47.38 -34.44
C VAL B 341 11.92 -46.72 -33.08
N ASN B 342 12.85 -45.78 -32.89
CA ASN B 342 13.02 -45.14 -31.58
C ASN B 342 11.74 -44.40 -31.19
N LEU B 343 11.06 -43.78 -32.15
CA LEU B 343 9.81 -43.12 -31.84
C LEU B 343 8.76 -44.11 -31.36
N TYR B 344 8.71 -45.30 -31.98
CA TYR B 344 7.65 -46.24 -31.65
C TYR B 344 8.01 -47.17 -30.50
N GLN B 345 9.27 -47.58 -30.39
CA GLN B 345 9.67 -48.42 -29.27
C GLN B 345 9.46 -47.69 -27.94
N ASN B 346 9.68 -46.38 -27.92
CA ASN B 346 9.41 -45.60 -26.71
C ASN B 346 7.92 -45.61 -26.36
N TYR B 347 7.04 -45.86 -27.32
CA TYR B 347 5.63 -46.05 -26.99
C TYR B 347 5.40 -47.37 -26.27
N SER B 348 6.21 -48.40 -26.57
CA SER B 348 6.08 -49.67 -25.86
C SER B 348 6.24 -49.47 -24.36
N GLU B 349 7.13 -48.55 -23.96
CA GLU B 349 7.28 -48.25 -22.54
C GLU B 349 5.98 -47.70 -21.96
N LEU B 350 5.31 -46.81 -22.71
CA LEU B 350 4.06 -46.25 -22.21
C LEU B 350 2.86 -47.14 -22.50
N ILE B 351 3.04 -48.21 -23.27
CA ILE B 351 1.95 -49.14 -23.56
C ILE B 351 2.45 -50.56 -23.26
N PRO B 352 2.32 -51.04 -22.02
CA PRO B 352 2.75 -52.40 -21.71
C PRO B 352 1.98 -53.44 -22.52
N GLY B 353 2.66 -54.52 -22.86
CA GLY B 353 2.06 -55.56 -23.68
C GLY B 353 2.27 -55.42 -25.16
N THR B 354 3.20 -54.56 -25.59
CA THR B 354 3.46 -54.32 -27.00
C THR B 354 4.94 -54.51 -27.29
N THR B 355 5.26 -54.83 -28.54
CA THR B 355 6.63 -55.04 -28.97
C THR B 355 6.88 -54.30 -30.27
N VAL B 356 8.13 -53.94 -30.50
CA VAL B 356 8.54 -53.21 -31.70
C VAL B 356 9.41 -54.12 -32.56
N GLY B 357 9.36 -53.89 -33.86
CA GLY B 357 10.16 -54.65 -34.79
C GLY B 357 10.71 -53.78 -35.91
N VAL B 358 11.96 -54.01 -36.30
CA VAL B 358 12.58 -53.22 -37.36
C VAL B 358 12.12 -53.76 -38.71
N LEU B 359 11.02 -53.19 -39.22
CA LEU B 359 10.50 -53.64 -40.51
C LEU B 359 11.42 -53.20 -41.64
N SER B 360 11.65 -54.10 -42.59
CA SER B 360 12.52 -53.80 -43.72
C SER B 360 11.86 -52.78 -44.65
N MET B 361 12.69 -52.16 -45.49
CA MET B 361 12.18 -51.18 -46.43
C MET B 361 11.18 -51.81 -47.40
N ASP B 362 11.48 -53.00 -47.89
CA ASP B 362 10.58 -53.72 -48.77
C ASP B 362 9.43 -54.40 -48.02
N SER B 363 9.54 -54.51 -46.69
CA SER B 363 8.51 -55.15 -45.85
C SER B 363 8.26 -56.59 -46.27
N SER B 364 9.32 -57.28 -46.68
CA SER B 364 9.25 -58.71 -46.95
C SER B 364 9.59 -59.55 -45.74
N ASN B 365 9.95 -58.93 -44.62
CA ASN B 365 10.34 -59.62 -43.41
C ASN B 365 9.26 -59.63 -42.33
N VAL B 366 8.02 -59.24 -42.68
CA VAL B 366 6.97 -59.16 -41.68
C VAL B 366 6.54 -60.55 -41.21
N LEU B 367 6.76 -61.58 -42.03
CA LEU B 367 6.44 -62.94 -41.60
C LEU B 367 7.27 -63.33 -40.38
N GLN B 368 8.59 -63.17 -40.47
CA GLN B 368 9.45 -63.42 -39.32
C GLN B 368 9.15 -62.46 -38.18
N LEU B 369 8.68 -61.25 -38.48
CA LEU B 369 8.32 -60.31 -37.43
C LEU B 369 7.16 -60.85 -36.60
N ILE B 370 6.12 -61.35 -37.27
CA ILE B 370 5.00 -61.92 -36.54
C ILE B 370 5.42 -63.20 -35.82
N VAL B 371 6.30 -63.99 -36.43
CA VAL B 371 6.80 -65.21 -35.79
C VAL B 371 7.48 -64.86 -34.46
N ASP B 372 8.41 -63.90 -34.49
CA ASP B 372 9.09 -63.48 -33.28
C ASP B 372 8.17 -62.77 -32.30
N ALA B 373 7.15 -62.08 -32.79
CA ALA B 373 6.18 -61.45 -31.91
C ALA B 373 5.42 -62.50 -31.11
N TYR B 374 4.99 -63.58 -31.77
CA TYR B 374 4.32 -64.64 -31.04
C TYR B 374 5.31 -65.40 -30.15
N GLY B 375 6.57 -65.48 -30.56
CA GLY B 375 7.57 -66.15 -29.76
C GLY B 375 8.20 -65.32 -28.66
N LYS B 376 7.80 -64.05 -28.52
CA LYS B 376 8.38 -63.18 -27.51
C LYS B 376 7.39 -62.73 -26.45
N ILE B 377 6.24 -62.19 -26.85
CA ILE B 377 5.28 -61.67 -25.88
C ILE B 377 4.33 -62.74 -25.35
N ARG B 378 4.16 -63.84 -26.08
CA ARG B 378 3.38 -64.97 -25.59
C ARG B 378 4.22 -65.95 -24.80
N SER B 379 5.52 -65.70 -24.66
CA SER B 379 6.40 -66.57 -23.90
C SER B 379 6.32 -66.25 -22.40
N VAL B 381 5.31 -64.17 -18.74
CA VAL B 381 4.00 -63.92 -18.15
C VAL B 381 3.97 -62.54 -17.51
N GLU B 382 2.89 -61.80 -17.75
CA GLU B 382 2.71 -60.45 -17.24
C GLU B 382 1.54 -60.45 -16.25
N LEU B 383 1.82 -60.10 -15.00
CA LEU B 383 0.79 -60.03 -13.97
C LEU B 383 0.40 -58.58 -13.76
N GLU B 384 -0.88 -58.28 -13.98
CA GLU B 384 -1.40 -56.93 -13.83
C GLU B 384 -2.68 -56.97 -12.99
N VAL B 385 -2.88 -55.92 -12.21
CA VAL B 385 -4.00 -55.83 -11.28
C VAL B 385 -5.12 -55.02 -11.92
N ARG B 386 -6.35 -55.38 -11.58
CA ARG B 386 -7.52 -54.73 -12.15
C ARG B 386 -8.57 -54.47 -11.09
N ASP B 387 -9.38 -53.44 -11.32
CA ASP B 387 -10.55 -53.07 -10.51
C ASP B 387 -10.31 -53.29 -9.01
N LEU B 388 -9.19 -52.76 -8.54
CA LEU B 388 -8.87 -52.86 -7.12
C LEU B 388 -9.67 -51.83 -6.33
N PRO B 389 -10.42 -52.25 -5.30
CA PRO B 389 -11.18 -51.33 -4.46
C PRO B 389 -10.29 -50.46 -3.59
N GLU B 391 -9.65 -49.52 -0.13
CA GLU B 391 -8.41 -49.41 0.64
C GLU B 391 -7.65 -50.72 0.65
N LEU B 392 -7.03 -51.06 -0.48
CA LEU B 392 -6.28 -52.30 -0.61
C LEU B 392 -4.92 -52.02 -1.26
N SER B 393 -3.99 -52.93 -1.04
CA SER B 393 -2.66 -52.85 -1.62
C SER B 393 -2.08 -54.25 -1.70
N LEU B 394 -1.41 -54.55 -2.81
CA LEU B 394 -0.86 -55.88 -3.03
C LEU B 394 0.57 -55.77 -3.56
N SER B 395 1.34 -56.83 -3.35
CA SER B 395 2.71 -56.90 -3.84
C SER B 395 3.10 -58.36 -3.94
N PHE B 396 3.76 -58.71 -5.05
CA PHE B 396 4.21 -60.07 -5.29
C PHE B 396 5.69 -60.19 -4.90
N ASN B 397 6.00 -61.20 -4.09
CA ASN B 397 7.34 -61.34 -3.52
C ASN B 397 8.25 -62.21 -4.39
N ALA B 398 8.34 -61.86 -5.67
CA ALA B 398 9.33 -62.44 -6.59
C ALA B 398 9.31 -63.97 -6.58
N THR B 399 8.10 -64.54 -6.65
CA THR B 399 7.98 -65.99 -6.66
C THR B 399 8.31 -66.57 -8.03
N CYS B 400 7.54 -66.18 -9.05
CA CYS B 400 7.68 -66.61 -10.44
C CYS B 400 8.02 -68.09 -10.57
N LEU B 401 9.01 -68.41 -11.42
CA LEU B 401 9.37 -69.79 -11.78
C LEU B 401 8.07 -70.51 -12.16
N ASN B 402 7.85 -71.73 -11.66
CA ASN B 402 6.55 -72.38 -11.77
C ASN B 402 5.89 -72.50 -10.40
N ASN B 403 6.58 -73.09 -9.43
CA ASN B 403 6.16 -73.07 -8.05
C ASN B 403 7.31 -72.68 -7.11
N GLU B 404 8.53 -72.57 -7.62
CA GLU B 404 9.69 -72.23 -6.83
C GLU B 404 9.82 -70.72 -6.69
N VAL B 405 10.79 -70.28 -5.91
CA VAL B 405 11.05 -68.86 -5.66
C VAL B 405 12.56 -68.66 -5.76
N ILE B 406 13.01 -68.10 -6.87
CA ILE B 406 14.41 -67.78 -7.08
C ILE B 406 14.52 -66.28 -7.33
N PRO B 407 14.86 -65.49 -6.31
CA PRO B 407 15.06 -64.05 -6.53
C PRO B 407 16.17 -63.74 -7.52
N GLY B 408 17.15 -64.62 -7.66
CA GLY B 408 18.20 -64.39 -8.65
C GLY B 408 17.69 -64.43 -10.07
N LEU B 409 16.84 -65.41 -10.38
CA LEU B 409 16.29 -65.57 -11.73
C LEU B 409 14.93 -64.88 -11.84
N LYS B 410 14.91 -63.59 -11.52
CA LYS B 410 13.66 -62.83 -11.64
C LYS B 410 13.33 -62.52 -13.09
N SER B 411 14.13 -61.68 -13.74
CA SER B 411 13.98 -61.39 -15.16
C SER B 411 14.88 -62.30 -16.00
N CYS B 412 14.79 -63.61 -15.78
CA CYS B 412 15.58 -64.57 -16.52
C CYS B 412 14.99 -64.92 -17.87
N MET B 413 13.67 -64.79 -18.02
CA MET B 413 12.94 -65.15 -19.24
C MET B 413 13.24 -66.62 -19.53
N GLY B 414 13.58 -67.01 -20.76
CA GLY B 414 13.87 -68.39 -21.06
C GLY B 414 12.67 -69.29 -21.13
N LEU B 415 11.46 -68.75 -21.08
CA LEU B 415 10.25 -69.56 -21.13
C LEU B 415 9.93 -69.91 -22.57
N LYS B 416 9.79 -71.20 -22.87
CA LYS B 416 9.51 -71.61 -24.24
C LYS B 416 8.02 -71.48 -24.55
N ILE B 417 7.20 -72.29 -23.90
CA ILE B 417 5.74 -72.23 -24.04
C ILE B 417 5.09 -73.05 -22.94
N GLY B 418 3.87 -72.68 -22.57
CA GLY B 418 3.11 -73.45 -21.59
C GLY B 418 3.79 -73.53 -20.23
N ASP B 419 4.29 -72.42 -19.74
CA ASP B 419 5.03 -72.38 -18.48
C ASP B 419 4.10 -71.97 -17.35
N THR B 420 4.10 -72.76 -16.27
CA THR B 420 3.44 -72.34 -15.05
C THR B 420 4.28 -71.27 -14.36
N VAL B 421 3.61 -70.34 -13.69
CA VAL B 421 4.26 -69.29 -12.92
C VAL B 421 3.50 -69.09 -11.63
N SER B 422 4.24 -69.00 -10.52
CA SER B 422 3.67 -68.75 -9.21
C SER B 422 3.77 -67.27 -8.87
N PHE B 423 2.65 -66.68 -8.44
CA PHE B 423 2.60 -65.27 -8.06
C PHE B 423 1.90 -65.16 -6.72
N SER B 424 2.64 -64.85 -5.68
CA SER B 424 2.11 -64.72 -4.32
C SER B 424 1.99 -63.23 -4.00
N ILE B 425 0.77 -62.72 -4.01
CA ILE B 425 0.49 -61.31 -3.78
C ILE B 425 0.01 -61.13 -2.35
N GLU B 426 0.55 -60.13 -1.67
CA GLU B 426 0.21 -59.83 -0.27
C GLU B 426 -0.79 -58.69 -0.26
N ALA B 427 -2.08 -59.03 -0.19
CA ALA B 427 -3.13 -58.03 -0.09
C ALA B 427 -3.06 -57.40 1.29
N LYS B 428 -2.86 -56.08 1.31
CA LYS B 428 -2.79 -55.30 2.54
C LYS B 428 -3.95 -54.31 2.56
N VAL B 429 -4.62 -54.21 3.71
CA VAL B 429 -5.75 -53.29 3.85
C VAL B 429 -5.41 -52.20 4.86
N GLY B 431 -7.44 -50.70 7.60
CA GLY B 431 -8.73 -50.30 8.13
C GLY B 431 -9.87 -51.20 7.67
N CYS B 432 -11.10 -50.81 7.98
CA CYS B 432 -12.28 -51.58 7.60
C CYS B 432 -13.02 -50.84 6.50
N PRO B 433 -13.05 -51.36 5.27
CA PRO B 433 -13.85 -50.72 4.22
C PRO B 433 -15.32 -50.71 4.58
N GLN B 434 -16.00 -49.62 4.21
CA GLN B 434 -17.42 -49.51 4.52
C GLN B 434 -18.25 -50.43 3.64
N GLU B 435 -17.87 -50.59 2.37
CA GLU B 435 -18.53 -51.53 1.47
C GLU B 435 -18.10 -52.94 1.85
N LYS B 436 -18.91 -53.61 2.68
CA LYS B 436 -18.54 -54.93 3.17
C LYS B 436 -18.44 -55.93 2.03
N GLU B 437 -19.42 -55.94 1.13
CA GLU B 437 -19.41 -56.85 0.01
C GLU B 437 -18.53 -56.32 -1.12
N LYS B 438 -17.55 -57.12 -1.53
CA LYS B 438 -16.64 -56.73 -2.59
C LYS B 438 -15.99 -57.97 -3.18
N SER B 439 -15.83 -57.98 -4.50
CA SER B 439 -15.21 -59.09 -5.23
C SER B 439 -14.45 -58.48 -6.41
N PHE B 440 -13.13 -58.31 -6.25
CA PHE B 440 -12.36 -57.69 -7.31
C PHE B 440 -11.68 -58.75 -8.18
N THR B 441 -11.33 -58.35 -9.40
CA THR B 441 -10.88 -59.27 -10.43
C THR B 441 -9.41 -59.03 -10.74
N ILE B 442 -8.65 -60.12 -10.85
CA ILE B 442 -7.26 -60.06 -11.28
C ILE B 442 -7.12 -60.89 -12.55
N LYS B 443 -6.62 -60.26 -13.61
CA LYS B 443 -6.47 -60.91 -14.90
C LYS B 443 -5.12 -60.52 -15.50
N PRO B 444 -4.31 -61.49 -15.90
CA PRO B 444 -3.01 -61.15 -16.50
C PRO B 444 -3.15 -60.52 -17.88
N VAL B 445 -2.03 -60.18 -18.51
CA VAL B 445 -2.04 -59.47 -19.78
C VAL B 445 -2.24 -60.49 -20.91
N GLY B 446 -3.28 -60.29 -21.70
CA GLY B 446 -3.56 -61.15 -22.83
C GLY B 446 -4.44 -62.35 -22.55
N PHE B 447 -4.17 -63.04 -21.45
CA PHE B 447 -4.94 -64.21 -21.07
C PHE B 447 -6.27 -63.79 -20.44
N LYS B 448 -7.37 -64.36 -20.94
CA LYS B 448 -8.68 -64.02 -20.41
C LYS B 448 -9.01 -64.74 -19.11
N ASP B 449 -8.23 -65.75 -18.73
CA ASP B 449 -8.47 -66.46 -17.49
C ASP B 449 -8.20 -65.54 -16.31
N SER B 450 -9.23 -65.25 -15.53
CA SER B 450 -9.15 -64.29 -14.44
C SER B 450 -9.66 -64.90 -13.15
N LEU B 451 -9.21 -64.34 -12.03
CA LEU B 451 -9.59 -64.81 -10.71
C LEU B 451 -10.41 -63.73 -10.01
N ILE B 452 -11.47 -64.17 -9.31
CA ILE B 452 -12.38 -63.29 -8.61
C ILE B 452 -12.19 -63.50 -7.12
N VAL B 453 -11.82 -62.44 -6.41
CA VAL B 453 -11.64 -62.47 -4.97
C VAL B 453 -12.85 -61.78 -4.36
N GLN B 454 -13.78 -62.56 -3.82
CA GLN B 454 -14.84 -62.03 -3.00
C GLN B 454 -14.25 -61.66 -1.63
N VAL B 455 -13.57 -60.52 -1.57
CA VAL B 455 -12.94 -60.10 -0.33
C VAL B 455 -13.96 -59.31 0.50
N THR B 456 -14.34 -59.89 1.64
CA THR B 456 -15.36 -59.31 2.51
C THR B 456 -14.75 -59.23 3.91
N PHE B 457 -14.17 -58.08 4.23
CA PHE B 457 -13.48 -57.91 5.50
C PHE B 457 -14.45 -58.07 6.67
N ASP B 458 -14.01 -58.80 7.69
CA ASP B 458 -14.79 -58.98 8.91
C ASP B 458 -14.27 -58.00 9.95
N CYS B 459 -15.16 -57.13 10.44
CA CYS B 459 -14.77 -56.06 11.36
C CYS B 459 -15.54 -56.05 12.66
N ASP B 460 -16.80 -56.49 12.67
CA ASP B 460 -17.66 -56.38 13.84
C ASP B 460 -17.78 -57.74 14.53
N CYS B 461 -18.57 -57.76 15.59
CA CYS B 461 -18.82 -58.95 16.39
C CYS B 461 -20.28 -59.34 16.29
N ALA B 462 -20.55 -60.65 16.44
CA ALA B 462 -21.94 -61.08 16.56
C ALA B 462 -22.58 -60.49 17.81
N CYS B 463 -21.85 -60.50 18.93
CA CYS B 463 -22.33 -59.80 20.11
C CYS B 463 -22.44 -58.30 19.85
N GLN B 464 -21.60 -57.74 18.98
CA GLN B 464 -21.76 -56.35 18.60
C GLN B 464 -23.11 -56.12 17.92
N ALA B 465 -23.53 -57.05 17.06
CA ALA B 465 -24.89 -56.98 16.53
C ALA B 465 -25.91 -57.12 17.65
N GLN B 466 -25.60 -57.92 18.67
CA GLN B 466 -26.47 -58.03 19.83
C GLN B 466 -26.36 -56.80 20.74
N ALA B 467 -25.16 -56.59 21.29
CA ALA B 467 -24.73 -55.40 22.05
C ALA B 467 -25.40 -55.25 23.42
N GLU B 468 -26.38 -56.10 23.76
CA GLU B 468 -27.08 -56.07 25.05
C GLU B 468 -27.46 -54.64 25.43
N PRO B 469 -28.47 -54.06 24.77
CA PRO B 469 -28.77 -52.64 24.99
C PRO B 469 -29.27 -52.31 26.40
N ASN B 470 -29.80 -53.28 27.14
CA ASN B 470 -30.45 -53.02 28.43
C ASN B 470 -29.93 -53.97 29.50
N SER B 471 -28.61 -54.06 29.63
CA SER B 471 -28.01 -54.86 30.70
C SER B 471 -28.55 -54.42 32.05
N HIS B 472 -29.17 -55.37 32.77
CA HIS B 472 -29.82 -55.04 34.03
C HIS B 472 -28.83 -54.52 35.05
N ARG B 473 -27.66 -55.15 35.16
CA ARG B 473 -26.67 -54.73 36.14
C ARG B 473 -26.04 -53.39 35.81
N CYS B 474 -26.17 -52.92 34.57
CA CYS B 474 -25.54 -51.66 34.16
C CYS B 474 -26.51 -50.52 34.42
N ASN B 475 -26.39 -49.91 35.60
CA ASN B 475 -27.10 -48.69 35.96
C ASN B 475 -28.61 -48.85 35.80
N ASN B 476 -29.13 -49.91 36.43
CA ASN B 476 -30.57 -50.18 36.49
C ASN B 476 -31.17 -50.40 35.10
N GLY B 477 -30.59 -51.35 34.37
CA GLY B 477 -31.16 -51.81 33.12
C GLY B 477 -31.26 -50.78 32.00
N ASN B 478 -30.20 -50.00 31.80
CA ASN B 478 -30.17 -49.04 30.71
C ASN B 478 -28.87 -49.06 29.92
N GLY B 479 -27.88 -49.88 30.33
CA GLY B 479 -26.58 -49.87 29.70
C GLY B 479 -26.52 -50.78 28.49
N THR B 480 -26.03 -50.22 27.38
CA THR B 480 -25.80 -51.00 26.17
C THR B 480 -24.48 -51.76 26.34
N PHE B 481 -24.56 -52.88 27.05
CA PHE B 481 -23.34 -53.56 27.47
C PHE B 481 -22.68 -54.21 26.26
N GLU B 482 -21.81 -53.46 25.61
CA GLU B 482 -21.20 -53.89 24.36
C GLU B 482 -20.15 -54.96 24.62
N CYS B 483 -20.60 -56.15 24.99
CA CYS B 483 -19.76 -57.34 25.09
C CYS B 483 -18.66 -57.18 26.14
N GLY B 484 -18.89 -56.34 27.14
CA GLY B 484 -17.89 -56.12 28.17
C GLY B 484 -17.78 -54.68 28.63
N VAL B 485 -18.41 -53.77 27.89
CA VAL B 485 -18.36 -52.34 28.20
C VAL B 485 -19.78 -51.78 28.17
N CYS B 486 -20.10 -50.95 29.15
CA CYS B 486 -21.47 -50.48 29.32
C CYS B 486 -21.87 -49.47 28.24
N ARG B 487 -20.99 -48.52 27.93
CA ARG B 487 -21.23 -47.52 26.88
C ARG B 487 -22.51 -46.71 27.16
N CYS B 488 -22.48 -45.96 28.25
CA CYS B 488 -23.62 -45.11 28.61
C CYS B 488 -23.16 -43.99 29.51
N GLY B 489 -24.01 -42.96 29.61
CA GLY B 489 -23.86 -41.95 30.63
C GLY B 489 -22.82 -40.88 30.29
N PRO B 490 -23.20 -39.61 30.46
CA PRO B 490 -22.20 -38.55 30.32
C PRO B 490 -21.25 -38.48 31.49
N GLY B 491 -21.75 -38.70 32.71
CA GLY B 491 -20.92 -38.68 33.90
C GLY B 491 -20.88 -40.03 34.57
N TRP B 492 -21.92 -40.83 34.38
CA TRP B 492 -21.99 -42.20 34.88
C TRP B 492 -21.64 -43.13 33.73
N LEU B 493 -20.34 -43.38 33.55
CA LEU B 493 -19.84 -44.19 32.45
C LEU B 493 -18.84 -45.24 32.94
N GLY B 494 -19.01 -45.72 34.16
CA GLY B 494 -18.11 -46.70 34.73
C GLY B 494 -18.38 -48.10 34.23
N SER B 495 -17.85 -49.08 34.99
CA SER B 495 -18.05 -50.49 34.63
C SER B 495 -19.53 -50.85 34.60
N GLN B 496 -20.35 -50.18 35.41
CA GLN B 496 -21.80 -50.31 35.35
C GLN B 496 -22.47 -48.98 35.02
N CYS B 497 -21.74 -48.06 34.38
CA CYS B 497 -22.20 -46.71 34.11
C CYS B 497 -22.64 -46.03 35.41
N GLU B 498 -21.67 -45.86 36.31
CA GLU B 498 -21.95 -45.33 37.63
C GLU B 498 -21.05 -44.16 38.05
N CYS B 499 -19.89 -43.97 37.42
CA CYS B 499 -18.98 -42.92 37.82
C CYS B 499 -18.10 -42.55 36.63
N SER B 500 -17.06 -41.76 36.89
CA SER B 500 -16.15 -41.30 35.85
C SER B 500 -14.85 -40.85 36.51
N GLU B 501 -13.85 -40.58 35.67
CA GLU B 501 -12.59 -40.04 36.16
C GLU B 501 -12.78 -38.68 36.83
N GLU B 502 -13.88 -38.00 36.53
CA GLU B 502 -14.21 -36.73 37.16
C GLU B 502 -14.71 -36.98 38.58
N ASP B 503 -15.32 -35.95 39.18
CA ASP B 503 -15.85 -36.06 40.57
C ASP B 503 -14.78 -36.65 41.51
N TYR B 504 -13.53 -36.20 41.33
CA TYR B 504 -12.40 -36.65 42.19
C TYR B 504 -12.33 -35.77 43.44
N ARG B 505 -12.34 -36.40 44.63
CA ARG B 505 -12.33 -35.62 45.89
C ARG B 505 -12.07 -36.55 47.09
N PRO B 506 -11.56 -36.05 48.23
CA PRO B 506 -11.39 -36.87 49.43
C PRO B 506 -12.68 -36.98 50.24
N GLN B 509 -18.20 -41.04 48.73
CA GLN B 509 -18.93 -42.35 48.80
C GLN B 509 -17.98 -43.44 49.29
N ASP B 510 -18.46 -44.34 50.16
CA ASP B 510 -17.60 -45.39 50.76
C ASP B 510 -17.79 -46.72 50.03
N GLU B 511 -16.95 -47.02 49.03
CA GLU B 511 -16.99 -48.35 48.36
C GLU B 511 -15.57 -48.88 48.35
N CYS B 512 -14.78 -48.58 47.31
CA CYS B 512 -13.35 -48.96 47.34
C CYS B 512 -12.73 -48.19 48.50
N SER B 513 -13.36 -47.09 48.91
CA SER B 513 -12.91 -46.27 50.07
C SER B 513 -13.88 -45.10 50.20
N PRO B 514 -14.08 -44.49 51.40
CA PRO B 514 -15.05 -43.40 51.56
C PRO B 514 -14.56 -42.12 50.85
N ARG B 515 -14.21 -42.22 49.57
CA ARG B 515 -13.71 -41.05 48.81
C ARG B 515 -14.39 -41.02 47.43
N GLU B 516 -13.70 -40.41 46.45
CA GLU B 516 -14.32 -40.27 45.11
C GLU B 516 -13.25 -40.03 44.05
N VAL B 520 -13.39 -47.26 41.18
CA VAL B 520 -14.54 -47.49 42.11
C VAL B 520 -14.72 -46.25 42.99
N CYS B 521 -14.17 -46.28 44.22
CA CYS B 521 -14.37 -45.15 45.16
C CYS B 521 -13.10 -44.90 45.98
N SER B 522 -12.17 -44.07 45.49
CA SER B 522 -11.00 -43.69 46.26
C SER B 522 -10.53 -42.27 45.96
N GLN B 523 -9.26 -42.02 46.27
CA GLN B 523 -8.67 -40.69 46.37
C GLN B 523 -9.11 -39.72 45.28
N ARG B 524 -8.73 -39.98 44.03
CA ARG B 524 -8.94 -38.99 42.96
C ARG B 524 -9.54 -39.64 41.72
N GLY B 525 -10.87 -39.72 41.71
CA GLY B 525 -11.68 -39.84 40.51
C GLY B 525 -12.46 -41.12 40.36
N GLU B 526 -11.82 -42.29 40.44
CA GLU B 526 -12.59 -43.46 40.81
C GLU B 526 -11.98 -44.19 42.00
N CYS B 527 -10.83 -44.83 41.78
CA CYS B 527 -10.16 -45.60 42.83
C CYS B 527 -8.78 -46.00 42.32
N LEU B 528 -7.74 -45.67 43.09
CA LEU B 528 -6.41 -46.20 42.85
C LEU B 528 -5.99 -47.00 44.08
N CYS B 529 -5.80 -48.31 43.89
CA CYS B 529 -5.51 -49.18 45.02
C CYS B 529 -4.18 -48.80 45.67
N GLY B 530 -4.14 -48.93 46.99
CA GLY B 530 -2.97 -48.55 47.76
C GLY B 530 -2.98 -47.10 48.16
N GLN B 531 -3.48 -46.22 47.27
CA GLN B 531 -3.57 -44.81 47.58
C GLN B 531 -4.58 -44.50 48.67
N CYS B 532 -5.50 -45.43 48.92
CA CYS B 532 -6.54 -45.24 49.93
C CYS B 532 -5.96 -45.02 51.32
N LEU C 32 -2.14 19.50 5.85
CA LEU C 32 -2.45 19.31 4.44
C LEU C 32 -3.88 18.83 4.25
N ASN C 33 -4.23 17.72 4.89
CA ASN C 33 -5.54 17.11 4.76
C ASN C 33 -6.36 17.21 6.04
N LEU C 34 -5.98 18.08 6.97
CA LEU C 34 -6.74 18.27 8.19
C LEU C 34 -7.95 19.14 7.88
N ASP C 35 -9.14 18.61 8.15
CA ASP C 35 -10.37 19.32 7.82
C ASP C 35 -10.54 20.52 8.74
N PRO C 36 -10.61 21.74 8.20
CA PRO C 36 -10.88 22.93 9.03
C PRO C 36 -12.35 23.33 9.11
N VAL C 37 -13.23 22.66 8.36
CA VAL C 37 -14.63 23.05 8.33
C VAL C 37 -15.38 22.36 9.46
N GLN C 38 -15.31 21.03 9.51
CA GLN C 38 -15.96 20.25 10.55
C GLN C 38 -14.95 19.99 11.66
N LEU C 39 -15.15 20.61 12.81
CA LEU C 39 -14.28 20.47 13.96
C LEU C 39 -15.04 19.87 15.12
N THR C 40 -14.32 19.25 16.04
CA THR C 40 -14.92 18.76 17.27
C THR C 40 -14.53 19.70 18.41
N PHE C 41 -15.52 20.17 19.16
CA PHE C 41 -15.30 21.12 20.25
C PHE C 41 -15.57 20.42 21.57
N TYR C 42 -14.52 20.24 22.36
CA TYR C 42 -14.63 19.68 23.71
C TYR C 42 -14.49 20.80 24.72
N ALA C 43 -15.49 20.95 25.59
CA ALA C 43 -15.54 22.06 26.52
C ALA C 43 -15.27 21.59 27.94
N GLY C 44 -14.66 22.48 28.73
CA GLY C 44 -14.50 22.27 30.15
C GLY C 44 -15.25 23.32 30.94
N PRO C 45 -14.99 23.38 32.24
CA PRO C 45 -15.62 24.43 33.07
C PRO C 45 -15.06 25.80 32.72
N ASN C 46 -15.86 26.83 33.01
CA ASN C 46 -15.46 28.20 32.72
C ASN C 46 -14.23 28.58 33.53
N GLY C 47 -13.28 29.22 32.86
CA GLY C 47 -12.05 29.66 33.52
C GLY C 47 -11.22 28.54 34.10
N SER C 48 -11.40 27.32 33.63
CA SER C 48 -10.70 26.16 34.18
C SER C 48 -9.40 25.83 33.44
N GLN C 49 -9.03 26.63 32.45
CA GLN C 49 -7.85 26.37 31.63
C GLN C 49 -7.90 24.98 31.00
N PHE C 50 -9.10 24.55 30.62
CA PHE C 50 -9.31 23.23 30.01
C PHE C 50 -8.66 23.21 28.64
N GLY C 51 -7.52 22.55 28.54
CA GLY C 51 -6.81 22.48 27.28
C GLY C 51 -5.35 22.86 27.41
N PHE C 52 -4.89 23.07 28.64
CA PHE C 52 -3.50 23.47 28.87
C PHE C 52 -2.53 22.42 28.38
N SER C 53 -2.84 21.15 28.62
CA SER C 53 -2.09 20.03 28.08
C SER C 53 -3.07 18.91 27.75
N LEU C 54 -2.70 18.08 26.78
CA LEU C 54 -3.61 17.01 26.36
C LEU C 54 -2.81 15.87 25.75
N ASP C 55 -3.40 14.68 25.78
CA ASP C 55 -2.75 13.48 25.17
C ASP C 55 -3.87 12.52 24.76
N PHE C 56 -3.52 11.47 24.01
CA PHE C 56 -4.52 10.47 23.56
C PHE C 56 -4.42 9.23 24.44
N HIS C 57 -5.50 8.84 25.12
CA HIS C 57 -5.49 7.59 25.91
C HIS C 57 -6.18 6.48 25.12
N LYS C 58 -5.53 5.33 24.99
CA LYS C 58 -6.12 4.21 24.21
C LYS C 58 -6.78 3.21 25.15
N ASP C 59 -8.12 3.17 25.14
CA ASP C 59 -8.86 2.20 25.94
C ASP C 59 -8.44 0.78 25.55
N SER C 60 -8.69 -0.16 26.46
CA SER C 60 -8.31 -1.54 26.22
C SER C 60 -8.89 -2.06 24.91
N HIS C 61 -10.13 -1.68 24.59
CA HIS C 61 -10.76 -2.14 23.36
C HIS C 61 -10.23 -1.44 22.11
N GLY C 62 -9.17 -0.65 22.22
CA GLY C 62 -8.69 0.12 21.09
C GLY C 62 -9.45 1.41 20.83
N ARG C 63 -10.44 1.73 21.67
CA ARG C 63 -11.18 2.97 21.53
C ARG C 63 -10.33 4.12 22.07
N VAL C 64 -10.18 5.18 21.28
CA VAL C 64 -9.26 6.28 21.68
C VAL C 64 -10.03 7.35 22.45
N ALA C 65 -9.43 7.87 23.52
CA ALA C 65 -10.06 8.96 24.30
C ALA C 65 -9.03 10.08 24.46
N ILE C 66 -9.48 11.27 24.82
CA ILE C 66 -8.55 12.38 25.03
C ILE C 66 -8.44 12.67 26.52
N VAL C 67 -7.19 12.76 27.00
CA VAL C 67 -6.95 13.18 28.40
C VAL C 67 -6.59 14.67 28.34
N VAL C 68 -7.36 15.53 29.01
CA VAL C 68 -7.19 16.97 28.94
C VAL C 68 -6.95 17.48 30.36
N GLY C 69 -5.84 18.16 30.57
CA GLY C 69 -5.57 18.79 31.83
C GLY C 69 -6.26 20.14 31.93
N ALA C 70 -6.83 20.43 33.09
CA ALA C 70 -7.49 21.70 33.36
C ALA C 70 -6.92 22.23 34.68
N PRO C 71 -5.72 22.81 34.64
CA PRO C 71 -4.94 23.00 35.86
C PRO C 71 -5.47 24.05 36.81
N ARG C 72 -6.64 24.62 36.51
CA ARG C 72 -7.25 25.58 37.42
C ARG C 72 -8.73 25.29 37.62
N THR C 73 -9.11 24.02 37.55
CA THR C 73 -10.46 23.63 37.89
C THR C 73 -10.71 23.84 39.37
N LEU C 74 -11.94 24.24 39.71
CA LEU C 74 -12.30 24.44 41.10
C LEU C 74 -12.24 23.12 41.86
N GLY C 75 -11.55 23.15 43.00
CA GLY C 75 -11.53 21.99 43.87
C GLY C 75 -12.81 21.88 44.67
N PRO C 76 -12.86 20.85 45.52
CA PRO C 76 -14.05 20.68 46.38
C PRO C 76 -14.31 21.88 47.28
N SER C 77 -13.26 22.52 47.79
CA SER C 77 -13.43 23.70 48.63
C SER C 77 -13.33 24.99 47.82
N GLN C 78 -14.07 25.05 46.72
CA GLN C 78 -14.19 26.23 45.87
C GLN C 78 -12.87 26.93 45.62
N GLU C 79 -11.81 26.16 45.39
CA GLU C 79 -10.47 26.72 45.22
C GLU C 79 -9.81 26.10 44.00
N GLU C 80 -8.98 26.89 43.33
CA GLU C 80 -8.24 26.41 42.18
C GLU C 80 -7.27 25.33 42.62
N THR C 81 -7.55 24.09 42.21
CA THR C 81 -6.65 22.98 42.48
C THR C 81 -6.13 22.34 41.21
N GLY C 82 -7.02 21.95 40.31
CA GLY C 82 -6.63 21.29 39.08
C GLY C 82 -7.69 20.28 38.70
N GLY C 83 -7.38 19.50 37.67
CA GLY C 83 -8.31 18.49 37.21
C GLY C 83 -7.95 17.93 35.86
N VAL C 84 -8.40 16.71 35.59
CA VAL C 84 -8.16 16.04 34.32
C VAL C 84 -9.47 15.44 33.84
N PHE C 85 -9.78 15.67 32.57
CA PHE C 85 -11.01 15.18 31.96
C PHE C 85 -10.68 14.10 30.95
N LEU C 86 -11.52 13.06 30.93
CA LEU C 86 -11.36 11.93 30.02
C LEU C 86 -12.49 12.02 29.01
N CYS C 87 -12.23 12.71 27.91
CA CYS C 87 -13.24 12.95 26.88
C CYS C 87 -13.31 11.74 25.97
N PRO C 88 -14.42 11.01 25.94
CA PRO C 88 -14.59 9.96 24.93
C PRO C 88 -14.79 10.60 23.56
N TRP C 89 -14.33 9.89 22.53
CA TRP C 89 -14.44 10.42 21.18
C TRP C 89 -15.87 10.39 20.69
N ARG C 90 -16.32 11.51 20.13
CA ARG C 90 -17.65 11.62 19.55
C ARG C 90 -17.54 12.49 18.31
N ALA C 91 -18.69 12.84 17.74
CA ALA C 91 -18.74 13.74 16.60
C ALA C 91 -19.08 15.16 17.00
N GLU C 92 -20.16 15.35 17.76
CA GLU C 92 -20.53 16.68 18.19
C GLU C 92 -19.64 17.20 19.31
N GLY C 93 -19.17 16.31 20.18
CA GLY C 93 -18.34 16.73 21.30
C GLY C 93 -19.15 17.41 22.39
N GLY C 94 -18.43 18.02 23.32
CA GLY C 94 -19.07 18.72 24.42
C GLY C 94 -18.42 18.48 25.76
N GLN C 95 -19.24 18.43 26.82
CA GLN C 95 -18.72 18.19 28.16
C GLN C 95 -18.16 16.78 28.27
N CYS C 96 -17.25 16.60 29.22
CA CYS C 96 -16.58 15.33 29.46
C CYS C 96 -16.62 15.00 30.94
N PRO C 97 -16.52 13.72 31.28
CA PRO C 97 -16.31 13.35 32.69
C PRO C 97 -14.87 13.62 33.09
N SER C 98 -14.66 13.67 34.40
CA SER C 98 -13.36 13.97 34.98
C SER C 98 -12.87 12.79 35.83
N LEU C 99 -11.56 12.58 35.82
CA LEU C 99 -10.95 11.57 36.67
C LEU C 99 -10.88 12.10 38.09
N LEU C 100 -11.56 11.41 39.02
CA LEU C 100 -11.60 11.84 40.41
C LEU C 100 -10.29 11.47 41.10
N PHE C 101 -9.40 12.44 41.22
CA PHE C 101 -8.18 12.25 42.00
C PHE C 101 -8.46 12.65 43.45
N ASP C 102 -7.42 12.72 44.26
CA ASP C 102 -7.55 13.06 45.68
C ASP C 102 -7.11 14.50 45.87
N LEU C 103 -8.08 15.41 45.85
CA LEU C 103 -7.83 16.84 46.03
C LEU C 103 -8.05 17.17 47.50
N ARG C 104 -7.01 16.96 48.29
CA ARG C 104 -7.13 17.14 49.74
C ARG C 104 -5.76 17.23 50.38
N ASP C 105 -5.52 18.29 51.16
CA ASP C 105 -4.22 18.47 51.80
C ASP C 105 -3.94 17.32 52.76
N GLU C 106 -2.69 16.90 52.81
CA GLU C 106 -2.31 15.69 53.55
C GLU C 106 -1.38 16.08 54.69
N THR C 107 -1.60 15.45 55.85
CA THR C 107 -0.78 15.69 57.03
C THR C 107 -0.48 14.36 57.70
N ARG C 108 0.80 14.00 57.76
CA ARG C 108 1.23 12.76 58.37
C ARG C 108 2.48 13.01 59.21
N ASN C 109 2.38 12.73 60.50
CA ASN C 109 3.47 12.95 61.45
C ASN C 109 4.27 11.65 61.58
N VAL C 110 5.45 11.62 60.99
CA VAL C 110 6.34 10.45 61.09
C VAL C 110 7.21 10.70 62.31
N GLY C 111 6.67 10.34 63.48
CA GLY C 111 7.37 10.53 64.73
C GLY C 111 7.62 11.99 65.07
N SER C 112 8.88 12.41 65.00
CA SER C 112 9.23 13.79 65.32
C SER C 112 8.65 14.77 64.30
N GLN C 113 8.86 14.49 63.02
CA GLN C 113 8.52 15.45 61.98
C GLN C 113 7.01 15.43 61.68
N THR C 114 6.59 16.39 60.87
CA THR C 114 5.19 16.53 60.46
C THR C 114 5.19 16.90 58.98
N LEU C 115 4.92 15.91 58.14
CA LEU C 115 4.90 16.11 56.70
C LEU C 115 3.54 16.62 56.25
N GLN C 116 3.55 17.65 55.40
CA GLN C 116 2.34 18.27 54.90
C GLN C 116 2.43 18.46 53.41
N THR C 117 1.34 18.18 52.71
CA THR C 117 1.21 18.46 51.30
C THR C 117 0.00 19.36 51.08
N PHE C 118 0.22 20.46 50.37
CA PHE C 118 -0.78 21.48 50.11
C PHE C 118 -1.15 21.41 48.64
N LYS C 119 -2.37 20.97 48.37
CA LYS C 119 -2.92 20.90 47.02
C LYS C 119 -3.82 22.11 46.75
N ALA C 120 -3.21 23.29 46.77
CA ALA C 120 -3.92 24.52 46.46
C ALA C 120 -3.18 25.22 45.34
N ARG C 121 -3.87 25.47 44.23
CA ARG C 121 -3.25 25.99 43.01
C ARG C 121 -2.06 25.14 42.60
N GLN C 122 -2.20 23.82 42.79
CA GLN C 122 -1.12 22.91 42.45
C GLN C 122 -0.97 22.76 40.94
N GLY C 123 -2.05 22.97 40.19
CA GLY C 123 -2.00 22.84 38.75
C GLY C 123 -2.08 21.40 38.28
N LEU C 124 -3.06 20.66 38.78
CA LEU C 124 -3.26 19.27 38.38
C LEU C 124 -3.78 19.23 36.95
N GLY C 125 -2.89 18.92 36.01
CA GLY C 125 -3.26 18.89 34.61
C GLY C 125 -2.30 19.67 33.73
N ALA C 126 -1.28 20.26 34.34
CA ALA C 126 -0.29 21.02 33.58
C ALA C 126 0.53 20.13 32.66
N SER C 127 0.52 18.81 32.88
CA SER C 127 1.26 17.89 32.02
C SER C 127 0.57 16.53 32.13
N VAL C 128 -0.17 16.15 31.10
CA VAL C 128 -0.88 14.88 31.04
C VAL C 128 -0.26 14.04 29.94
N VAL C 129 0.20 12.84 30.29
CA VAL C 129 0.73 11.91 29.30
C VAL C 129 0.19 10.51 29.58
N SER C 130 -0.37 9.89 28.53
CA SER C 130 -0.95 8.54 28.70
C SER C 130 -0.03 7.50 28.08
N TRP C 131 0.28 6.44 28.82
CA TRP C 131 1.11 5.36 28.34
C TRP C 131 0.41 4.04 28.64
N SER C 132 0.30 3.19 27.63
CA SER C 132 -0.44 1.94 27.76
C SER C 132 -1.84 2.20 28.28
N ASP C 133 -2.12 1.79 29.52
CA ASP C 133 -3.43 1.97 30.14
C ASP C 133 -3.39 2.96 31.30
N VAL C 134 -2.27 3.62 31.55
CA VAL C 134 -2.12 4.53 32.67
C VAL C 134 -2.03 5.95 32.17
N ILE C 135 -2.47 6.89 33.02
CA ILE C 135 -2.44 8.32 32.75
C ILE C 135 -1.62 8.98 33.83
N VAL C 136 -0.64 9.79 33.43
CA VAL C 136 0.20 10.52 34.37
C VAL C 136 -0.19 11.99 34.21
N ALA C 137 -0.89 12.52 35.22
CA ALA C 137 -1.30 13.91 35.26
C ALA C 137 -0.53 14.61 36.37
N CYS C 138 0.31 15.56 36.02
CA CYS C 138 1.26 16.13 36.98
C CYS C 138 0.80 17.51 37.42
N ALA C 139 0.82 17.75 38.73
CA ALA C 139 0.64 19.07 39.29
C ALA C 139 2.00 19.59 39.72
N PRO C 140 2.60 20.52 38.98
CA PRO C 140 3.97 20.94 39.31
C PRO C 140 4.04 21.87 40.50
N TRP C 141 2.96 22.60 40.77
CA TRP C 141 2.96 23.63 41.80
C TRP C 141 2.27 23.17 43.08
N GLN C 142 2.29 21.87 43.37
CA GLN C 142 1.82 21.37 44.65
C GLN C 142 2.89 21.62 45.69
N HIS C 143 2.48 22.12 46.86
CA HIS C 143 3.46 22.54 47.85
C HIS C 143 3.65 21.48 48.92
N TRP C 144 4.79 21.53 49.59
CA TRP C 144 5.18 20.47 50.51
C TRP C 144 6.06 21.05 51.61
N ASN C 145 5.75 20.70 52.85
CA ASN C 145 6.46 21.22 54.01
C ASN C 145 6.73 20.10 55.00
N VAL C 146 7.80 20.27 55.78
CA VAL C 146 8.17 19.30 56.81
C VAL C 146 8.37 20.06 58.11
N LEU C 147 7.38 19.98 59.00
CA LEU C 147 7.40 20.69 60.27
C LEU C 147 8.05 19.82 61.33
N GLU C 148 9.31 20.09 61.64
CA GLU C 148 9.99 19.46 62.76
C GLU C 148 10.21 20.51 63.84
N LYS C 149 9.65 20.26 65.02
CA LYS C 149 9.62 21.21 66.13
C LYS C 149 9.42 22.65 65.64
N THR C 150 10.33 23.55 66.02
CA THR C 150 10.23 24.93 65.54
C THR C 150 10.65 25.04 64.08
N GLU C 151 11.67 24.29 63.67
CA GLU C 151 12.23 24.42 62.33
C GLU C 151 11.28 23.84 61.30
N GLU C 152 11.71 23.87 60.04
CA GLU C 152 10.95 23.31 58.94
C GLU C 152 11.87 23.24 57.72
N ALA C 153 11.32 22.74 56.62
CA ALA C 153 12.05 22.62 55.36
C ALA C 153 11.56 23.62 54.32
N GLU C 154 10.72 24.57 54.72
CA GLU C 154 10.16 25.63 53.87
C GLU C 154 9.09 25.07 52.94
N LYS C 155 7.97 25.77 52.85
CA LYS C 155 6.82 25.34 52.05
C LYS C 155 7.09 25.69 50.60
N THR C 156 7.77 24.78 49.91
CA THR C 156 8.19 24.98 48.54
C THR C 156 7.44 24.06 47.60
N PRO C 157 7.31 24.43 46.33
CA PRO C 157 6.65 23.55 45.34
C PRO C 157 7.60 22.48 44.83
N VAL C 158 7.31 21.23 45.16
CA VAL C 158 8.09 20.11 44.66
C VAL C 158 7.41 19.41 43.49
N GLY C 159 6.10 19.56 43.34
CA GLY C 159 5.37 18.90 42.29
C GLY C 159 5.02 17.46 42.65
N SER C 160 4.00 16.94 41.96
CA SER C 160 3.53 15.59 42.22
C SER C 160 2.76 15.10 41.00
N CYS C 161 3.19 13.99 40.43
CA CYS C 161 2.44 13.38 39.33
C CYS C 161 1.48 12.34 39.89
N PHE C 162 0.28 12.32 39.33
CA PHE C 162 -0.79 11.43 39.78
C PHE C 162 -1.00 10.44 38.64
N LEU C 163 -0.73 9.17 38.92
CA LEU C 163 -0.92 8.12 37.93
C LEU C 163 -2.24 7.42 38.20
N ALA C 164 -2.95 7.09 37.12
CA ALA C 164 -4.27 6.50 37.28
C ALA C 164 -4.50 5.48 36.19
N GLN C 165 -5.43 4.57 36.46
CA GLN C 165 -5.88 3.57 35.50
C GLN C 165 -7.40 3.65 35.47
N PRO C 166 -7.96 4.46 34.57
CA PRO C 166 -9.40 4.71 34.60
C PRO C 166 -10.25 3.48 34.37
N GLU C 167 -9.69 2.41 33.80
CA GLU C 167 -10.45 1.19 33.61
C GLU C 167 -10.45 0.29 34.84
N SER C 168 -9.61 0.58 35.84
CA SER C 168 -9.54 -0.24 37.03
C SER C 168 -9.52 0.56 38.33
N GLY C 169 -9.30 1.86 38.29
CA GLY C 169 -9.32 2.68 39.48
C GLY C 169 -8.02 2.74 40.24
N ARG C 170 -6.98 2.03 39.80
CA ARG C 170 -5.70 2.03 40.50
C ARG C 170 -5.06 3.41 40.47
N ARG C 171 -5.08 4.11 41.59
CA ARG C 171 -4.46 5.41 41.71
C ARG C 171 -3.09 5.28 42.37
N ALA C 172 -2.19 6.19 42.02
CA ALA C 172 -0.87 6.24 42.62
C ALA C 172 -0.33 7.65 42.48
N GLU C 173 0.71 7.95 43.25
CA GLU C 173 1.34 9.25 43.19
C GLU C 173 2.84 9.09 43.14
N TYR C 174 3.51 10.09 42.58
CA TYR C 174 4.97 10.08 42.45
C TYR C 174 5.47 11.49 42.70
N SER C 175 6.26 11.66 43.76
CA SER C 175 6.87 12.93 44.11
C SER C 175 8.34 12.68 44.42
N PRO C 176 9.18 12.59 43.38
CA PRO C 176 10.60 12.26 43.61
C PRO C 176 11.36 13.30 44.41
N CYS C 177 10.93 14.56 44.39
CA CYS C 177 11.71 15.63 45.00
C CYS C 177 11.33 15.95 46.43
N ARG C 178 10.34 15.26 46.99
CA ARG C 178 10.01 15.47 48.40
C ARG C 178 11.20 15.08 49.28
N GLY C 179 11.49 15.91 50.26
CA GLY C 179 12.57 15.64 51.20
C GLY C 179 12.17 16.04 52.59
N ASN C 180 12.91 15.50 53.56
CA ASN C 180 12.70 15.80 54.97
C ASN C 180 13.88 16.53 55.59
N THR C 181 14.85 16.95 54.78
CA THR C 181 16.00 17.69 55.31
C THR C 181 15.56 19.07 55.74
N LEU C 182 15.99 19.47 56.93
CA LEU C 182 15.62 20.78 57.46
C LEU C 182 16.28 21.89 56.65
N SER C 183 15.67 23.08 56.68
CA SER C 183 16.10 24.17 55.83
C SER C 183 17.55 24.57 56.12
N ARG C 184 17.92 24.63 57.41
CA ARG C 184 19.26 25.10 57.77
C ARG C 184 20.36 24.18 57.23
N ILE C 185 20.05 22.92 56.95
CA ILE C 185 21.08 22.00 56.46
C ILE C 185 21.61 22.45 55.11
N TYR C 186 20.69 22.82 54.19
CA TYR C 186 21.12 23.30 52.88
C TYR C 186 22.00 24.54 53.00
N VAL C 187 21.61 25.48 53.87
CA VAL C 187 22.43 26.65 54.12
C VAL C 187 23.81 26.23 54.62
N GLU C 188 23.86 25.22 55.49
CA GLU C 188 25.14 24.73 55.97
C GLU C 188 25.98 24.13 54.86
N ASN C 189 25.36 23.52 53.85
CA ASN C 189 26.09 22.86 52.77
C ASN C 189 25.84 23.53 51.42
N ASP C 190 25.68 24.86 51.42
CA ASP C 190 25.65 25.66 50.19
C ASP C 190 24.53 25.22 49.25
N PHE C 191 23.40 24.80 49.82
CA PHE C 191 22.22 24.42 49.04
C PHE C 191 22.54 23.29 48.06
N SER C 192 23.45 22.40 48.45
CA SER C 192 23.82 21.30 47.57
C SER C 192 22.71 20.25 47.55
N TRP C 193 22.37 19.79 46.33
CA TRP C 193 21.32 18.80 46.12
C TRP C 193 19.98 19.28 46.69
N ASP C 194 19.70 20.57 46.54
CA ASP C 194 18.46 21.17 47.03
C ASP C 194 17.36 20.92 46.02
N LYS C 195 16.49 19.96 46.31
CA LYS C 195 15.39 19.59 45.42
C LYS C 195 14.04 20.11 45.92
N ARG C 196 14.02 21.25 46.60
CA ARG C 196 12.79 21.73 47.20
C ARG C 196 11.89 22.45 46.20
N TYR C 197 12.43 23.00 45.13
CA TYR C 197 11.66 23.79 44.17
C TYR C 197 11.62 23.12 42.81
N CYS C 198 11.56 21.80 42.80
CA CYS C 198 11.62 21.05 41.56
C CYS C 198 10.46 21.40 40.63
N GLU C 199 9.24 21.42 41.17
CA GLU C 199 8.03 21.42 40.36
C GLU C 199 8.05 20.27 39.37
N ALA C 200 8.43 19.10 39.87
CA ALA C 200 8.47 17.90 39.05
C ALA C 200 7.12 17.62 38.43
N GLY C 201 7.13 17.24 37.16
CA GLY C 201 5.91 17.17 36.37
C GLY C 201 5.66 18.38 35.52
N PHE C 202 6.60 19.34 35.50
CA PHE C 202 6.52 20.47 34.60
C PHE C 202 6.44 20.01 33.15
N SER C 203 7.19 18.95 32.82
CA SER C 203 7.17 18.36 31.49
C SER C 203 7.35 16.85 31.66
N SER C 204 6.32 16.09 31.30
CA SER C 204 6.30 14.65 31.54
C SER C 204 6.33 13.91 30.21
N VAL C 205 7.17 12.90 30.12
CA VAL C 205 7.20 11.99 28.98
C VAL C 205 7.27 10.56 29.53
N VAL C 206 6.89 9.59 28.71
CA VAL C 206 6.99 8.18 29.07
C VAL C 206 7.67 7.45 27.93
N THR C 207 8.80 6.80 28.23
CA THR C 207 9.47 6.00 27.22
C THR C 207 8.64 4.76 26.88
N GLN C 208 9.04 4.08 25.81
CA GLN C 208 8.34 2.87 25.40
C GLN C 208 8.47 1.76 26.44
N ALA C 209 9.62 1.70 27.13
CA ALA C 209 9.84 0.68 28.15
C ALA C 209 9.06 0.94 29.43
N GLY C 210 8.18 1.93 29.45
CA GLY C 210 7.36 2.18 30.62
C GLY C 210 8.05 2.98 31.71
N GLU C 211 9.05 3.78 31.36
CA GLU C 211 9.73 4.64 32.32
C GLU C 211 9.20 6.05 32.19
N LEU C 212 8.67 6.58 33.28
CA LEU C 212 8.18 7.95 33.32
C LEU C 212 9.35 8.88 33.63
N VAL C 213 9.55 9.87 32.76
CA VAL C 213 10.61 10.86 32.91
C VAL C 213 9.95 12.22 33.10
N LEU C 214 10.32 12.90 34.19
CA LEU C 214 9.79 14.19 34.55
C LEU C 214 10.91 15.22 34.54
N GLY C 215 10.66 16.36 33.91
CA GLY C 215 11.60 17.46 33.95
C GLY C 215 11.26 18.46 35.03
N ALA C 216 12.12 18.57 36.03
CA ALA C 216 11.94 19.52 37.12
C ALA C 216 12.84 20.72 36.85
N PRO C 217 12.33 21.78 36.24
CA PRO C 217 13.19 22.91 35.88
C PRO C 217 13.80 23.60 37.09
N GLY C 218 13.10 23.58 38.21
CA GLY C 218 13.56 24.25 39.41
C GLY C 218 14.35 23.40 40.37
N GLY C 219 14.64 22.15 40.04
CA GLY C 219 15.42 21.33 40.94
C GLY C 219 16.88 21.76 40.98
N TYR C 220 17.56 21.30 42.04
CA TYR C 220 18.96 21.66 42.27
C TYR C 220 19.14 23.17 42.29
N TYR C 221 18.20 23.85 42.95
CA TYR C 221 18.17 25.31 43.01
C TYR C 221 18.08 25.93 41.62
N PHE C 222 17.01 25.57 40.92
CA PHE C 222 16.64 26.10 39.62
C PHE C 222 17.61 25.75 38.51
N LEU C 223 18.59 24.88 38.78
CA LEU C 223 19.37 24.31 37.69
C LEU C 223 18.50 23.39 36.83
N GLY C 224 17.66 22.58 37.47
CA GLY C 224 16.81 21.64 36.77
C GLY C 224 17.37 20.23 36.77
N LEU C 225 16.48 19.24 36.76
CA LEU C 225 16.89 17.85 36.78
C LEU C 225 15.85 17.00 36.07
N LEU C 226 16.17 15.74 35.87
CA LEU C 226 15.25 14.75 35.33
C LEU C 226 15.05 13.65 36.35
N ALA C 227 13.79 13.32 36.62
CA ALA C 227 13.44 12.23 37.52
C ALA C 227 12.78 11.13 36.70
N GLN C 228 13.45 9.97 36.62
CA GLN C 228 12.97 8.86 35.80
C GLN C 228 12.72 7.66 36.67
N ALA C 229 11.57 7.02 36.49
CA ALA C 229 11.23 5.85 37.30
C ALA C 229 10.26 4.96 36.54
N PRO C 230 10.37 3.64 36.66
CA PRO C 230 9.41 2.75 36.02
C PRO C 230 8.01 2.98 36.55
N VAL C 231 7.02 2.93 35.64
CA VAL C 231 5.64 3.14 36.05
C VAL C 231 5.16 2.00 36.94
N ALA C 232 5.59 0.77 36.63
CA ALA C 232 5.20 -0.38 37.45
C ALA C 232 5.71 -0.21 38.87
N ASP C 233 6.96 0.24 39.02
CA ASP C 233 7.49 0.47 40.36
C ASP C 233 6.77 1.61 41.06
N ILE C 234 6.38 2.65 40.33
CA ILE C 234 5.60 3.73 40.93
C ILE C 234 4.28 3.20 41.47
N PHE C 235 3.61 2.36 40.70
CA PHE C 235 2.34 1.78 41.16
C PHE C 235 2.54 0.80 42.29
N SER C 236 3.71 0.14 42.36
CA SER C 236 3.97 -0.90 43.34
C SER C 236 4.76 -0.41 44.54
N SER C 237 5.03 0.90 44.64
CA SER C 237 5.73 1.45 45.78
C SER C 237 4.95 2.58 46.44
N TYR C 238 3.66 2.69 46.14
CA TYR C 238 2.82 3.74 46.68
C TYR C 238 1.82 3.14 47.66
N ARG C 239 1.72 3.73 48.85
CA ARG C 239 0.79 3.30 49.87
C ARG C 239 -0.06 4.50 50.27
N PRO C 240 -1.39 4.38 50.25
CA PRO C 240 -2.24 5.54 50.59
C PRO C 240 -2.10 5.96 52.03
N GLY C 241 -1.53 7.14 52.27
CA GLY C 241 -1.31 7.62 53.61
C GLY C 241 0.13 8.01 53.87
N ILE C 242 1.06 7.25 53.32
CA ILE C 242 2.48 7.59 53.41
C ILE C 242 2.78 8.69 52.39
N LEU C 243 3.42 9.77 52.85
CA LEU C 243 3.68 10.92 52.01
C LEU C 243 5.11 10.96 51.49
N LEU C 244 6.08 10.57 52.31
CA LEU C 244 7.48 10.57 51.91
C LEU C 244 7.97 9.13 51.84
N TRP C 245 8.08 8.61 50.63
CA TRP C 245 8.70 7.30 50.43
C TRP C 245 9.79 7.44 49.38
N HIS C 246 10.36 6.33 48.94
CA HIS C 246 11.45 6.36 47.98
C HIS C 246 11.32 5.19 47.03
N VAL C 247 11.05 5.48 45.76
CA VAL C 247 11.10 4.45 44.73
C VAL C 247 12.52 3.95 44.60
N SER C 248 12.69 2.63 44.63
CA SER C 248 14.03 2.06 44.69
C SER C 248 14.76 2.13 43.35
N SER C 249 14.02 2.12 42.25
CA SER C 249 14.61 2.06 40.92
C SER C 249 14.68 3.41 40.22
N GLN C 250 14.25 4.48 40.87
CA GLN C 250 14.25 5.78 40.22
C GLN C 250 15.68 6.31 40.09
N SER C 251 15.87 7.17 39.10
CA SER C 251 17.15 7.83 38.87
C SER C 251 16.93 9.31 38.64
N LEU C 252 17.86 10.12 39.13
CA LEU C 252 17.76 11.57 39.05
C LEU C 252 19.04 12.15 38.49
N SER C 253 18.95 13.39 38.01
CA SER C 253 20.07 14.04 37.35
C SER C 253 21.15 14.40 38.37
N PHE C 254 22.20 15.06 37.90
CA PHE C 254 23.34 15.41 38.73
C PHE C 254 23.43 16.92 38.88
N ASP C 255 23.52 17.38 40.12
CA ASP C 255 23.76 18.79 40.37
C ASP C 255 25.15 19.18 39.88
N SER C 256 25.23 20.36 39.24
CA SER C 256 26.45 20.81 38.59
C SER C 256 26.89 22.14 39.17
N SER C 257 28.20 22.27 39.38
CA SER C 257 28.81 23.51 39.82
C SER C 257 29.23 24.39 38.66
N ASN C 258 29.01 23.96 37.42
CA ASN C 258 29.39 24.75 36.27
C ASN C 258 28.50 25.99 36.18
N PRO C 259 29.07 27.19 36.12
CA PRO C 259 28.25 28.41 36.15
C PRO C 259 27.28 28.51 34.99
N GLU C 260 27.53 27.83 33.88
CA GLU C 260 26.65 27.93 32.73
C GLU C 260 25.25 27.43 33.05
N TYR C 261 25.14 26.33 33.78
CA TYR C 261 23.84 25.70 34.03
C TYR C 261 22.97 26.49 34.98
N PHE C 262 23.52 27.49 35.66
CA PHE C 262 22.76 28.20 36.70
C PHE C 262 21.52 28.83 36.10
N ASP C 263 20.38 28.63 36.77
CA ASP C 263 19.07 29.10 36.31
C ASP C 263 18.76 28.61 34.90
N GLY C 264 19.27 27.42 34.56
CA GLY C 264 19.07 26.88 33.22
C GLY C 264 17.65 26.43 32.94
N TYR C 265 16.86 26.16 33.98
CA TYR C 265 15.54 25.55 33.82
C TYR C 265 15.64 24.28 32.99
N TRP C 266 16.65 23.47 33.31
CA TRP C 266 16.99 22.26 32.58
C TRP C 266 15.96 21.18 32.85
N GLY C 267 14.95 21.07 31.97
CA GLY C 267 13.84 20.17 32.22
C GLY C 267 12.52 20.85 31.89
N TYR C 268 12.61 22.05 31.33
CA TYR C 268 11.42 22.76 30.88
C TYR C 268 10.66 21.96 29.84
N SER C 269 11.39 21.31 28.94
CA SER C 269 10.82 20.43 27.93
C SER C 269 11.72 19.21 27.81
N VAL C 270 11.10 18.04 27.71
CA VAL C 270 11.84 16.78 27.67
C VAL C 270 11.21 15.87 26.64
N ALA C 271 12.04 15.13 25.91
CA ALA C 271 11.56 14.17 24.93
C ALA C 271 12.54 13.01 24.86
N VAL C 272 12.08 11.90 24.31
CA VAL C 272 12.86 10.67 24.24
C VAL C 272 13.01 10.25 22.78
N GLY C 273 14.13 9.62 22.49
CA GLY C 273 14.40 9.17 21.13
C GLY C 273 15.71 8.42 21.09
N GLU C 274 16.02 7.91 19.90
CA GLU C 274 17.25 7.16 19.66
C GLU C 274 18.26 8.07 18.99
N PHE C 275 19.41 8.28 19.65
CA PHE C 275 20.39 9.23 19.14
C PHE C 275 21.83 8.77 19.29
N ASP C 276 22.09 7.54 19.76
CA ASP C 276 23.46 7.11 20.00
C ASP C 276 23.81 5.80 19.31
N GLY C 277 22.93 5.26 18.47
CA GLY C 277 23.22 3.98 17.87
C GLY C 277 22.38 2.85 18.44
N ASP C 278 22.97 2.09 19.37
CA ASP C 278 22.34 0.93 19.99
C ASP C 278 20.88 1.20 20.35
N LEU C 279 20.00 0.34 19.83
CA LEU C 279 18.57 0.50 20.10
C LEU C 279 18.19 0.04 21.50
N ASN C 280 19.08 -0.70 22.18
CA ASN C 280 18.80 -1.09 23.56
C ASN C 280 18.74 0.13 24.47
N THR C 281 19.65 1.07 24.29
CA THR C 281 19.67 2.30 25.09
C THR C 281 18.68 3.30 24.54
N THR C 282 17.92 3.95 25.42
CA THR C 282 17.03 5.03 25.05
C THR C 282 17.60 6.34 25.59
N GLU C 283 17.54 7.38 24.76
CA GLU C 283 18.15 8.67 25.09
C GLU C 283 17.08 9.73 25.28
N TYR C 284 17.35 10.65 26.20
CA TYR C 284 16.45 11.76 26.50
C TYR C 284 16.97 13.04 25.87
N VAL C 285 16.06 13.82 25.31
CA VAL C 285 16.33 15.17 24.83
C VAL C 285 15.65 16.12 25.80
N VAL C 286 16.44 17.00 26.42
CA VAL C 286 15.97 17.86 27.49
C VAL C 286 16.31 19.31 27.14
N GLY C 287 15.32 20.20 27.29
CA GLY C 287 15.52 21.60 26.99
C GLY C 287 15.89 22.39 28.24
N ALA C 288 16.84 23.29 28.07
CA ALA C 288 17.25 24.25 29.09
C ALA C 288 17.12 25.64 28.49
N PRO C 289 15.91 26.21 28.50
CA PRO C 289 15.66 27.43 27.72
C PRO C 289 16.50 28.62 28.13
N THR C 290 17.03 28.64 29.36
CA THR C 290 17.84 29.74 29.85
C THR C 290 19.25 29.29 30.19
N TRP C 291 19.75 28.29 29.47
CA TRP C 291 21.09 27.78 29.72
C TRP C 291 22.13 28.80 29.30
N SER C 292 23.15 28.98 30.15
CA SER C 292 24.27 29.89 29.89
C SER C 292 23.78 31.32 29.65
N TRP C 293 23.20 31.89 30.71
CA TRP C 293 22.73 33.28 30.70
C TRP C 293 21.72 33.52 29.60
N THR C 294 20.60 32.79 29.70
CA THR C 294 19.44 32.92 28.81
C THR C 294 19.77 32.62 27.36
N LEU C 295 20.95 32.08 27.07
CA LEU C 295 21.27 31.69 25.71
C LEU C 295 20.37 30.55 25.24
N GLY C 296 20.13 29.57 26.11
CA GLY C 296 19.28 28.43 25.78
C GLY C 296 20.07 27.27 25.23
N ALA C 297 19.61 26.04 25.50
CA ALA C 297 20.31 24.87 24.99
C ALA C 297 19.37 23.68 25.00
N VAL C 298 19.77 22.63 24.28
CA VAL C 298 19.08 21.35 24.32
C VAL C 298 20.14 20.26 24.43
N GLU C 299 19.99 19.38 25.42
CA GLU C 299 20.96 18.34 25.67
C GLU C 299 20.38 16.98 25.33
N ILE C 300 21.14 16.18 24.59
CA ILE C 300 20.80 14.80 24.28
C ILE C 300 21.73 13.93 25.10
N LEU C 301 21.14 13.09 25.96
CA LEU C 301 21.94 12.31 26.90
C LEU C 301 21.26 10.97 27.15
N ASP C 302 22.08 9.96 27.45
CA ASP C 302 21.59 8.60 27.62
C ASP C 302 20.90 8.45 28.98
N SER C 303 20.56 7.21 29.33
CA SER C 303 19.83 6.96 30.57
C SER C 303 20.65 7.25 31.82
N TYR C 304 21.97 7.15 31.74
CA TYR C 304 22.82 7.51 32.86
C TYR C 304 23.07 9.01 32.94
N TYR C 305 22.35 9.80 32.16
CA TYR C 305 22.44 11.26 32.18
C TYR C 305 23.85 11.74 31.83
N GLN C 306 24.55 10.99 31.00
CA GLN C 306 25.82 11.43 30.45
C GLN C 306 25.54 12.21 29.17
N ARG C 307 25.96 13.46 29.14
CA ARG C 307 25.62 14.35 28.04
C ARG C 307 26.28 13.87 26.76
N LEU C 308 25.48 13.28 25.87
CA LEU C 308 26.00 12.85 24.57
C LEU C 308 26.31 14.04 23.69
N HIS C 309 25.40 15.01 23.63
CA HIS C 309 25.61 16.17 22.78
C HIS C 309 24.82 17.35 23.33
N ARG C 310 25.30 18.55 23.05
CA ARG C 310 24.63 19.79 23.45
C ARG C 310 24.43 20.66 22.21
N LEU C 311 23.22 21.17 22.05
CA LEU C 311 22.85 22.05 20.94
C LEU C 311 22.58 23.41 21.55
N ARG C 312 23.52 24.34 21.35
CA ARG C 312 23.40 25.66 21.94
C ARG C 312 22.33 26.47 21.23
N GLY C 313 21.91 27.56 21.89
CA GLY C 313 21.01 28.50 21.27
C GLY C 313 21.73 29.40 20.29
N GLU C 314 20.94 30.22 19.61
CA GLU C 314 21.46 31.15 18.62
C GLU C 314 21.33 32.61 19.06
N GLN C 315 20.19 32.97 19.63
CA GLN C 315 19.94 34.34 20.09
C GLN C 315 19.50 34.29 21.54
N MET C 316 20.08 35.16 22.36
CA MET C 316 19.74 35.18 23.77
C MET C 316 18.29 35.60 23.97
N ALA C 317 17.71 35.12 25.07
CA ALA C 317 16.32 35.37 25.47
C ALA C 317 15.31 34.86 24.43
N SER C 318 15.74 34.01 23.50
CA SER C 318 14.82 33.42 22.54
C SER C 318 14.12 32.19 23.07
N TYR C 319 14.56 31.65 24.21
CA TYR C 319 13.99 30.44 24.80
C TYR C 319 14.19 29.24 23.89
N PHE C 320 15.43 29.05 23.46
CA PHE C 320 15.81 27.90 22.62
C PHE C 320 15.81 26.65 23.49
N GLY C 321 14.71 25.92 23.46
CA GLY C 321 14.56 24.74 24.29
C GLY C 321 13.21 24.72 24.97
N HIS C 322 12.36 25.69 24.64
CA HIS C 322 11.03 25.75 25.23
C HIS C 322 10.20 24.53 24.87
N SER C 323 10.27 24.09 23.62
CA SER C 323 9.62 22.89 23.16
C SER C 323 10.62 22.04 22.39
N VAL C 324 10.60 20.74 22.61
CA VAL C 324 11.46 19.81 21.89
C VAL C 324 10.62 18.62 21.44
N ALA C 325 10.81 18.21 20.19
CA ALA C 325 10.14 17.04 19.65
C ALA C 325 11.16 16.18 18.91
N VAL C 326 10.90 14.88 18.89
CA VAL C 326 11.76 13.92 18.23
C VAL C 326 10.93 13.12 17.24
N THR C 327 11.30 13.18 15.96
CA THR C 327 10.62 12.42 14.92
C THR C 327 11.53 12.36 13.71
N ASP C 328 11.31 11.33 12.87
CA ASP C 328 12.13 11.10 11.69
C ASP C 328 11.42 11.69 10.48
N VAL C 329 11.59 13.01 10.32
CA VAL C 329 10.89 13.73 9.25
C VAL C 329 11.39 13.27 7.88
N ASN C 330 12.70 13.13 7.73
CA ASN C 330 13.27 12.81 6.43
C ASN C 330 13.18 11.32 6.09
N GLY C 331 12.73 10.49 7.02
CA GLY C 331 12.47 9.09 6.70
C GLY C 331 13.69 8.22 6.53
N ASP C 332 14.89 8.71 6.87
CA ASP C 332 16.10 7.93 6.67
C ASP C 332 16.30 6.86 7.73
N GLY C 333 15.33 6.65 8.62
CA GLY C 333 15.44 5.66 9.67
C GLY C 333 16.09 6.15 10.95
N ARG C 334 16.61 7.37 10.97
CA ARG C 334 17.22 7.94 12.16
C ARG C 334 16.37 9.09 12.68
N HIS C 335 16.19 9.14 13.99
CA HIS C 335 15.35 10.16 14.60
C HIS C 335 15.97 11.54 14.42
N ASP C 336 15.10 12.54 14.22
CA ASP C 336 15.51 13.91 13.99
C ASP C 336 14.92 14.79 15.08
N LEU C 337 15.56 15.93 15.33
CA LEU C 337 15.27 16.78 16.46
C LEU C 337 14.64 18.09 16.01
N LEU C 338 13.64 18.55 16.77
CA LEU C 338 12.94 19.79 16.49
C LEU C 338 12.92 20.63 17.76
N VAL C 339 13.58 21.78 17.71
CA VAL C 339 13.67 22.67 18.86
C VAL C 339 12.80 23.90 18.58
N GLY C 340 12.28 24.49 19.66
CA GLY C 340 11.46 25.67 19.53
C GLY C 340 11.94 26.84 20.35
N ALA C 341 11.98 28.02 19.74
CA ALA C 341 12.37 29.26 20.41
C ALA C 341 11.27 30.27 20.13
N PRO C 342 10.22 30.29 20.95
CA PRO C 342 9.06 31.14 20.66
C PRO C 342 9.37 32.62 20.69
N LEU C 343 10.47 33.03 21.31
CA LEU C 343 10.81 34.45 21.45
C LEU C 343 12.03 34.81 20.61
N TYR C 344 12.14 34.22 19.42
CA TYR C 344 13.24 34.56 18.53
C TYR C 344 12.92 35.84 17.77
N MET C 345 13.84 36.79 17.81
CA MET C 345 13.67 38.08 17.16
C MET C 345 14.46 38.05 15.86
N GLU C 346 13.75 37.86 14.75
CA GLU C 346 14.39 37.75 13.45
C GLU C 346 14.94 39.09 12.99
N SER C 347 15.93 39.03 12.11
CA SER C 347 16.60 40.23 11.59
C SER C 347 16.02 40.56 10.21
N ARG C 348 14.86 41.19 10.22
CA ARG C 348 14.26 41.65 8.97
C ARG C 348 15.06 42.83 8.41
N ALA C 349 14.87 43.06 7.11
CA ALA C 349 15.50 44.23 6.48
C ALA C 349 14.93 45.53 7.02
N ASP C 350 13.60 45.60 7.15
CA ASP C 350 12.96 46.82 7.64
C ASP C 350 13.00 46.89 9.16
N ARG C 351 12.62 45.80 9.83
CA ARG C 351 12.64 45.72 11.28
C ARG C 351 13.91 44.98 11.71
N LYS C 352 14.77 45.65 12.47
CA LYS C 352 16.04 45.06 12.85
C LYS C 352 15.84 43.80 13.69
N LEU C 353 14.90 43.83 14.62
CA LEU C 353 14.66 42.67 15.50
C LEU C 353 13.16 42.62 15.81
N ALA C 354 12.47 41.63 15.26
CA ALA C 354 11.04 41.45 15.48
C ALA C 354 10.79 40.08 16.08
N GLU C 355 10.07 40.04 17.20
CA GLU C 355 9.81 38.80 17.91
C GLU C 355 8.73 38.02 17.18
N VAL C 356 9.14 36.89 16.57
CA VAL C 356 8.23 36.03 15.83
C VAL C 356 8.25 34.60 16.34
N GLY C 357 9.45 34.05 16.56
CA GLY C 357 9.60 32.67 16.96
C GLY C 357 10.33 31.87 15.90
N ARG C 358 10.91 30.73 16.27
CA ARG C 358 11.70 29.99 15.31
C ARG C 358 11.81 28.52 15.73
N VAL C 359 11.61 27.62 14.76
CA VAL C 359 11.76 26.20 14.98
C VAL C 359 12.99 25.72 14.23
N TYR C 360 13.88 25.05 14.95
CA TYR C 360 15.09 24.46 14.38
C TYR C 360 14.86 22.98 14.12
N LEU C 361 15.34 22.52 12.97
CA LEU C 361 15.31 21.12 12.60
C LEU C 361 16.75 20.64 12.45
N PHE C 362 17.12 19.67 13.27
CA PHE C 362 18.42 19.01 13.22
C PHE C 362 18.23 17.60 12.70
N LEU C 363 19.02 17.23 11.70
CA LEU C 363 18.96 15.91 11.09
C LEU C 363 20.11 15.07 11.61
N GLN C 364 19.81 13.90 12.16
CA GLN C 364 20.83 13.03 12.71
C GLN C 364 21.51 12.25 11.60
N PRO C 365 22.81 12.39 11.41
CA PRO C 365 23.52 11.58 10.42
C PRO C 365 24.10 10.32 11.05
N ARG C 366 24.66 9.47 10.19
CA ARG C 366 25.47 8.36 10.66
C ARG C 366 26.72 8.90 11.34
N GLY C 367 27.26 8.12 12.28
CA GLY C 367 28.28 8.64 13.16
C GLY C 367 27.65 9.54 14.21
N PRO C 368 26.92 8.93 15.15
CA PRO C 368 25.94 9.70 15.94
C PRO C 368 26.49 10.95 16.62
N HIS C 369 27.72 10.91 17.12
CA HIS C 369 28.26 12.10 17.78
C HIS C 369 28.79 13.09 16.76
N ALA C 370 27.96 13.44 15.78
CA ALA C 370 28.33 14.44 14.78
C ALA C 370 27.18 15.38 14.46
N LEU C 371 26.03 15.26 15.13
CA LEU C 371 24.90 16.17 14.93
C LEU C 371 25.33 17.59 15.26
N GLY C 372 25.37 18.46 14.25
CA GLY C 372 25.94 19.78 14.42
C GLY C 372 25.01 20.93 14.07
N ALA C 373 25.35 21.65 13.01
CA ALA C 373 24.61 22.85 12.66
C ALA C 373 23.18 22.52 12.26
N PRO C 374 22.24 23.44 12.50
CA PRO C 374 20.84 23.16 12.17
C PRO C 374 20.66 22.88 10.69
N SER C 375 19.71 21.99 10.39
CA SER C 375 19.40 21.64 9.01
C SER C 375 18.26 22.47 8.43
N LEU C 376 17.35 22.98 9.26
CA LEU C 376 16.31 23.86 8.75
C LEU C 376 15.95 24.87 9.82
N LEU C 377 15.60 26.09 9.41
CA LEU C 377 15.29 27.19 10.32
C LEU C 377 13.94 27.78 9.90
N LEU C 378 12.85 27.19 10.40
CA LEU C 378 11.53 27.74 10.15
C LEU C 378 11.31 28.95 11.05
N THR C 379 10.67 29.99 10.51
CA THR C 379 10.44 31.21 11.27
C THR C 379 9.00 31.65 11.07
N GLY C 380 8.42 32.23 12.12
CA GLY C 380 7.05 32.72 12.07
C GLY C 380 6.98 34.08 11.40
N THR C 381 5.75 34.55 11.23
CA THR C 381 5.47 35.81 10.57
C THR C 381 4.88 36.87 11.49
N GLN C 382 3.80 36.53 12.19
CA GLN C 382 3.14 37.51 13.05
C GLN C 382 4.04 37.91 14.21
N LEU C 383 3.99 39.19 14.56
CA LEU C 383 4.75 39.68 15.70
C LEU C 383 4.12 39.21 17.00
N TYR C 384 4.96 38.77 17.94
CA TYR C 384 4.52 38.28 19.24
C TYR C 384 3.53 37.13 19.09
N GLY C 385 3.76 36.28 18.09
CA GLY C 385 2.94 35.10 17.88
C GLY C 385 3.46 33.84 18.53
N ARG C 386 4.72 33.86 18.97
CA ARG C 386 5.37 32.73 19.62
C ARG C 386 5.29 31.49 18.73
N PHE C 387 5.90 31.60 17.56
CA PHE C 387 6.01 30.47 16.64
C PHE C 387 7.04 29.48 17.19
N GLY C 388 6.60 28.27 17.47
CA GLY C 388 7.44 27.27 18.10
C GLY C 388 7.11 26.96 19.53
N SER C 389 5.99 27.48 20.05
CA SER C 389 5.57 27.15 21.40
C SER C 389 5.14 25.70 21.53
N ALA C 390 4.81 25.04 20.42
CA ALA C 390 4.39 23.65 20.46
C ALA C 390 4.76 22.98 19.14
N ILE C 391 5.56 21.93 19.23
CA ILE C 391 5.97 21.13 18.08
C ILE C 391 5.42 19.73 18.27
N ALA C 392 4.39 19.37 17.51
CA ALA C 392 3.75 18.07 17.63
C ALA C 392 4.10 17.20 16.43
N PRO C 393 4.79 16.08 16.60
CA PRO C 393 4.94 15.13 15.49
C PRO C 393 3.60 14.52 15.13
N LEU C 394 3.18 14.72 13.88
CA LEU C 394 1.88 14.29 13.41
C LEU C 394 1.89 12.86 12.85
N GLY C 395 3.04 12.25 12.69
CA GLY C 395 3.13 10.93 12.08
C GLY C 395 3.36 11.04 10.58
N ASP C 396 2.42 10.52 9.80
CA ASP C 396 2.51 10.50 8.34
C ASP C 396 1.20 10.97 7.73
N LEU C 397 0.71 12.11 8.22
CA LEU C 397 -0.57 12.71 7.83
C LEU C 397 -0.90 12.54 6.35
N ASP C 398 0.08 12.77 5.48
CA ASP C 398 -0.13 12.63 4.05
C ASP C 398 0.10 11.21 3.54
N ARG C 399 0.67 10.33 4.36
CA ARG C 399 0.91 8.93 3.99
C ARG C 399 1.76 8.84 2.73
N ASP C 400 3.00 9.32 2.83
CA ASP C 400 3.94 9.27 1.72
C ASP C 400 5.29 8.69 2.11
N GLY C 401 5.41 8.13 3.31
CA GLY C 401 6.67 7.60 3.77
C GLY C 401 7.58 8.59 4.46
N TYR C 402 7.13 9.82 4.68
CA TYR C 402 7.89 10.83 5.39
C TYR C 402 7.04 11.42 6.49
N ASN C 403 7.68 11.80 7.58
CA ASN C 403 6.98 12.24 8.78
C ASN C 403 6.69 13.74 8.74
N ASP C 404 5.47 14.09 9.13
CA ASP C 404 5.00 15.47 9.12
C ASP C 404 4.82 15.97 10.55
N ILE C 405 5.04 17.26 10.76
CA ILE C 405 4.94 17.87 12.07
C ILE C 405 3.96 19.04 12.01
N ALA C 406 3.60 19.53 13.19
CA ALA C 406 2.79 20.73 13.32
C ALA C 406 3.48 21.67 14.30
N VAL C 407 3.63 22.93 13.90
CA VAL C 407 4.19 23.96 14.76
C VAL C 407 3.11 24.98 15.03
N ALA C 408 2.89 25.31 16.29
CA ALA C 408 1.79 26.17 16.68
C ALA C 408 2.31 27.52 17.15
N ALA C 409 1.70 28.59 16.66
CA ALA C 409 1.92 29.93 17.19
C ALA C 409 0.65 30.35 17.90
N PRO C 410 0.60 30.30 19.24
CA PRO C 410 -0.67 30.54 19.95
C PRO C 410 -1.21 31.94 19.74
N TYR C 411 -0.38 32.91 19.37
CA TYR C 411 -0.82 34.27 19.16
C TYR C 411 -0.48 34.79 17.77
N GLY C 412 -0.11 33.90 16.86
CA GLY C 412 0.10 34.27 15.48
C GLY C 412 -1.22 34.45 14.74
N GLY C 413 -1.10 34.62 13.43
CA GLY C 413 -2.25 34.88 12.60
C GLY C 413 -2.54 36.37 12.52
N PRO C 414 -3.13 36.80 11.41
CA PRO C 414 -3.33 38.25 11.21
C PRO C 414 -4.08 38.92 12.34
N SER C 415 -5.10 38.27 12.88
CA SER C 415 -5.82 38.80 14.03
C SER C 415 -5.20 38.40 15.36
N GLY C 416 -4.16 37.58 15.35
CA GLY C 416 -3.47 37.21 16.57
C GLY C 416 -4.19 36.23 17.46
N ARG C 417 -5.25 35.59 16.96
CA ARG C 417 -6.03 34.67 17.77
C ARG C 417 -5.44 33.26 17.83
N GLY C 418 -4.43 32.97 17.02
CA GLY C 418 -3.78 31.67 17.08
C GLY C 418 -3.75 30.92 15.77
N GLN C 419 -2.62 30.28 15.48
CA GLN C 419 -2.47 29.53 14.24
C GLN C 419 -1.69 28.25 14.50
N VAL C 420 -1.94 27.26 13.64
CA VAL C 420 -1.15 26.03 13.60
C VAL C 420 -0.72 25.80 12.16
N LEU C 421 0.56 25.52 11.96
CA LEU C 421 1.14 25.34 10.64
C LEU C 421 1.59 23.90 10.48
N VAL C 422 1.10 23.24 9.44
CA VAL C 422 1.42 21.84 9.17
C VAL C 422 2.57 21.81 8.18
N PHE C 423 3.66 21.14 8.56
CA PHE C 423 4.83 20.99 7.71
C PHE C 423 4.98 19.53 7.34
N LEU C 424 5.03 19.26 6.03
CA LEU C 424 5.16 17.89 5.54
C LEU C 424 6.63 17.53 5.42
N GLY C 425 6.92 16.25 5.58
CA GLY C 425 8.27 15.76 5.49
C GLY C 425 8.67 15.40 4.06
N GLN C 426 9.97 15.48 3.79
CA GLN C 426 10.51 15.15 2.49
C GLN C 426 11.89 14.54 2.68
N SER C 427 12.55 14.22 1.56
CA SER C 427 13.83 13.53 1.62
C SER C 427 14.89 14.37 2.33
N GLU C 428 14.90 15.68 2.08
CA GLU C 428 15.88 16.58 2.68
C GLU C 428 15.17 17.52 3.64
N GLY C 429 15.39 17.33 4.93
CA GLY C 429 14.67 18.11 5.92
C GLY C 429 13.18 17.88 5.80
N LEU C 430 12.43 18.97 5.75
CA LEU C 430 11.00 18.91 5.47
C LEU C 430 10.59 20.22 4.79
N ARG C 431 9.33 20.28 4.37
CA ARG C 431 8.84 21.42 3.60
C ARG C 431 9.07 22.71 4.38
N SER C 432 9.61 23.72 3.70
CA SER C 432 9.87 25.01 4.32
C SER C 432 8.67 25.93 4.29
N ARG C 433 7.55 25.48 3.73
CA ARG C 433 6.33 26.27 3.72
C ARG C 433 5.21 25.45 4.35
N PRO C 434 4.24 26.11 4.99
CA PRO C 434 3.13 25.38 5.62
C PRO C 434 2.20 24.81 4.56
N SER C 435 2.07 23.48 4.54
CA SER C 435 1.11 22.85 3.65
C SER C 435 -0.30 23.28 3.98
N GLN C 436 -0.61 23.42 5.27
CA GLN C 436 -1.91 23.88 5.71
C GLN C 436 -1.73 24.78 6.92
N VAL C 437 -2.68 25.70 7.08
CA VAL C 437 -2.68 26.65 8.19
C VAL C 437 -4.07 26.62 8.81
N LEU C 438 -4.14 26.28 10.10
CA LEU C 438 -5.38 26.23 10.86
C LEU C 438 -5.48 27.47 11.73
N ASP C 439 -6.61 28.16 11.65
CA ASP C 439 -6.86 29.38 12.40
C ASP C 439 -7.79 29.09 13.57
N SER C 440 -7.69 29.93 14.58
CA SER C 440 -8.47 29.73 15.81
C SER C 440 -9.96 29.94 15.56
N PRO C 441 -10.81 28.98 15.90
CA PRO C 441 -12.26 29.22 15.87
C PRO C 441 -12.79 29.89 17.12
N PHE C 442 -11.92 30.27 18.05
CA PHE C 442 -12.28 30.83 19.34
C PHE C 442 -11.95 32.32 19.37
N PRO C 443 -12.58 33.08 20.26
CA PRO C 443 -12.26 34.50 20.40
C PRO C 443 -10.80 34.72 20.75
N THR C 444 -10.40 35.99 20.71
CA THR C 444 -9.00 36.34 20.93
C THR C 444 -8.56 36.00 22.35
N GLY C 445 -7.26 35.77 22.50
CA GLY C 445 -6.70 35.40 23.79
C GLY C 445 -6.97 33.98 24.22
N SER C 446 -7.52 33.14 23.34
CA SER C 446 -7.81 31.77 23.67
C SER C 446 -6.58 30.90 23.77
N ALA C 447 -5.41 31.40 23.37
CA ALA C 447 -4.16 30.64 23.34
C ALA C 447 -4.31 29.37 22.51
N PHE C 448 -5.03 29.50 21.38
CA PHE C 448 -5.20 28.39 20.44
C PHE C 448 -3.85 27.94 19.89
N GLY C 449 -3.44 26.72 20.24
CA GLY C 449 -2.17 26.20 19.80
C GLY C 449 -1.16 26.00 20.90
N PHE C 450 -1.47 26.40 22.13
CA PHE C 450 -0.49 26.26 23.21
C PHE C 450 -0.15 24.79 23.45
N SER C 451 -1.13 23.91 23.38
CA SER C 451 -0.93 22.48 23.56
C SER C 451 -1.29 21.75 22.28
N LEU C 452 -0.37 20.91 21.81
CA LEU C 452 -0.56 20.16 20.59
C LEU C 452 -0.33 18.68 20.85
N ARG C 453 -1.05 17.84 20.12
CA ARG C 453 -0.88 16.37 20.27
C ARG C 453 -1.48 15.68 19.04
N GLY C 454 -0.78 14.73 18.44
CA GLY C 454 -1.28 14.10 17.21
C GLY C 454 -0.72 12.71 16.99
N ALA C 455 -0.59 12.31 15.72
CA ALA C 455 -0.07 11.00 15.35
C ALA C 455 -0.91 9.85 15.92
N VAL C 456 -2.22 10.09 16.06
CA VAL C 456 -3.15 9.03 16.55
C VAL C 456 -4.45 9.12 15.75
N ASP C 457 -4.85 8.02 15.11
CA ASP C 457 -6.07 8.01 14.31
C ASP C 457 -7.26 7.97 15.24
N ILE C 458 -7.82 9.14 15.55
CA ILE C 458 -8.94 9.21 16.54
C ILE C 458 -10.18 8.51 15.99
N ASP C 459 -10.57 8.80 14.74
CA ASP C 459 -11.79 8.22 14.20
C ASP C 459 -11.55 6.88 13.52
N ASP C 460 -10.29 6.44 13.43
CA ASP C 460 -9.91 5.18 12.79
C ASP C 460 -10.33 5.16 11.32
N ASN C 461 -9.86 6.17 10.59
CA ASN C 461 -10.02 6.22 9.13
C ASN C 461 -8.68 6.12 8.41
N GLY C 462 -7.66 5.59 9.06
CA GLY C 462 -6.37 5.39 8.43
C GLY C 462 -5.46 6.60 8.41
N TYR C 463 -5.91 7.74 8.92
CA TYR C 463 -5.13 8.97 8.89
C TYR C 463 -5.03 9.56 10.29
N PRO C 464 -3.83 9.93 10.75
CA PRO C 464 -3.70 10.54 12.07
C PRO C 464 -4.46 11.85 12.18
N ASP C 465 -5.01 12.10 13.35
CA ASP C 465 -5.75 13.33 13.62
C ASP C 465 -4.89 14.29 14.42
N LEU C 466 -5.48 15.40 14.85
CA LEU C 466 -4.76 16.39 15.63
C LEU C 466 -5.69 17.01 16.66
N ILE C 467 -5.16 17.22 17.87
CA ILE C 467 -5.95 17.89 18.95
C ILE C 467 -5.20 19.15 19.37
N VAL C 468 -5.86 20.31 19.31
CA VAL C 468 -5.27 21.59 19.66
C VAL C 468 -6.01 22.13 20.88
N GLY C 469 -5.27 22.52 21.91
CA GLY C 469 -5.91 22.96 23.13
C GLY C 469 -5.84 24.46 23.35
N ALA C 470 -6.99 25.13 23.31
CA ALA C 470 -7.08 26.54 23.60
C ALA C 470 -7.61 26.68 25.01
N TYR C 471 -6.70 26.85 25.97
CA TYR C 471 -7.12 26.95 27.37
C TYR C 471 -7.72 28.30 27.69
N GLY C 472 -7.45 29.33 26.89
CA GLY C 472 -8.06 30.62 27.11
C GLY C 472 -9.57 30.56 27.01
N ALA C 473 -10.08 29.84 26.02
CA ALA C 473 -11.51 29.61 25.88
C ALA C 473 -11.95 28.34 26.60
N ASN C 474 -11.03 27.65 27.29
CA ASN C 474 -11.32 26.42 28.03
C ASN C 474 -11.90 25.35 27.11
N GLN C 475 -11.30 25.19 25.92
CA GLN C 475 -11.83 24.25 24.95
C GLN C 475 -10.69 23.59 24.18
N VAL C 476 -11.03 22.49 23.54
CA VAL C 476 -10.10 21.70 22.73
C VAL C 476 -10.76 21.48 21.38
N ALA C 477 -10.00 21.71 20.30
CA ALA C 477 -10.48 21.49 18.95
C ALA C 477 -9.82 20.24 18.38
N VAL C 478 -10.65 19.35 17.87
CA VAL C 478 -10.20 18.10 17.28
C VAL C 478 -10.38 18.20 15.77
N TYR C 479 -9.27 18.04 15.05
CA TYR C 479 -9.20 18.09 13.60
C TYR C 479 -9.00 16.67 13.08
N ARG C 480 -9.87 16.25 12.16
CA ARG C 480 -9.78 14.96 11.52
C ARG C 480 -9.14 15.10 10.15
N ALA C 481 -8.22 14.22 9.82
CA ALA C 481 -7.53 14.24 8.54
C ALA C 481 -8.37 13.48 7.52
N GLN C 482 -8.91 14.19 6.55
CA GLN C 482 -9.68 13.55 5.49
C GLN C 482 -8.75 12.88 4.49
N PRO C 483 -9.24 11.88 3.75
CA PRO C 483 -8.35 11.06 2.93
C PRO C 483 -7.64 11.86 1.85
N VAL C 484 -6.44 11.40 1.50
CA VAL C 484 -5.60 12.02 0.50
C VAL C 484 -5.69 11.20 -0.78
N VAL C 485 -6.23 11.80 -1.84
CA VAL C 485 -6.32 11.15 -3.14
C VAL C 485 -5.07 11.52 -3.92
N LYS C 486 -4.20 10.54 -4.17
CA LYS C 486 -2.97 10.79 -4.93
C LYS C 486 -3.29 10.53 -6.41
N ALA C 487 -3.17 11.56 -7.23
CA ALA C 487 -3.56 11.47 -8.62
C ALA C 487 -2.35 11.23 -9.51
N SER C 488 -2.62 10.74 -10.71
CA SER C 488 -1.60 10.51 -11.73
C SER C 488 -2.19 10.85 -13.08
N VAL C 489 -1.38 11.50 -13.92
CA VAL C 489 -1.83 11.98 -15.22
C VAL C 489 -0.88 11.47 -16.30
N GLN C 490 -1.45 11.03 -17.42
CA GLN C 490 -0.65 10.55 -18.55
C GLN C 490 -1.41 10.92 -19.83
N LEU C 491 -1.04 12.06 -20.41
CA LEU C 491 -1.64 12.55 -21.65
C LEU C 491 -0.70 12.21 -22.80
N LEU C 492 -1.18 11.41 -23.74
CA LEU C 492 -0.35 10.94 -24.86
C LEU C 492 -0.85 11.57 -26.15
N VAL C 493 0.06 12.25 -26.85
CA VAL C 493 -0.16 12.68 -28.22
C VAL C 493 0.86 11.93 -29.08
N GLN C 494 0.38 11.23 -30.10
CA GLN C 494 1.18 10.17 -30.71
C GLN C 494 2.45 10.71 -31.36
N ASP C 495 2.37 11.83 -32.06
CA ASP C 495 3.53 12.39 -32.75
C ASP C 495 3.15 13.74 -33.34
N SER C 496 4.13 14.37 -33.99
CA SER C 496 3.87 15.56 -34.78
C SER C 496 3.09 15.21 -36.04
N LEU C 497 2.23 16.13 -36.46
CA LEU C 497 1.32 15.87 -37.58
C LEU C 497 1.45 16.96 -38.63
N ASN C 498 0.91 16.65 -39.84
CA ASN C 498 0.81 17.53 -41.01
C ASN C 498 -0.51 18.30 -40.96
N PRO C 499 -0.53 19.50 -41.55
CA PRO C 499 -1.74 20.33 -41.45
C PRO C 499 -2.97 19.70 -42.09
N ALA C 500 -2.84 19.12 -43.27
CA ALA C 500 -3.96 18.51 -43.99
C ALA C 500 -3.53 17.16 -44.55
N VAL C 501 -3.73 16.09 -43.77
CA VAL C 501 -3.53 14.74 -44.28
C VAL C 501 -4.76 14.23 -45.02
N LYS C 502 -5.85 14.99 -45.03
CA LYS C 502 -7.07 14.65 -45.75
C LYS C 502 -7.67 13.34 -45.27
N SER C 503 -7.48 13.04 -43.99
CA SER C 503 -8.11 11.91 -43.32
C SER C 503 -9.48 12.37 -42.80
N CYS C 504 -10.04 11.65 -41.82
CA CYS C 504 -11.44 11.77 -41.39
C CYS C 504 -11.99 13.19 -41.49
N VAL C 505 -13.17 13.31 -42.13
CA VAL C 505 -13.68 14.60 -42.55
C VAL C 505 -13.99 15.51 -41.38
N LEU C 506 -14.05 16.81 -41.66
CA LEU C 506 -14.47 17.79 -40.67
C LEU C 506 -15.91 17.50 -40.25
N PRO C 507 -16.26 17.69 -38.97
CA PRO C 507 -17.57 17.23 -38.49
C PRO C 507 -18.73 17.85 -39.25
N GLN C 508 -19.74 17.03 -39.51
CA GLN C 508 -20.99 17.43 -40.18
C GLN C 508 -20.73 17.98 -41.59
N THR C 509 -19.59 17.64 -42.17
CA THR C 509 -19.25 18.08 -43.52
C THR C 509 -18.51 16.97 -44.24
N LYS C 510 -18.65 16.94 -45.57
CA LYS C 510 -17.79 16.09 -46.38
C LYS C 510 -16.41 16.71 -46.58
N THR C 511 -16.21 17.93 -46.12
CA THR C 511 -14.92 18.60 -46.23
C THR C 511 -13.86 17.82 -45.45
N PRO C 512 -12.76 17.42 -46.08
CA PRO C 512 -11.74 16.63 -45.38
C PRO C 512 -10.67 17.50 -44.72
N VAL C 513 -10.16 17.00 -43.60
CA VAL C 513 -9.15 17.66 -42.80
C VAL C 513 -8.19 16.62 -42.26
N SER C 514 -7.17 17.08 -41.54
CA SER C 514 -6.29 16.18 -40.81
C SER C 514 -6.88 15.88 -39.45
N CYS C 515 -6.86 14.60 -39.06
CA CYS C 515 -7.45 14.17 -37.80
C CYS C 515 -6.48 13.26 -37.07
N PHE C 516 -6.61 13.22 -35.74
CA PHE C 516 -5.80 12.34 -34.91
C PHE C 516 -6.53 12.09 -33.61
N ASN C 517 -5.84 11.42 -32.69
CA ASN C 517 -6.44 11.01 -31.42
C ASN C 517 -5.70 11.63 -30.25
N ILE C 518 -6.46 12.10 -29.27
CA ILE C 518 -5.93 12.58 -28.00
C ILE C 518 -6.47 11.66 -26.91
N GLN C 519 -5.56 11.04 -26.16
CA GLN C 519 -5.92 10.12 -25.10
C GLN C 519 -5.20 10.49 -23.81
N MET C 520 -5.96 10.69 -22.74
CA MET C 520 -5.42 11.07 -21.45
C MET C 520 -5.94 10.12 -20.38
N CYS C 521 -5.03 9.43 -19.71
CA CYS C 521 -5.36 8.51 -18.63
C CYS C 521 -5.08 9.17 -17.29
N VAL C 522 -6.10 9.23 -16.44
CA VAL C 522 -5.98 9.81 -15.11
C VAL C 522 -6.32 8.75 -14.08
N GLY C 523 -5.42 8.56 -13.11
CA GLY C 523 -5.62 7.58 -12.06
C GLY C 523 -5.71 8.23 -10.69
N ALA C 524 -6.44 7.60 -9.77
CA ALA C 524 -6.63 8.15 -8.43
C ALA C 524 -6.41 7.02 -7.42
N THR C 525 -5.23 6.99 -6.82
CA THR C 525 -4.86 5.96 -5.86
C THR C 525 -4.75 6.58 -4.48
N GLY C 526 -5.35 5.94 -3.49
CA GLY C 526 -5.28 6.42 -2.12
C GLY C 526 -5.96 5.45 -1.18
N HIS C 527 -5.76 5.70 0.11
CA HIS C 527 -6.32 4.85 1.15
C HIS C 527 -7.64 5.42 1.64
N ASN C 528 -8.64 4.54 1.78
CA ASN C 528 -9.95 4.92 2.31
C ASN C 528 -10.63 5.99 1.47
N ILE C 529 -10.39 5.95 0.16
CA ILE C 529 -11.06 6.88 -0.75
C ILE C 529 -12.54 6.50 -0.85
N PRO C 530 -13.45 7.45 -0.83
CA PRO C 530 -14.88 7.09 -0.96
C PRO C 530 -15.20 6.55 -2.34
N GLN C 531 -16.45 6.12 -2.54
CA GLN C 531 -16.87 5.53 -3.79
C GLN C 531 -17.47 6.54 -4.75
N LYS C 532 -17.46 7.82 -4.40
CA LYS C 532 -18.08 8.87 -5.19
C LYS C 532 -17.06 9.79 -5.85
N LEU C 533 -15.80 9.36 -5.92
CA LEU C 533 -14.74 10.20 -6.45
C LEU C 533 -14.89 10.33 -7.97
N SER C 534 -14.98 11.57 -8.45
CA SER C 534 -15.16 11.87 -9.88
C SER C 534 -14.35 13.13 -10.18
N LEU C 535 -13.17 12.94 -10.76
CA LEU C 535 -12.33 14.09 -11.07
C LEU C 535 -12.86 14.80 -12.31
N ASN C 536 -12.21 15.90 -12.67
CA ASN C 536 -12.54 16.65 -13.87
C ASN C 536 -11.27 16.87 -14.67
N ALA C 537 -11.33 16.52 -15.94
CA ALA C 537 -10.21 16.65 -16.87
C ALA C 537 -10.48 17.84 -17.77
N GLU C 538 -9.68 18.89 -17.60
CA GLU C 538 -9.65 20.03 -18.51
C GLU C 538 -8.62 19.73 -19.59
N LEU C 539 -9.09 19.57 -20.82
CA LEU C 539 -8.24 19.31 -21.98
C LEU C 539 -8.23 20.58 -22.81
N GLN C 540 -7.10 21.30 -22.76
CA GLN C 540 -6.94 22.54 -23.51
C GLN C 540 -6.03 22.28 -24.71
N LEU C 541 -6.54 22.59 -25.90
CA LEU C 541 -5.83 22.34 -27.15
C LEU C 541 -5.08 23.62 -27.53
N ASP C 542 -3.76 23.59 -27.39
CA ASP C 542 -2.89 24.72 -27.70
C ASP C 542 -3.35 25.98 -26.95
N ARG C 543 -3.24 25.89 -25.62
CA ARG C 543 -3.72 26.95 -24.75
C ARG C 543 -3.04 28.29 -25.01
N GLN C 544 -1.85 28.28 -25.62
CA GLN C 544 -1.15 29.54 -25.88
C GLN C 544 -1.96 30.45 -26.79
N LYS C 545 -2.55 29.89 -27.84
CA LYS C 545 -3.38 30.68 -28.73
C LYS C 545 -4.71 31.03 -28.05
N PRO C 546 -5.30 32.16 -28.41
CA PRO C 546 -6.64 32.47 -27.90
C PRO C 546 -7.67 31.50 -28.44
N ARG C 547 -8.70 31.28 -27.62
CA ARG C 547 -9.73 30.29 -27.96
C ARG C 547 -10.57 30.76 -29.14
N GLN C 548 -11.42 29.85 -29.63
CA GLN C 548 -12.30 30.10 -30.78
C GLN C 548 -11.49 30.52 -32.00
N GLY C 549 -10.72 29.56 -32.51
CA GLY C 549 -9.81 29.82 -33.60
C GLY C 549 -8.42 29.30 -33.33
N ARG C 550 -8.33 28.36 -32.40
CA ARG C 550 -7.06 27.70 -32.11
C ARG C 550 -6.57 26.93 -33.33
N ARG C 551 -5.26 26.66 -33.36
CA ARG C 551 -4.68 25.92 -34.46
C ARG C 551 -5.24 24.50 -34.53
N VAL C 552 -5.43 23.85 -33.38
CA VAL C 552 -5.95 22.49 -33.29
C VAL C 552 -7.27 22.54 -32.52
N LEU C 553 -8.32 21.97 -33.12
CA LEU C 553 -9.61 21.87 -32.48
C LEU C 553 -9.98 20.41 -32.37
N LEU C 554 -11.20 20.14 -31.91
CA LEU C 554 -11.69 18.77 -31.84
C LEU C 554 -12.45 18.41 -33.11
N LEU C 555 -12.36 17.12 -33.49
CA LEU C 555 -13.11 16.63 -34.63
C LEU C 555 -14.60 16.56 -34.39
N GLY C 556 -15.06 16.92 -33.18
CA GLY C 556 -16.48 16.92 -32.88
C GLY C 556 -17.02 18.32 -32.68
N SER C 557 -17.15 18.74 -31.43
CA SER C 557 -17.67 20.07 -31.12
C SER C 557 -16.69 21.19 -31.46
N GLN C 558 -15.44 20.85 -31.81
CA GLN C 558 -14.40 21.80 -32.23
C GLN C 558 -13.94 22.70 -31.10
N GLN C 559 -14.37 22.45 -29.87
CA GLN C 559 -13.98 23.28 -28.73
C GLN C 559 -12.59 22.85 -28.27
N ALA C 560 -11.61 23.73 -28.44
CA ALA C 560 -10.24 23.41 -28.02
C ALA C 560 -10.15 23.17 -26.52
N GLY C 561 -11.02 23.81 -25.73
CA GLY C 561 -11.04 23.59 -24.31
C GLY C 561 -12.26 22.80 -23.87
N THR C 562 -12.06 21.55 -23.49
CA THR C 562 -13.15 20.67 -23.07
C THR C 562 -12.86 20.17 -21.66
N THR C 563 -13.67 20.60 -20.71
CA THR C 563 -13.56 20.10 -19.33
C THR C 563 -14.70 19.11 -19.10
N LEU C 564 -14.35 17.85 -18.87
CA LEU C 564 -15.33 16.80 -18.72
C LEU C 564 -15.05 15.99 -17.45
N ASN C 565 -16.11 15.50 -16.83
CA ASN C 565 -15.97 14.71 -15.62
C ASN C 565 -15.55 13.28 -15.96
N LEU C 566 -14.64 12.73 -15.15
CA LEU C 566 -14.14 11.37 -15.31
C LEU C 566 -14.21 10.72 -13.93
N ASP C 567 -15.08 9.73 -13.78
CA ASP C 567 -15.34 9.13 -12.48
C ASP C 567 -14.33 8.03 -12.17
N LEU C 568 -13.78 8.07 -10.96
CA LEU C 568 -12.83 7.07 -10.49
C LEU C 568 -13.20 6.62 -9.08
N GLY C 569 -14.49 6.46 -8.82
CA GLY C 569 -14.95 6.08 -7.50
C GLY C 569 -14.71 4.61 -7.19
N GLY C 570 -13.44 4.24 -7.03
CA GLY C 570 -13.09 2.86 -6.73
C GLY C 570 -12.63 2.10 -7.95
N LYS C 571 -11.77 2.71 -8.76
CA LYS C 571 -11.27 2.11 -9.99
C LYS C 571 -9.74 2.08 -9.94
N HIS C 572 -9.18 0.88 -9.79
CA HIS C 572 -7.73 0.75 -9.87
C HIS C 572 -7.19 0.95 -11.27
N SER C 573 -8.08 0.98 -12.28
CA SER C 573 -7.67 1.17 -13.66
C SER C 573 -7.96 2.60 -14.08
N PRO C 574 -6.94 3.38 -14.46
CA PRO C 574 -7.22 4.72 -14.98
C PRO C 574 -8.11 4.67 -16.20
N ILE C 575 -9.01 5.64 -16.31
CA ILE C 575 -10.01 5.69 -17.37
C ILE C 575 -9.64 6.82 -18.32
N CYS C 576 -9.64 6.53 -19.62
CA CYS C 576 -9.13 7.45 -20.63
C CYS C 576 -10.05 7.43 -21.84
N HIS C 577 -10.86 8.47 -22.00
CA HIS C 577 -11.80 8.57 -23.12
C HIS C 577 -11.09 9.26 -24.28
N THR C 578 -10.71 8.49 -25.29
CA THR C 578 -10.02 9.04 -26.45
C THR C 578 -10.95 9.98 -27.21
N THR C 579 -10.35 11.01 -27.81
CA THR C 579 -11.08 12.03 -28.54
C THR C 579 -10.47 12.24 -29.90
N MET C 580 -11.31 12.39 -30.92
CA MET C 580 -10.84 12.71 -32.25
C MET C 580 -10.65 14.22 -32.37
N ALA C 581 -9.48 14.63 -32.84
CA ALA C 581 -9.11 16.04 -32.93
C ALA C 581 -8.77 16.40 -34.37
N PHE C 582 -9.23 17.58 -34.77
CA PHE C 582 -9.06 18.11 -36.13
C PHE C 582 -7.98 19.17 -36.13
N LEU C 583 -7.24 19.25 -37.23
CA LEU C 583 -6.18 20.24 -37.42
C LEU C 583 -6.57 21.14 -38.59
N ARG C 584 -6.40 22.44 -38.40
CA ARG C 584 -6.82 23.43 -39.39
C ARG C 584 -5.88 23.41 -40.60
N ASP C 585 -6.35 24.05 -41.68
CA ASP C 585 -5.60 24.04 -42.93
C ASP C 585 -4.27 24.79 -42.78
N GLU C 586 -3.29 24.37 -43.56
CA GLU C 586 -1.97 25.01 -43.54
C GLU C 586 -2.08 26.50 -43.79
N ALA C 587 -2.90 26.90 -44.78
CA ALA C 587 -3.12 28.32 -45.00
C ALA C 587 -3.95 28.94 -43.89
N ASP C 588 -4.88 28.17 -43.31
CA ASP C 588 -5.76 28.73 -42.29
C ASP C 588 -4.99 29.13 -41.03
N PHE C 589 -4.16 28.23 -40.52
CA PHE C 589 -3.34 28.53 -39.34
C PHE C 589 -1.96 28.98 -39.82
N ARG C 590 -1.57 30.18 -39.40
CA ARG C 590 -0.39 30.85 -39.92
C ARG C 590 0.84 30.68 -39.06
N ASP C 591 0.67 30.34 -37.78
CA ASP C 591 1.81 30.13 -36.88
C ASP C 591 2.16 28.65 -36.89
N LYS C 592 2.89 28.25 -37.93
CA LYS C 592 3.33 26.87 -38.07
C LYS C 592 4.61 26.58 -37.28
N LEU C 593 5.18 27.59 -36.62
CA LEU C 593 6.42 27.43 -35.87
C LEU C 593 6.21 27.37 -34.36
N SER C 594 5.06 27.78 -33.86
CA SER C 594 4.81 27.71 -32.43
C SER C 594 4.56 26.26 -32.01
N PRO C 595 5.10 25.84 -30.87
CA PRO C 595 4.86 24.46 -30.41
C PRO C 595 3.39 24.21 -30.12
N ILE C 596 2.96 22.99 -30.39
CA ILE C 596 1.58 22.58 -30.14
C ILE C 596 1.58 21.93 -28.75
N VAL C 597 1.14 22.68 -27.75
CA VAL C 597 1.20 22.24 -26.36
C VAL C 597 -0.23 22.04 -25.87
N LEU C 598 -0.55 20.79 -25.53
CA LEU C 598 -1.83 20.42 -24.97
C LEU C 598 -1.73 20.40 -23.45
N SER C 599 -2.80 20.85 -22.79
CA SER C 599 -2.85 20.99 -21.35
C SER C 599 -3.88 20.01 -20.78
N LEU C 600 -3.44 19.18 -19.85
CA LEU C 600 -4.34 18.26 -19.14
C LEU C 600 -4.34 18.64 -17.67
N ASN C 601 -5.49 19.10 -17.18
CA ASN C 601 -5.63 19.50 -15.79
C ASN C 601 -6.64 18.62 -15.10
N VAL C 602 -6.36 18.26 -13.85
CA VAL C 602 -7.25 17.42 -13.04
C VAL C 602 -7.69 18.22 -11.84
N SER C 603 -9.00 18.33 -11.64
CA SER C 603 -9.53 19.11 -10.53
C SER C 603 -10.68 18.35 -9.87
N LEU C 604 -10.87 18.59 -8.58
CA LEU C 604 -12.02 18.03 -7.89
C LEU C 604 -13.30 18.71 -8.37
N PRO C 605 -14.42 18.02 -8.30
CA PRO C 605 -15.70 18.62 -8.71
C PRO C 605 -16.12 19.68 -7.71
N PRO C 606 -17.05 20.56 -8.09
CA PRO C 606 -17.51 21.59 -7.15
C PRO C 606 -18.27 20.99 -5.97
N THR C 607 -17.54 20.37 -5.05
CA THR C 607 -18.13 19.81 -3.85
C THR C 607 -18.64 20.86 -2.89
N GLU C 608 -18.28 22.13 -3.11
CA GLU C 608 -18.76 23.21 -2.25
C GLU C 608 -20.28 23.34 -2.29
N ALA C 609 -20.93 22.87 -3.35
CA ALA C 609 -22.39 22.92 -3.42
C ALA C 609 -23.02 22.10 -2.31
N GLY C 610 -22.48 20.92 -2.03
CA GLY C 610 -22.97 20.10 -0.94
C GLY C 610 -22.24 20.39 0.36
N MET C 611 -21.81 19.33 1.04
CA MET C 611 -21.07 19.47 2.29
C MET C 611 -19.60 19.76 1.97
N ALA C 612 -18.74 19.66 2.97
CA ALA C 612 -17.33 19.99 2.80
C ALA C 612 -16.67 19.01 1.83
N PRO C 613 -15.61 19.43 1.15
CA PRO C 613 -14.88 18.50 0.27
C PRO C 613 -14.39 17.28 1.04
N ALA C 614 -14.88 16.12 0.64
CA ALA C 614 -14.60 14.89 1.36
C ALA C 614 -13.21 14.33 1.09
N VAL C 615 -12.48 14.86 0.12
CA VAL C 615 -11.17 14.33 -0.23
C VAL C 615 -10.20 15.50 -0.47
N VAL C 616 -8.91 15.17 -0.43
CA VAL C 616 -7.84 16.11 -0.75
C VAL C 616 -7.10 15.54 -1.95
N LEU C 617 -7.06 16.30 -3.04
CA LEU C 617 -6.48 15.83 -4.30
C LEU C 617 -5.01 16.19 -4.42
N HIS C 618 -4.23 15.81 -3.42
CA HIS C 618 -2.79 16.08 -3.46
C HIS C 618 -2.11 15.23 -4.53
N GLY C 619 -1.08 15.79 -5.14
CA GLY C 619 -0.31 15.11 -6.15
C GLY C 619 -0.33 15.86 -7.46
N ASP C 620 0.31 15.27 -8.47
CA ASP C 620 0.37 15.88 -9.79
C ASP C 620 -1.00 15.79 -10.46
N THR C 621 -1.60 16.95 -10.73
CA THR C 621 -2.92 17.01 -11.35
C THR C 621 -2.94 17.92 -12.58
N HIS C 622 -1.77 18.31 -13.10
CA HIS C 622 -1.71 19.27 -14.20
C HIS C 622 -0.42 19.03 -14.97
N VAL C 623 -0.55 18.68 -16.25
CA VAL C 623 0.60 18.37 -17.08
C VAL C 623 0.42 19.02 -18.46
N GLN C 624 1.55 19.17 -19.16
CA GLN C 624 1.60 19.76 -20.49
C GLN C 624 2.37 18.82 -21.40
N GLU C 625 1.86 18.62 -22.62
CA GLU C 625 2.51 17.77 -23.60
C GLU C 625 2.69 18.53 -24.90
N GLN C 626 3.92 18.57 -25.42
CA GLN C 626 4.23 19.39 -26.57
C GLN C 626 4.63 18.53 -27.76
N THR C 627 4.17 18.97 -28.94
CA THR C 627 4.56 18.39 -30.22
C THR C 627 4.79 19.53 -31.19
N ARG C 628 5.03 19.19 -32.45
CA ARG C 628 5.34 20.17 -33.49
C ARG C 628 4.53 19.84 -34.73
N ILE C 629 4.85 20.50 -35.84
CA ILE C 629 4.24 20.26 -37.13
C ILE C 629 5.26 19.53 -38.00
N VAL C 630 4.88 18.35 -38.50
CA VAL C 630 5.75 17.55 -39.35
C VAL C 630 5.40 17.82 -40.80
N LEU C 631 6.33 17.52 -41.70
CA LEU C 631 6.15 17.77 -43.12
C LEU C 631 6.41 16.49 -43.90
N ASP C 632 5.83 16.42 -45.10
CA ASP C 632 5.98 15.28 -46.01
C ASP C 632 5.57 13.97 -45.33
N CYS C 633 4.50 14.03 -44.56
CA CYS C 633 4.00 12.84 -43.87
C CYS C 633 2.49 12.71 -44.03
N GLY D 27 13.13 55.04 -30.51
CA GLY D 27 13.83 53.80 -30.81
C GLY D 27 13.08 52.57 -30.34
N PRO D 28 13.66 51.85 -29.37
CA PRO D 28 12.97 50.65 -28.86
C PRO D 28 11.66 50.98 -28.16
N ASN D 29 11.68 51.89 -27.19
CA ASN D 29 10.49 52.35 -26.49
C ASN D 29 9.72 51.17 -25.89
N ILE D 30 10.34 50.57 -24.87
CA ILE D 30 9.81 49.39 -24.19
C ILE D 30 8.37 49.63 -23.77
N CYS D 31 7.98 50.90 -23.63
CA CYS D 31 6.57 51.22 -23.42
C CYS D 31 5.73 50.78 -24.62
N THR D 32 6.22 51.02 -25.83
CA THR D 32 5.45 50.68 -27.03
C THR D 32 5.18 49.18 -27.11
N THR D 33 6.17 48.37 -26.75
CA THR D 33 5.98 46.92 -26.69
C THR D 33 5.18 46.57 -25.44
N ARG D 34 5.04 45.28 -25.16
CA ARG D 34 4.40 44.74 -23.96
C ARG D 34 2.91 45.06 -23.88
N GLY D 35 2.31 45.55 -24.96
CA GLY D 35 0.90 45.87 -24.97
C GLY D 35 0.59 47.27 -24.47
N VAL D 36 -0.52 47.83 -24.93
CA VAL D 36 -0.97 49.17 -24.56
C VAL D 36 -2.41 49.09 -24.08
N SER D 37 -2.66 49.54 -22.84
CA SER D 37 -3.99 49.46 -22.26
C SER D 37 -4.59 50.82 -21.95
N SER D 38 -3.98 51.61 -21.08
CA SER D 38 -4.61 52.83 -20.58
C SER D 38 -3.55 53.63 -19.81
N CYS D 39 -4.01 54.64 -19.06
CA CYS D 39 -3.06 55.42 -18.24
C CYS D 39 -2.36 54.49 -17.24
N GLN D 40 -3.08 53.51 -16.69
CA GLN D 40 -2.47 52.67 -15.66
C GLN D 40 -1.29 51.88 -16.22
N GLN D 41 -1.50 51.16 -17.33
CA GLN D 41 -0.54 50.15 -17.77
C GLN D 41 0.76 50.77 -18.28
N CYS D 42 0.66 51.76 -19.16
CA CYS D 42 1.87 52.34 -19.76
C CYS D 42 2.75 52.98 -18.69
N LEU D 43 2.14 53.71 -17.75
CA LEU D 43 2.92 54.33 -16.69
C LEU D 43 3.44 53.28 -15.71
N ALA D 44 2.68 52.20 -15.49
CA ALA D 44 3.13 51.16 -14.59
C ALA D 44 4.29 50.36 -15.17
N VAL D 45 4.41 50.33 -16.50
CA VAL D 45 5.53 49.64 -17.13
C VAL D 45 6.85 50.25 -16.68
N SER D 46 6.94 51.57 -16.71
CA SER D 46 8.13 52.27 -16.26
C SER D 46 7.77 53.72 -15.97
N PRO D 47 8.36 54.34 -14.94
CA PRO D 47 8.11 55.77 -14.72
C PRO D 47 8.55 56.63 -15.88
N MET D 48 9.58 56.22 -16.61
CA MET D 48 10.03 57.01 -17.76
C MET D 48 8.98 57.03 -18.87
N CYS D 49 8.12 56.01 -18.91
CA CYS D 49 7.08 55.96 -19.93
C CYS D 49 6.07 57.08 -19.73
N ALA D 50 5.45 57.50 -20.84
CA ALA D 50 4.45 58.55 -20.84
C ALA D 50 3.27 58.13 -21.70
N TRP D 51 2.11 58.69 -21.37
CA TRP D 51 0.86 58.40 -22.13
C TRP D 51 0.39 59.68 -22.82
N CYS D 52 0.28 59.65 -24.15
CA CYS D 52 -0.11 60.81 -24.95
C CYS D 52 -1.61 60.74 -25.21
N SER D 53 -2.42 61.02 -24.18
CA SER D 53 -3.89 60.83 -24.33
C SER D 53 -4.49 61.69 -25.44
N ASP D 54 -3.83 62.79 -25.82
CA ASP D 54 -4.44 63.67 -26.81
C ASP D 54 -4.94 62.88 -28.00
N GLU D 55 -6.14 63.24 -28.47
CA GLU D 55 -6.78 62.55 -29.59
C GLU D 55 -6.18 62.99 -30.92
N ALA D 56 -4.87 62.75 -31.05
CA ALA D 56 -4.16 63.04 -32.28
C ALA D 56 -4.20 61.82 -33.21
N LEU D 57 -3.38 61.83 -34.24
CA LEU D 57 -3.29 60.67 -35.13
C LEU D 57 -2.85 59.44 -34.33
N PRO D 58 -3.51 58.29 -34.51
CA PRO D 58 -3.05 57.08 -33.80
C PRO D 58 -1.60 56.74 -34.06
N LEU D 59 -1.14 56.91 -35.30
CA LEU D 59 0.29 56.78 -35.57
C LEU D 59 1.08 57.90 -34.90
N GLY D 60 0.54 59.12 -34.91
CA GLY D 60 1.19 60.23 -34.24
C GLY D 60 1.05 60.24 -32.74
N SER D 61 0.11 59.46 -32.20
CA SER D 61 -0.10 59.35 -30.75
C SER D 61 -0.21 57.88 -30.38
N PRO D 62 0.92 57.16 -30.37
CA PRO D 62 0.88 55.76 -29.89
C PRO D 62 0.49 55.64 -28.43
N ARG D 63 0.71 56.69 -27.65
CA ARG D 63 0.28 56.83 -26.26
C ARG D 63 1.05 55.95 -25.29
N CYS D 64 1.97 55.12 -25.76
CA CYS D 64 2.81 54.28 -24.90
C CYS D 64 4.25 54.45 -25.37
N ASP D 65 4.92 55.48 -24.86
CA ASP D 65 6.28 55.80 -25.28
C ASP D 65 6.84 56.81 -24.29
N LEU D 66 8.13 57.14 -24.47
CA LEU D 66 8.76 58.13 -23.62
C LEU D 66 8.26 59.53 -23.95
N LYS D 67 8.44 60.44 -23.00
CA LYS D 67 8.02 61.82 -23.19
C LYS D 67 8.76 62.47 -24.36
N GLU D 68 10.07 62.24 -24.45
CA GLU D 68 10.86 62.87 -25.50
C GLU D 68 10.42 62.39 -26.89
N ASN D 69 10.12 61.09 -27.03
CA ASN D 69 9.63 60.59 -28.30
C ASN D 69 8.25 61.13 -28.61
N LEU D 70 7.37 61.21 -27.60
CA LEU D 70 6.01 61.65 -27.84
C LEU D 70 5.93 63.12 -28.20
N LEU D 71 6.79 63.97 -27.62
CA LEU D 71 6.71 65.40 -27.88
C LEU D 71 7.08 65.74 -29.32
N LYS D 72 7.93 64.93 -29.96
CA LYS D 72 8.29 65.17 -31.35
C LYS D 72 7.07 64.99 -32.26
N ASP D 73 6.33 63.91 -32.06
CA ASP D 73 5.17 63.60 -32.90
C ASP D 73 3.90 64.23 -32.33
N ASN D 74 3.98 65.52 -32.02
CA ASN D 74 2.86 66.27 -31.46
C ASN D 74 2.23 65.55 -30.27
N CYS D 75 0.91 65.31 -30.34
CA CYS D 75 0.11 64.64 -29.32
C CYS D 75 0.28 65.28 -27.94
N ALA D 76 0.89 66.46 -27.86
CA ALA D 76 1.16 67.12 -26.59
C ALA D 76 0.72 68.58 -26.63
N PRO D 77 -0.60 68.85 -26.70
CA PRO D 77 -1.13 70.18 -26.43
C PRO D 77 -1.39 70.38 -24.94
N GLU D 78 -0.40 70.04 -24.12
CA GLU D 78 -0.52 69.91 -22.67
C GLU D 78 -1.55 68.86 -22.28
N SER D 79 -1.90 67.97 -23.21
CA SER D 79 -2.83 66.87 -22.96
C SER D 79 -2.11 65.55 -22.71
N ILE D 80 -0.78 65.56 -22.70
CA ILE D 80 -0.02 64.34 -22.42
C ILE D 80 -0.11 64.01 -20.94
N GLU D 81 0.04 62.72 -20.63
CA GLU D 81 0.04 62.26 -19.21
C GLU D 81 1.43 61.72 -18.86
N PHE D 82 2.12 62.38 -17.94
CA PHE D 82 3.46 62.00 -17.52
C PHE D 82 3.72 62.54 -16.12
N PRO D 83 3.23 61.88 -15.08
CA PRO D 83 3.44 62.38 -13.71
C PRO D 83 4.93 62.44 -13.38
N VAL D 84 5.30 63.48 -12.66
CA VAL D 84 6.68 63.68 -12.21
C VAL D 84 6.71 63.52 -10.71
N SER D 85 7.53 62.57 -10.24
CA SER D 85 7.66 62.35 -8.80
C SER D 85 8.20 63.61 -8.12
N GLU D 86 7.58 63.99 -7.01
CA GLU D 86 7.97 65.20 -6.29
C GLU D 86 7.94 64.92 -4.80
N ALA D 87 8.73 65.70 -4.06
CA ALA D 87 8.80 65.61 -2.59
C ALA D 87 8.86 67.04 -2.07
N ARG D 88 7.70 67.60 -1.77
CA ARG D 88 7.61 68.97 -1.31
C ARG D 88 7.62 69.03 0.21
N VAL D 89 8.37 69.98 0.74
CA VAL D 89 8.44 70.19 2.19
C VAL D 89 7.20 70.96 2.63
N LEU D 90 6.27 70.25 3.26
CA LEU D 90 5.02 70.86 3.71
C LEU D 90 5.21 71.73 4.94
N GLU D 91 6.02 71.29 5.90
CA GLU D 91 6.20 71.98 7.17
C GLU D 91 7.67 71.85 7.57
N ASP D 92 8.39 72.96 7.55
CA ASP D 92 9.79 73.01 7.93
C ASP D 92 10.03 74.19 8.86
N ARG D 93 10.80 73.95 9.91
CA ARG D 93 11.28 74.99 10.80
C ARG D 93 12.78 74.82 11.00
N PRO D 94 13.51 75.91 11.18
CA PRO D 94 14.96 75.81 11.37
C PRO D 94 15.30 75.09 12.65
N LEU D 95 16.42 74.38 12.61
CA LEU D 95 16.91 73.68 13.80
C LEU D 95 17.32 74.69 14.87
N SER D 96 16.90 74.44 16.10
CA SER D 96 17.28 75.30 17.21
C SER D 96 18.76 75.11 17.53
N ASP D 97 19.25 75.88 18.49
CA ASP D 97 20.63 75.79 18.94
C ASP D 97 20.77 75.78 20.45
N LYS D 98 19.72 76.10 21.21
CA LYS D 98 19.79 76.09 22.67
C LYS D 98 18.36 75.90 23.18
N GLY D 99 18.10 74.75 23.81
CA GLY D 99 16.76 74.43 24.26
C GLY D 99 16.50 74.77 25.70
N SER D 100 17.11 75.85 26.18
CA SER D 100 16.94 76.26 27.57
C SER D 100 15.50 76.66 27.86
N GLY D 101 14.87 77.41 26.96
CA GLY D 101 13.52 77.89 27.16
C GLY D 101 12.60 77.44 26.04
N ASP D 102 11.32 77.25 26.38
CA ASP D 102 10.29 76.84 25.43
C ASP D 102 10.70 75.55 24.69
N SER D 103 10.80 74.48 25.48
CA SER D 103 11.16 73.18 24.93
C SER D 103 10.15 72.73 23.86
N SER D 104 8.88 73.11 24.00
CA SER D 104 7.89 72.77 22.99
C SER D 104 8.23 73.42 21.65
N GLN D 105 8.87 74.59 21.67
CA GLN D 105 9.24 75.29 20.45
C GLN D 105 10.63 74.91 19.95
N VAL D 106 11.30 73.98 20.61
CA VAL D 106 12.61 73.49 20.17
C VAL D 106 12.38 72.40 19.14
N THR D 107 13.01 72.55 17.98
CA THR D 107 12.88 71.61 16.87
C THR D 107 14.25 71.04 16.55
N GLN D 108 14.34 69.71 16.50
CA GLN D 108 15.61 69.03 16.26
C GLN D 108 15.67 68.30 14.93
N VAL D 109 14.56 68.21 14.21
CA VAL D 109 14.53 67.52 12.92
C VAL D 109 13.96 68.48 11.89
N SER D 110 14.76 68.81 10.88
CA SER D 110 14.34 69.64 9.77
C SER D 110 14.41 68.84 8.48
N PRO D 111 13.32 68.75 7.71
CA PRO D 111 12.01 69.35 7.96
C PRO D 111 11.19 68.58 8.97
N GLN D 112 9.93 68.96 9.17
CA GLN D 112 9.04 68.27 10.09
C GLN D 112 7.95 67.48 9.40
N ARG D 113 7.53 67.89 8.20
CA ARG D 113 6.51 67.15 7.47
C ARG D 113 6.69 67.41 5.98
N ILE D 114 6.70 66.34 5.19
CA ILE D 114 6.87 66.48 3.75
C ILE D 114 5.77 65.70 3.04
N ALA D 115 5.41 66.19 1.85
CA ALA D 115 4.52 65.49 0.94
C ALA D 115 5.31 64.98 -0.25
N LEU D 116 5.33 63.66 -0.41
CA LEU D 116 6.10 62.99 -1.44
C LEU D 116 5.13 62.41 -2.46
N ARG D 117 5.51 62.42 -3.73
CA ARG D 117 4.69 61.88 -4.80
C ARG D 117 5.50 60.84 -5.56
N LEU D 118 4.90 59.67 -5.77
CA LEU D 118 5.59 58.59 -6.48
C LEU D 118 4.64 57.89 -7.43
N ARG D 119 5.06 57.75 -8.68
CA ARG D 119 4.42 56.84 -9.61
C ARG D 119 4.93 55.43 -9.37
N PRO D 120 4.19 54.41 -9.81
CA PRO D 120 4.57 53.03 -9.48
C PRO D 120 5.99 52.70 -9.95
N ASP D 121 6.69 51.93 -9.12
CA ASP D 121 8.04 51.46 -9.42
C ASP D 121 9.00 52.62 -9.67
N ASP D 122 8.83 53.71 -8.91
CA ASP D 122 9.72 54.86 -8.97
C ASP D 122 10.37 55.08 -7.61
N SER D 123 11.59 55.61 -7.64
CA SER D 123 12.36 55.88 -6.44
C SER D 123 12.74 57.34 -6.37
N LYS D 124 12.70 57.90 -5.16
CA LYS D 124 13.02 59.31 -4.96
C LYS D 124 13.61 59.50 -3.58
N ASN D 125 14.56 60.43 -3.47
CA ASN D 125 15.30 60.62 -2.24
C ASN D 125 15.19 62.06 -1.77
N PHE D 126 15.37 62.26 -0.47
CA PHE D 126 15.40 63.58 0.15
C PHE D 126 16.46 63.54 1.25
N SER D 127 16.50 64.57 2.08
CA SER D 127 17.47 64.65 3.15
C SER D 127 16.81 65.26 4.38
N ILE D 128 17.33 64.87 5.56
CA ILE D 128 16.88 65.41 6.84
C ILE D 128 18.11 65.84 7.63
N GLN D 129 17.92 66.84 8.48
CA GLN D 129 18.96 67.33 9.38
C GLN D 129 18.52 67.11 10.81
N VAL D 130 19.36 66.44 11.59
CA VAL D 130 19.09 66.15 12.99
C VAL D 130 20.16 66.82 13.83
N ARG D 131 19.73 67.65 14.79
CA ARG D 131 20.65 68.31 15.69
C ARG D 131 20.22 68.08 17.13
N GLN D 132 21.15 67.67 17.97
CA GLN D 132 20.91 67.51 19.39
C GLN D 132 21.22 68.83 20.09
N VAL D 133 20.21 69.40 20.74
CA VAL D 133 20.33 70.76 21.25
C VAL D 133 21.37 70.81 22.38
N GLU D 134 21.79 72.03 22.70
CA GLU D 134 22.86 72.23 23.67
C GLU D 134 22.45 71.77 25.06
N ASP D 135 21.41 72.38 25.62
CA ASP D 135 20.93 72.06 26.97
C ASP D 135 19.47 71.67 26.89
N TYR D 136 19.23 70.42 26.71
CA TYR D 136 17.86 69.94 26.62
C TYR D 136 17.37 69.48 27.99
N PRO D 137 16.07 69.61 28.27
CA PRO D 137 15.55 69.11 29.54
C PRO D 137 15.72 67.60 29.65
N VAL D 138 15.92 67.13 30.89
CA VAL D 138 16.25 65.74 31.16
C VAL D 138 15.30 65.19 32.22
N ASP D 139 14.79 63.98 31.97
CA ASP D 139 13.98 63.24 32.93
C ASP D 139 14.75 61.98 33.28
N ILE D 140 15.22 61.88 34.53
CA ILE D 140 15.93 60.70 35.00
C ILE D 140 15.02 59.96 35.96
N TYR D 141 14.74 58.70 35.65
CA TYR D 141 13.95 57.84 36.53
C TYR D 141 14.85 56.72 37.02
N TYR D 142 14.96 56.59 38.33
CA TYR D 142 15.88 55.64 38.95
C TYR D 142 15.11 54.39 39.31
N LEU D 143 15.37 53.31 38.57
CA LEU D 143 14.74 52.02 38.84
C LEU D 143 15.73 51.19 39.66
N MET D 144 15.37 50.91 40.91
CA MET D 144 16.28 50.32 41.88
C MET D 144 15.85 48.89 42.21
N ASP D 145 16.82 47.99 42.18
CA ASP D 145 16.61 46.59 42.57
C ASP D 145 16.75 46.49 44.08
N LEU D 146 15.64 46.34 44.78
CA LEU D 146 15.64 46.27 46.23
C LEU D 146 15.71 44.83 46.71
N SER D 147 16.71 44.11 46.18
CA SER D 147 17.07 42.81 46.71
C SER D 147 18.07 43.00 47.85
N TYR D 148 18.16 41.98 48.71
CA TYR D 148 18.93 42.12 49.95
C TYR D 148 20.37 42.49 49.65
N SER D 149 20.99 41.86 48.66
CA SER D 149 22.38 42.16 48.34
C SER D 149 22.58 43.60 47.88
N MET D 150 21.50 44.28 47.52
CA MET D 150 21.56 45.68 47.11
C MET D 150 21.26 46.63 48.25
N LYS D 151 21.31 46.15 49.49
CA LYS D 151 21.07 47.00 50.64
C LYS D 151 22.18 48.02 50.84
N ASP D 152 23.44 47.61 50.75
CA ASP D 152 24.55 48.54 50.85
C ASP D 152 24.45 49.63 49.79
N ASP D 153 24.05 49.27 48.58
CA ASP D 153 23.84 50.27 47.53
C ASP D 153 22.85 51.34 47.99
N LEU D 154 21.79 50.93 48.68
CA LEU D 154 20.79 51.88 49.14
C LEU D 154 21.38 52.90 50.09
N TRP D 155 22.51 52.58 50.73
CA TRP D 155 23.14 53.52 51.65
C TRP D 155 24.01 54.54 50.94
N SER D 156 24.36 54.30 49.68
CA SER D 156 25.14 55.25 48.89
C SER D 156 24.27 56.08 47.97
N ILE D 157 22.95 55.98 48.11
CA ILE D 157 22.01 56.67 47.24
C ILE D 157 21.18 57.72 47.97
N GLN D 158 21.25 57.74 49.31
CA GLN D 158 20.41 58.63 50.11
C GLN D 158 20.51 60.08 49.65
N ASN D 159 21.72 60.56 49.40
CA ASN D 159 21.94 61.95 48.98
C ASN D 159 22.27 62.02 47.49
N LEU D 160 21.65 61.15 46.70
CA LEU D 160 21.92 61.13 45.26
C LEU D 160 21.29 62.33 44.56
N GLY D 161 20.13 62.79 45.05
CA GLY D 161 19.44 63.86 44.36
C GLY D 161 20.26 65.13 44.27
N THR D 162 20.86 65.56 45.38
CA THR D 162 21.60 66.81 45.39
C THR D 162 22.81 66.77 44.47
N LYS D 163 23.63 65.72 44.60
CA LYS D 163 24.82 65.61 43.77
C LYS D 163 24.48 65.38 42.31
N LEU D 164 23.44 64.62 42.03
CA LEU D 164 23.00 64.41 40.67
C LEU D 164 22.54 65.72 40.03
N ALA D 165 21.78 66.53 40.77
CA ALA D 165 21.42 67.84 40.25
C ALA D 165 22.64 68.71 40.03
N THR D 166 23.59 68.69 40.97
CA THR D 166 24.79 69.51 40.84
C THR D 166 25.56 69.15 39.58
N GLN D 167 25.71 67.85 39.32
CA GLN D 167 26.47 67.43 38.15
C GLN D 167 25.69 67.61 36.85
N MET D 168 24.37 67.42 36.89
CA MET D 168 23.56 67.54 35.70
C MET D 168 23.32 68.99 35.28
N ARG D 169 23.39 69.93 36.22
CA ARG D 169 23.15 71.32 35.87
C ARG D 169 24.15 71.86 34.86
N LYS D 170 25.33 71.27 34.77
CA LYS D 170 26.27 71.62 33.72
C LYS D 170 25.83 71.14 32.34
N LEU D 171 24.83 70.26 32.27
CA LEU D 171 24.39 69.68 31.01
C LEU D 171 22.92 69.91 30.72
N THR D 172 22.16 70.51 31.63
CA THR D 172 20.75 70.76 31.40
C THR D 172 20.30 71.83 32.38
N SER D 173 19.03 72.24 32.23
CA SER D 173 18.45 73.23 33.13
C SER D 173 17.02 72.91 33.53
N ASN D 174 16.48 71.76 33.16
CA ASN D 174 15.14 71.36 33.53
C ASN D 174 15.11 69.90 33.98
N LEU D 175 16.09 69.53 34.80
CA LEU D 175 16.20 68.16 35.28
C LEU D 175 15.02 67.79 36.18
N ARG D 176 14.53 66.58 36.03
CA ARG D 176 13.46 66.07 36.90
C ARG D 176 13.73 64.60 37.19
N ILE D 177 13.79 64.25 38.47
CA ILE D 177 14.16 62.92 38.90
C ILE D 177 12.96 62.22 39.52
N GLY D 178 12.88 60.93 39.28
CA GLY D 178 11.86 60.08 39.88
C GLY D 178 12.47 58.85 40.54
N PHE D 179 11.63 57.92 40.99
CA PHE D 179 12.17 56.75 41.65
C PHE D 179 11.14 55.61 41.63
N GLY D 180 11.64 54.41 41.42
CA GLY D 180 10.82 53.22 41.51
C GLY D 180 11.68 52.07 41.98
N ALA D 181 11.02 51.06 42.57
CA ALA D 181 11.73 49.94 43.15
C ALA D 181 11.11 48.63 42.68
N PHE D 182 11.95 47.59 42.60
CA PHE D 182 11.48 46.29 42.18
C PHE D 182 12.33 45.21 42.84
N VAL D 183 11.69 44.07 43.13
CA VAL D 183 12.43 42.90 43.60
C VAL D 183 12.15 41.73 42.68
N ASP D 184 10.91 41.25 42.69
CA ASP D 184 10.45 40.10 41.91
C ASP D 184 8.96 39.93 42.18
N LYS D 185 8.36 39.01 41.43
CA LYS D 185 6.94 38.74 41.60
C LYS D 185 6.67 38.16 42.99
N PRO D 186 5.68 38.64 43.71
CA PRO D 186 5.35 38.11 45.05
C PRO D 186 4.60 36.79 44.98
N VAL D 187 5.26 35.77 44.43
CA VAL D 187 4.64 34.48 44.16
C VAL D 187 5.56 33.38 44.68
N SER D 188 4.99 32.17 44.82
CA SER D 188 5.58 31.14 45.67
C SER D 188 7.02 30.76 45.32
N PRO D 189 7.36 30.41 44.08
CA PRO D 189 8.72 29.89 43.83
C PRO D 189 9.82 30.90 44.09
N TYR D 190 9.50 32.19 44.14
CA TYR D 190 10.50 33.23 44.42
C TYR D 190 10.37 33.83 45.80
N MET D 191 9.19 33.81 46.41
CA MET D 191 8.95 34.39 47.71
C MET D 191 8.76 33.30 48.75
N TYR D 192 9.48 33.40 49.85
CA TYR D 192 9.27 32.50 50.98
C TYR D 192 7.83 32.64 51.49
N ILE D 193 7.18 31.50 51.72
CA ILE D 193 5.78 31.53 52.14
C ILE D 193 5.60 30.70 53.42
N SER D 194 6.69 30.44 54.12
CA SER D 194 6.60 29.72 55.38
C SER D 194 7.81 30.02 56.26
N PRO D 195 7.61 30.29 57.55
CA PRO D 195 6.34 30.36 58.29
C PRO D 195 5.56 31.63 57.93
N PRO D 196 4.33 31.82 58.37
CA PRO D 196 3.60 33.05 58.04
C PRO D 196 4.30 34.32 58.49
N GLU D 197 5.25 34.23 59.41
CA GLU D 197 6.03 35.40 59.78
C GLU D 197 6.93 35.85 58.64
N ALA D 198 7.33 34.93 57.76
CA ALA D 198 8.16 35.29 56.61
C ALA D 198 7.39 36.07 55.56
N LEU D 199 6.06 35.93 55.52
CA LEU D 199 5.25 36.72 54.60
C LEU D 199 5.23 38.19 54.99
N GLU D 200 5.68 38.53 56.19
CA GLU D 200 5.77 39.91 56.63
C GLU D 200 7.19 40.30 57.00
N ASN D 201 8.15 39.38 56.91
CA ASN D 201 9.55 39.64 57.16
C ASN D 201 10.36 38.54 56.50
N PRO D 202 10.56 38.61 55.19
CA PRO D 202 11.20 37.50 54.47
C PRO D 202 12.66 37.28 54.83
N CYS D 203 13.18 38.07 55.75
CA CYS D 203 14.53 37.89 56.27
C CYS D 203 14.48 37.68 57.78
N TYR D 204 13.42 37.00 58.23
CA TYR D 204 13.25 36.74 59.66
C TYR D 204 14.36 35.85 60.20
N ASP D 205 14.75 34.82 59.43
CA ASP D 205 15.67 33.81 59.96
C ASP D 205 17.05 34.38 60.20
N MET D 206 17.51 35.30 59.36
CA MET D 206 18.75 36.01 59.59
C MET D 206 18.62 37.10 60.66
N LYS D 207 17.47 37.14 61.34
CA LYS D 207 17.23 37.96 62.52
C LYS D 207 17.10 39.44 62.20
N THR D 208 17.28 39.80 60.93
CA THR D 208 17.05 41.17 60.50
C THR D 208 15.59 41.35 60.10
N THR D 209 15.20 42.60 59.88
CA THR D 209 13.83 42.94 59.50
C THR D 209 13.84 43.53 58.10
N CYS D 210 13.05 42.93 57.22
CA CYS D 210 12.83 43.42 55.86
C CYS D 210 11.35 43.65 55.68
N LEU D 211 10.96 44.12 54.50
CA LEU D 211 9.57 44.43 54.20
C LEU D 211 9.04 43.41 53.21
N PRO D 212 7.72 43.21 53.17
CA PRO D 212 7.14 42.16 52.33
C PRO D 212 7.54 42.33 50.86
N MET D 213 7.66 41.19 50.19
CA MET D 213 8.07 41.16 48.79
C MET D 213 7.10 41.96 47.94
N PHE D 214 7.64 42.76 47.01
CA PHE D 214 6.86 43.56 46.10
C PHE D 214 7.40 43.40 44.69
N GLY D 215 6.50 43.35 43.71
CA GLY D 215 6.91 43.23 42.32
C GLY D 215 7.57 44.49 41.83
N TYR D 216 6.81 45.59 41.79
CA TYR D 216 7.33 46.89 41.39
C TYR D 216 6.45 47.95 42.02
N LYS D 217 7.07 48.89 42.73
CA LYS D 217 6.34 50.01 43.33
C LYS D 217 6.95 51.33 42.88
N HIS D 218 6.08 52.25 42.48
CA HIS D 218 6.50 53.56 42.01
C HIS D 218 6.65 54.49 43.21
N VAL D 219 7.90 54.75 43.61
CA VAL D 219 8.14 55.48 44.85
C VAL D 219 7.89 56.97 44.66
N LEU D 220 8.60 57.59 43.74
CA LEU D 220 8.57 59.03 43.54
C LEU D 220 8.28 59.38 42.10
N THR D 221 7.27 60.23 41.89
CA THR D 221 7.01 60.77 40.56
C THR D 221 8.11 61.73 40.15
N LEU D 222 8.38 61.77 38.84
CA LEU D 222 9.38 62.68 38.30
C LEU D 222 9.08 64.12 38.71
N THR D 223 10.05 64.75 39.39
CA THR D 223 9.87 66.11 39.85
C THR D 223 11.23 66.79 39.93
N ASP D 224 11.21 68.12 39.90
CA ASP D 224 12.45 68.90 39.90
C ASP D 224 13.07 68.98 41.29
N GLN D 225 12.27 68.88 42.34
CA GLN D 225 12.75 69.04 43.71
C GLN D 225 13.57 67.80 44.09
N VAL D 226 14.89 67.93 44.01
CA VAL D 226 15.75 66.81 44.38
C VAL D 226 15.67 66.50 45.87
N THR D 227 15.20 67.45 46.69
CA THR D 227 14.98 67.16 48.09
C THR D 227 13.93 66.06 48.26
N ARG D 228 12.93 66.04 47.37
CA ARG D 228 11.96 64.96 47.40
C ARG D 228 12.61 63.62 47.11
N PHE D 229 13.56 63.58 46.19
CA PHE D 229 14.26 62.34 45.89
C PHE D 229 15.10 61.89 47.08
N ASN D 230 15.84 62.81 47.70
CA ASN D 230 16.61 62.46 48.89
C ASN D 230 15.73 62.12 50.08
N GLU D 231 14.47 62.54 50.07
CA GLU D 231 13.57 62.25 51.19
C GLU D 231 12.88 60.89 51.01
N GLU D 232 12.46 60.58 49.78
CA GLU D 232 11.84 59.27 49.55
C GLU D 232 12.83 58.14 49.77
N VAL D 233 14.07 58.32 49.31
CA VAL D 233 15.16 57.47 49.78
C VAL D 233 15.42 57.79 51.25
N LYS D 234 15.96 56.81 51.97
CA LYS D 234 16.03 56.70 53.42
C LYS D 234 14.68 56.27 54.00
N LYS D 235 13.63 56.22 53.19
CA LYS D 235 12.36 55.63 53.60
C LYS D 235 12.11 54.29 52.90
N GLN D 236 13.06 53.83 52.10
CA GLN D 236 12.94 52.58 51.38
C GLN D 236 13.75 51.50 52.09
N SER D 237 13.22 50.29 52.08
CA SER D 237 13.87 49.14 52.69
C SER D 237 13.97 48.02 51.66
N VAL D 238 14.99 47.18 51.81
CA VAL D 238 15.18 46.08 50.89
C VAL D 238 14.31 44.90 51.30
N SER D 239 14.01 44.04 50.34
CA SER D 239 13.27 42.81 50.57
C SER D 239 14.18 41.63 50.24
N ARG D 240 13.62 40.44 50.28
CA ARG D 240 14.41 39.22 50.10
C ARG D 240 13.71 38.29 49.11
N ASN D 241 14.46 37.81 48.13
CA ASN D 241 13.95 36.90 47.12
C ASN D 241 14.76 35.61 47.17
N ARG D 242 14.19 34.55 46.60
CA ARG D 242 14.84 33.25 46.67
C ARG D 242 15.88 33.09 45.58
N ASP D 243 15.48 33.23 44.32
CA ASP D 243 16.34 32.93 43.18
C ASP D 243 17.11 34.17 42.73
N ALA D 244 18.27 33.93 42.12
CA ALA D 244 19.10 35.04 41.64
C ALA D 244 18.40 35.94 40.63
N PRO D 245 17.71 35.43 39.61
CA PRO D 245 17.05 36.34 38.66
C PRO D 245 16.03 37.22 39.34
N GLU D 246 15.96 38.48 38.89
CA GLU D 246 15.09 39.49 39.47
C GLU D 246 14.00 39.88 38.48
N GLY D 247 12.81 40.16 38.97
CA GLY D 247 11.74 40.60 38.10
C GLY D 247 11.94 42.03 37.67
N GLY D 248 12.99 42.28 36.91
CA GLY D 248 13.37 43.62 36.51
C GLY D 248 12.65 44.15 35.29
N PHE D 249 12.63 43.35 34.22
CA PHE D 249 11.99 43.80 32.98
C PHE D 249 10.51 44.10 33.18
N ASP D 250 9.86 43.45 34.14
CA ASP D 250 8.51 43.85 34.49
C ASP D 250 8.46 45.29 35.00
N ALA D 251 9.42 45.66 35.85
CA ALA D 251 9.49 47.04 36.32
C ALA D 251 9.76 48.00 35.17
N ILE D 252 10.65 47.65 34.26
CA ILE D 252 10.94 48.52 33.12
C ILE D 252 9.68 48.70 32.28
N MET D 253 8.96 47.62 32.00
CA MET D 253 7.74 47.72 31.22
C MET D 253 6.71 48.61 31.91
N GLN D 254 6.51 48.41 33.21
CA GLN D 254 5.50 49.20 33.90
C GLN D 254 5.89 50.67 34.00
N ALA D 255 7.18 50.95 34.24
CA ALA D 255 7.63 52.33 34.26
C ALA D 255 7.46 52.99 32.90
N THR D 256 7.76 52.26 31.83
CA THR D 256 7.66 52.81 30.49
C THR D 256 6.22 53.11 30.10
N VAL D 257 5.32 52.13 30.30
CA VAL D 257 3.96 52.28 29.79
C VAL D 257 3.07 53.13 30.67
N CYS D 258 3.55 53.62 31.81
CA CYS D 258 2.75 54.44 32.71
C CYS D 258 3.22 55.89 32.59
N ASP D 259 2.64 56.62 31.64
CA ASP D 259 2.95 58.04 31.51
C ASP D 259 2.34 58.85 32.64
N GLU D 260 1.06 58.60 32.94
CA GLU D 260 0.36 59.38 33.96
C GLU D 260 1.02 59.20 35.33
N LYS D 261 1.38 57.98 35.68
CA LYS D 261 1.92 57.73 37.02
C LYS D 261 3.37 58.19 37.14
N ILE D 262 4.23 57.74 36.24
CA ILE D 262 5.63 58.14 36.30
C ILE D 262 5.77 59.63 36.05
N GLY D 263 4.94 60.18 35.17
CA GLY D 263 4.98 61.60 34.90
C GLY D 263 6.02 62.01 33.87
N TRP D 264 6.20 61.21 32.83
CA TRP D 264 7.14 61.55 31.78
C TRP D 264 6.72 62.84 31.08
N ARG D 265 7.69 63.68 30.77
CA ARG D 265 7.46 64.86 29.94
C ARG D 265 7.75 64.50 28.49
N ASN D 266 6.81 64.79 27.61
CA ASN D 266 7.05 64.58 26.17
C ASN D 266 7.74 65.80 25.56
N ASP D 267 8.76 66.29 26.26
CA ASP D 267 9.59 67.38 25.79
C ASP D 267 11.05 67.26 26.18
N ALA D 268 11.46 66.15 26.81
CA ALA D 268 12.75 66.06 27.46
C ALA D 268 13.43 64.75 27.09
N SER D 269 14.74 64.69 27.37
CA SER D 269 15.52 63.47 27.16
C SER D 269 15.15 62.48 28.26
N HIS D 270 14.36 61.46 27.91
CA HIS D 270 13.93 60.46 28.87
C HIS D 270 15.08 59.50 29.16
N LEU D 271 15.48 59.43 30.43
CA LEU D 271 16.46 58.47 30.88
C LEU D 271 15.81 57.53 31.89
N LEU D 272 16.20 56.26 31.84
CA LEU D 272 15.68 55.24 32.73
C LEU D 272 16.88 54.42 33.21
N VAL D 273 17.45 54.83 34.33
CA VAL D 273 18.64 54.16 34.86
C VAL D 273 18.21 52.88 35.55
N PHE D 274 18.74 51.75 35.08
CA PHE D 274 18.38 50.43 35.59
C PHE D 274 19.55 49.92 36.41
N THR D 275 19.36 49.80 37.71
CA THR D 275 20.40 49.36 38.63
C THR D 275 20.04 47.96 39.15
N THR D 276 20.94 47.01 38.91
CA THR D 276 20.73 45.63 39.34
C THR D 276 22.09 44.95 39.40
N ASP D 277 22.12 43.79 40.07
CA ASP D 277 23.35 43.03 40.24
C ASP D 277 23.26 41.58 39.80
N ALA D 278 22.09 41.09 39.42
CA ALA D 278 21.90 39.70 39.06
C ALA D 278 21.26 39.61 37.68
N LYS D 279 20.92 38.39 37.29
CA LYS D 279 20.23 38.16 36.03
C LYS D 279 18.80 38.68 36.11
N THR D 280 18.05 38.48 35.03
CA THR D 280 16.69 38.99 34.94
C THR D 280 15.76 37.93 34.39
N HIS D 281 14.48 38.04 34.76
CA HIS D 281 13.45 37.09 34.35
C HIS D 281 12.90 37.55 33.01
N ILE D 282 13.29 36.86 31.94
CA ILE D 282 12.74 37.10 30.62
C ILE D 282 11.36 36.45 30.55
N ALA D 283 10.60 36.75 29.51
CA ALA D 283 9.27 36.19 29.37
C ALA D 283 9.32 34.66 29.36
N LEU D 284 8.17 34.06 29.64
CA LEU D 284 7.94 32.62 29.73
C LEU D 284 8.51 32.01 31.00
N ASP D 285 9.22 32.79 31.82
CA ASP D 285 9.67 32.29 33.12
C ASP D 285 8.53 32.24 34.13
N GLY D 286 7.50 33.05 33.96
CA GLY D 286 6.39 33.06 34.89
C GLY D 286 5.63 31.76 34.97
N ARG D 287 5.82 30.88 33.98
CA ARG D 287 5.22 29.56 34.04
C ARG D 287 5.77 28.75 35.22
N LEU D 288 6.96 29.09 35.70
CA LEU D 288 7.48 28.47 36.92
C LEU D 288 6.61 28.76 38.12
N ALA D 289 5.76 29.78 38.05
CA ALA D 289 4.87 30.14 39.14
C ALA D 289 3.41 29.95 38.78
N GLY D 290 3.10 29.24 37.70
CA GLY D 290 1.73 29.11 37.25
C GLY D 290 1.21 30.27 36.44
N ILE D 291 2.07 31.22 36.09
CA ILE D 291 1.67 32.43 35.38
C ILE D 291 1.95 32.20 33.91
N VAL D 292 0.89 32.07 33.12
CA VAL D 292 1.02 31.81 31.69
C VAL D 292 0.42 32.91 30.82
N GLN D 293 -0.35 33.81 31.38
CA GLN D 293 -0.91 34.91 30.60
C GLN D 293 0.21 35.83 30.16
N PRO D 294 0.40 36.06 28.85
CA PRO D 294 1.53 36.87 28.40
C PRO D 294 1.40 38.31 28.85
N ASN D 295 2.55 38.95 29.03
CA ASN D 295 2.56 40.37 29.39
C ASN D 295 2.08 41.22 28.22
N ASP D 296 1.16 42.13 28.51
CA ASP D 296 0.69 43.11 27.55
C ASP D 296 1.15 44.49 27.99
N GLY D 297 1.48 45.34 27.01
CA GLY D 297 2.01 46.65 27.33
C GLY D 297 0.94 47.60 27.83
N GLN D 298 0.42 47.33 29.03
CA GLN D 298 -0.61 48.16 29.63
C GLN D 298 -0.13 48.62 31.00
N CYS D 299 -0.66 49.77 31.43
CA CYS D 299 -0.30 50.33 32.73
C CYS D 299 -1.25 49.76 33.78
N HIS D 300 -0.72 48.91 34.66
CA HIS D 300 -1.50 48.31 35.73
C HIS D 300 -1.16 48.86 37.10
N VAL D 301 -0.28 49.86 37.19
CA VAL D 301 0.06 50.47 38.46
C VAL D 301 -1.16 51.25 38.94
N GLY D 302 -1.79 50.76 40.02
CA GLY D 302 -3.00 51.34 40.53
C GLY D 302 -2.75 52.59 41.35
N SER D 303 -3.78 53.01 42.08
CA SER D 303 -3.70 54.21 42.89
C SER D 303 -2.71 54.06 44.05
N ASP D 304 -2.39 52.83 44.44
CA ASP D 304 -1.48 52.56 45.54
C ASP D 304 -0.02 52.53 45.10
N ASN D 305 0.25 52.83 43.82
CA ASN D 305 1.60 52.84 43.27
C ASN D 305 2.27 51.47 43.36
N HIS D 306 1.47 50.42 43.23
CA HIS D 306 1.97 49.05 43.21
C HIS D 306 1.50 48.36 41.94
N TYR D 307 2.40 47.58 41.34
CA TYR D 307 2.06 46.79 40.16
C TYR D 307 1.02 45.75 40.54
N SER D 308 -0.23 45.96 40.11
CA SER D 308 -1.35 45.15 40.57
C SER D 308 -1.56 43.88 39.76
N ALA D 309 -0.76 43.67 38.71
CA ALA D 309 -0.87 42.45 37.91
C ALA D 309 0.44 41.68 37.87
N SER D 310 1.31 41.90 38.85
CA SER D 310 2.59 41.20 38.87
C SER D 310 2.41 39.70 39.07
N THR D 311 1.44 39.29 39.89
CA THR D 311 1.20 37.88 40.16
C THR D 311 0.32 37.19 39.14
N THR D 312 -0.34 37.94 38.27
CA THR D 312 -1.28 37.37 37.29
C THR D 312 -0.90 37.75 35.87
N MET D 313 0.39 37.91 35.59
CA MET D 313 0.84 38.31 34.25
C MET D 313 2.31 37.99 34.11
N ASP D 314 2.66 37.34 33.00
CA ASP D 314 4.02 36.89 32.76
C ASP D 314 4.96 38.07 32.61
N TYR D 315 6.25 37.78 32.62
CA TYR D 315 7.26 38.80 32.37
C TYR D 315 7.20 39.23 30.90
N PRO D 316 7.55 40.47 30.60
CA PRO D 316 7.60 40.91 29.21
C PRO D 316 8.83 40.39 28.51
N SER D 317 8.68 40.15 27.20
CA SER D 317 9.79 39.69 26.39
C SER D 317 10.65 40.88 25.97
N LEU D 318 11.84 40.56 25.44
CA LEU D 318 12.73 41.62 24.96
C LEU D 318 12.09 42.39 23.81
N GLY D 319 11.36 41.71 22.94
CA GLY D 319 10.73 42.40 21.82
C GLY D 319 9.68 43.40 22.27
N LEU D 320 8.80 42.99 23.17
CA LEU D 320 7.77 43.90 23.66
C LEU D 320 8.36 45.04 24.47
N MET D 321 9.36 44.74 25.29
CA MET D 321 10.04 45.78 26.06
C MET D 321 10.69 46.80 25.13
N THR D 322 11.37 46.33 24.07
CA THR D 322 11.99 47.23 23.12
C THR D 322 10.94 48.07 22.40
N GLU D 323 9.84 47.45 22.00
CA GLU D 323 8.79 48.18 21.29
C GLU D 323 8.20 49.28 22.17
N LYS D 324 7.95 48.97 23.45
CA LYS D 324 7.39 49.98 24.33
C LYS D 324 8.41 51.04 24.70
N LEU D 325 9.69 50.68 24.75
CA LEU D 325 10.74 51.69 24.96
C LEU D 325 10.76 52.68 23.81
N SER D 326 10.77 52.16 22.58
CA SER D 326 10.79 53.04 21.41
C SER D 326 9.51 53.86 21.31
N GLN D 327 8.36 53.26 21.61
CA GLN D 327 7.09 53.97 21.46
C GLN D 327 6.98 55.16 22.39
N LYS D 328 7.59 55.09 23.57
CA LYS D 328 7.55 56.17 24.54
C LYS D 328 8.84 56.97 24.58
N ASN D 329 9.79 56.70 23.68
CA ASN D 329 11.01 57.48 23.53
C ASN D 329 11.81 57.52 24.84
N ILE D 330 12.26 56.35 25.27
CA ILE D 330 13.00 56.20 26.51
C ILE D 330 14.36 55.58 26.21
N ASN D 331 15.41 56.24 26.68
CA ASN D 331 16.75 55.67 26.63
C ASN D 331 16.99 54.85 27.89
N LEU D 332 17.61 53.69 27.73
CA LEU D 332 17.77 52.73 28.81
C LEU D 332 19.25 52.57 29.14
N ILE D 333 19.57 52.73 30.41
CA ILE D 333 20.93 52.59 30.91
C ILE D 333 20.93 51.43 31.90
N PHE D 334 21.65 50.37 31.56
CA PHE D 334 21.83 49.22 32.46
C PHE D 334 23.01 49.53 33.36
N ALA D 335 22.74 50.12 34.52
CA ALA D 335 23.80 50.38 35.51
C ALA D 335 23.94 49.11 36.34
N VAL D 336 24.71 48.17 35.82
CA VAL D 336 24.72 46.81 36.35
C VAL D 336 26.10 46.50 36.90
N THR D 337 26.14 45.66 37.92
CA THR D 337 27.40 45.35 38.58
C THR D 337 28.28 44.49 37.68
N GLU D 338 29.55 44.37 38.07
CA GLU D 338 30.55 43.73 37.23
C GLU D 338 30.26 42.26 36.98
N ASN D 339 29.46 41.61 37.84
CA ASN D 339 29.23 40.18 37.68
C ASN D 339 28.27 39.87 36.53
N VAL D 340 27.43 40.83 36.14
CA VAL D 340 26.43 40.58 35.10
C VAL D 340 26.65 41.46 33.88
N VAL D 341 27.68 42.31 33.89
CA VAL D 341 27.78 43.36 32.87
C VAL D 341 27.76 42.77 31.47
N ASN D 342 28.60 41.75 31.21
CA ASN D 342 28.63 41.14 29.89
C ASN D 342 27.24 40.70 29.47
N LEU D 343 26.52 40.02 30.36
CA LEU D 343 25.16 39.59 30.05
C LEU D 343 24.32 40.78 29.60
N TYR D 344 24.29 41.84 30.40
CA TYR D 344 23.48 42.98 30.02
C TYR D 344 24.07 43.69 28.81
N GLN D 345 25.39 43.60 28.63
CA GLN D 345 25.97 44.11 27.41
C GLN D 345 25.38 43.38 26.21
N ASN D 346 25.26 42.06 26.31
CA ASN D 346 24.63 41.29 25.25
C ASN D 346 23.15 41.60 25.14
N TYR D 347 22.54 42.12 26.20
CA TYR D 347 21.19 42.64 26.08
C TYR D 347 21.18 43.98 25.37
N SER D 348 22.21 44.80 25.60
CA SER D 348 22.25 46.12 24.98
C SER D 348 22.25 46.00 23.46
N GLU D 349 22.98 45.03 22.92
CA GLU D 349 22.95 44.81 21.48
C GLU D 349 21.76 43.94 21.12
N LEU D 350 20.59 44.24 21.69
CA LEU D 350 19.32 43.75 21.20
C LEU D 350 18.23 44.80 21.32
N ILE D 351 18.53 45.97 21.88
CA ILE D 351 17.55 47.01 22.12
C ILE D 351 18.16 48.33 21.65
N PRO D 352 17.61 48.99 20.65
CA PRO D 352 18.15 50.28 20.23
C PRO D 352 18.07 51.32 21.33
N GLY D 353 19.09 52.19 21.37
CA GLY D 353 19.15 53.25 22.34
C GLY D 353 19.33 52.81 23.78
N THR D 354 20.21 51.84 24.02
CA THR D 354 20.53 51.40 25.36
C THR D 354 22.04 51.33 25.52
N THR D 355 22.50 51.52 26.76
CA THR D 355 23.93 51.43 27.04
C THR D 355 24.12 50.88 28.45
N VAL D 356 25.29 50.28 28.68
CA VAL D 356 25.56 49.53 29.91
C VAL D 356 26.74 50.18 30.64
N GLY D 357 26.55 50.41 31.94
CA GLY D 357 27.60 50.96 32.78
C GLY D 357 27.93 50.01 33.91
N VAL D 358 29.18 50.05 34.35
CA VAL D 358 29.69 49.13 35.36
C VAL D 358 29.49 49.70 36.74
N LEU D 359 28.32 49.45 37.32
CA LEU D 359 28.04 49.83 38.70
C LEU D 359 28.93 49.04 39.65
N SER D 360 29.20 49.63 40.81
CA SER D 360 30.01 48.98 41.83
C SER D 360 29.12 48.15 42.76
N MET D 361 29.78 47.44 43.69
CA MET D 361 29.05 46.55 44.59
C MET D 361 28.09 47.33 45.49
N ASP D 362 28.52 48.50 45.96
CA ASP D 362 27.69 49.38 46.76
C ASP D 362 27.15 50.56 45.96
N SER D 363 27.28 50.53 44.64
CA SER D 363 26.85 51.61 43.75
C SER D 363 27.47 52.94 44.18
N SER D 364 28.78 52.93 44.33
CA SER D 364 29.52 54.09 44.82
C SER D 364 29.89 55.08 43.74
N ASN D 365 29.54 54.81 42.48
CA ASN D 365 29.87 55.73 41.40
C ASN D 365 28.72 55.86 40.39
N VAL D 366 27.47 55.65 40.82
CA VAL D 366 26.36 55.68 39.88
C VAL D 366 26.15 57.08 39.32
N LEU D 367 26.59 58.11 40.04
CA LEU D 367 26.49 59.47 39.53
C LEU D 367 27.34 59.65 38.28
N GLN D 368 28.62 59.29 38.38
CA GLN D 368 29.51 59.34 37.22
C GLN D 368 29.00 58.43 36.11
N LEU D 369 28.47 57.26 36.47
CA LEU D 369 27.95 56.35 35.48
C LEU D 369 26.80 56.98 34.70
N ILE D 370 25.86 57.61 35.42
CA ILE D 370 24.72 58.25 34.77
C ILE D 370 25.20 59.38 33.87
N VAL D 371 26.15 60.19 34.35
CA VAL D 371 26.61 61.32 33.55
C VAL D 371 27.28 60.84 32.26
N ASP D 372 28.19 59.88 32.38
CA ASP D 372 28.90 59.39 31.20
C ASP D 372 27.96 58.64 30.26
N ALA D 373 26.99 57.92 30.81
CA ALA D 373 26.03 57.22 29.97
C ALA D 373 25.15 58.20 29.21
N TYR D 374 24.73 59.29 29.85
CA TYR D 374 23.97 60.32 29.15
C TYR D 374 24.81 60.95 28.05
N GLY D 375 26.09 61.21 28.33
CA GLY D 375 26.97 61.73 27.30
C GLY D 375 27.09 60.80 26.11
N LYS D 376 27.30 59.51 26.37
CA LYS D 376 27.41 58.54 25.28
C LYS D 376 26.11 58.43 24.50
N ILE D 377 24.97 58.46 25.20
CA ILE D 377 23.68 58.38 24.52
C ILE D 377 23.50 59.58 23.59
N ARG D 378 23.86 60.77 24.08
CA ARG D 378 23.85 61.95 23.22
C ARG D 378 24.95 61.94 22.16
N SER D 379 25.90 61.01 22.26
CA SER D 379 26.97 60.90 21.28
C SER D 379 26.59 60.08 20.05
N LYS D 380 25.37 59.55 20.00
CA LYS D 380 24.95 58.73 18.87
C LYS D 380 23.56 59.13 18.42
N VAL D 381 23.36 59.17 17.10
CA VAL D 381 22.05 59.42 16.50
C VAL D 381 21.74 58.25 15.58
N GLU D 382 20.56 57.65 15.77
CA GLU D 382 20.14 56.50 14.99
C GLU D 382 18.72 56.73 14.52
N LEU D 383 18.51 56.59 13.21
CA LEU D 383 17.19 56.78 12.64
C LEU D 383 16.33 55.54 12.80
N GLU D 384 15.02 55.74 12.89
CA GLU D 384 14.05 54.67 13.05
C GLU D 384 12.85 54.99 12.18
N VAL D 385 12.32 53.98 11.50
CA VAL D 385 11.19 54.13 10.59
C VAL D 385 9.97 53.51 11.25
N ARG D 386 8.88 54.28 11.29
CA ARG D 386 7.66 53.86 11.97
C ARG D 386 6.49 53.86 11.00
N ASP D 387 5.63 52.85 11.14
CA ASP D 387 4.51 52.55 10.26
C ASP D 387 4.85 52.78 8.80
N LEU D 388 5.96 52.23 8.35
CA LEU D 388 6.34 52.30 6.95
C LEU D 388 5.51 51.31 6.14
N PRO D 389 4.83 51.73 5.09
CA PRO D 389 4.17 50.77 4.20
C PRO D 389 5.18 49.80 3.59
N GLU D 390 4.74 48.55 3.42
CA GLU D 390 5.65 47.51 2.96
C GLU D 390 6.18 47.77 1.56
N GLU D 391 5.40 48.48 0.73
CA GLU D 391 5.85 48.77 -0.63
C GLU D 391 7.09 49.66 -0.63
N LEU D 392 7.11 50.68 0.23
CA LEU D 392 8.23 51.61 0.26
C LEU D 392 9.48 50.91 0.79
N SER D 393 10.59 51.12 0.10
CA SER D 393 11.90 50.61 0.51
C SER D 393 12.85 51.79 0.64
N LEU D 394 13.58 51.84 1.75
CA LEU D 394 14.39 52.99 2.10
C LEU D 394 15.87 52.65 2.06
N SER D 395 16.67 53.60 1.58
CA SER D 395 18.12 53.50 1.60
C SER D 395 18.69 54.74 2.24
N PHE D 396 19.71 54.57 3.08
CA PHE D 396 20.20 55.64 3.93
C PHE D 396 21.67 55.92 3.64
N ASN D 397 22.02 57.20 3.54
CA ASN D 397 23.40 57.66 3.44
C ASN D 397 23.59 58.69 4.54
N ALA D 398 24.42 58.35 5.53
CA ALA D 398 24.61 59.23 6.68
C ALA D 398 25.78 60.18 6.44
N THR D 399 25.51 61.48 6.49
CA THR D 399 26.53 62.51 6.37
C THR D 399 26.77 63.09 7.77
N CYS D 400 27.88 62.65 8.37
CA CYS D 400 28.30 63.07 9.69
C CYS D 400 29.23 64.27 9.56
N LEU D 401 29.99 64.57 10.62
CA LEU D 401 30.98 65.65 10.62
C LEU D 401 31.82 65.64 9.34
N ASN D 402 32.25 66.81 8.92
CA ASN D 402 32.87 67.04 7.60
C ASN D 402 31.81 66.72 6.55
N ASN D 403 32.24 66.36 5.34
CA ASN D 403 31.32 66.03 4.26
C ASN D 403 31.32 64.55 3.92
N GLU D 404 31.96 63.72 4.75
CA GLU D 404 31.98 62.28 4.49
C GLU D 404 30.59 61.70 4.63
N VAL D 405 30.18 60.91 3.64
CA VAL D 405 28.88 60.27 3.62
C VAL D 405 29.10 58.76 3.57
N ILE D 406 28.61 58.05 4.58
CA ILE D 406 28.70 56.60 4.65
C ILE D 406 27.37 56.03 4.17
N PRO D 407 27.35 55.27 3.09
CA PRO D 407 26.09 54.73 2.57
C PRO D 407 25.61 53.53 3.39
N GLY D 408 24.35 53.17 3.17
CA GLY D 408 23.78 52.00 3.79
C GLY D 408 23.25 52.23 5.19
N LEU D 409 24.16 52.42 6.14
CA LEU D 409 23.78 52.56 7.54
C LEU D 409 22.98 53.84 7.77
N LYS D 410 22.06 53.76 8.74
CA LYS D 410 21.20 54.89 9.10
C LYS D 410 21.57 55.48 10.44
N SER D 411 22.81 55.33 10.88
CA SER D 411 23.23 55.83 12.19
C SER D 411 24.73 56.11 12.15
N CYS D 412 25.12 57.32 12.55
CA CYS D 412 26.51 57.70 12.66
C CYS D 412 26.78 58.10 14.11
N MET D 413 27.91 57.65 14.64
CA MET D 413 28.29 57.95 16.01
C MET D 413 29.35 59.04 16.03
N GLY D 414 29.86 59.36 17.22
CA GLY D 414 30.90 60.35 17.38
C GLY D 414 30.43 61.77 17.57
N LEU D 415 29.12 62.02 17.54
CA LEU D 415 28.62 63.37 17.70
C LEU D 415 28.82 63.84 19.14
N LYS D 416 28.71 65.15 19.31
CA LYS D 416 28.75 65.79 20.62
C LYS D 416 27.48 66.62 20.80
N ILE D 417 27.39 67.30 21.94
CA ILE D 417 26.24 68.15 22.21
C ILE D 417 26.30 69.37 21.31
N GLY D 418 25.20 69.66 20.62
CA GLY D 418 25.12 70.78 19.72
C GLY D 418 25.49 70.48 18.28
N ASP D 419 26.06 69.32 18.01
CA ASP D 419 26.46 68.98 16.65
C ASP D 419 25.24 68.70 15.78
N THR D 420 25.41 68.83 14.47
CA THR D 420 24.36 68.61 13.50
C THR D 420 24.80 67.53 12.51
N VAL D 421 23.90 66.62 12.18
CA VAL D 421 24.16 65.52 11.26
C VAL D 421 23.06 65.53 10.21
N SER D 422 23.31 64.88 9.07
CA SER D 422 22.31 64.81 8.02
C SER D 422 22.18 63.38 7.52
N PHE D 423 21.01 63.06 6.99
CA PHE D 423 20.74 61.74 6.44
C PHE D 423 20.02 61.89 5.12
N SER D 424 20.55 61.27 4.07
CA SER D 424 19.90 61.21 2.77
C SER D 424 19.13 59.90 2.70
N ILE D 425 17.81 60.00 2.53
CA ILE D 425 16.90 58.87 2.62
C ILE D 425 16.19 58.72 1.29
N GLU D 426 16.25 57.53 0.71
CA GLU D 426 15.60 57.23 -0.56
C GLU D 426 14.45 56.27 -0.32
N ALA D 427 13.25 56.66 -0.76
CA ALA D 427 12.11 55.78 -0.79
C ALA D 427 11.98 55.14 -2.17
N LYS D 428 11.50 53.90 -2.20
CA LYS D 428 11.45 53.14 -3.44
C LYS D 428 10.23 52.24 -3.38
N VAL D 429 9.15 52.65 -4.04
CA VAL D 429 7.89 51.91 -4.02
C VAL D 429 7.93 50.85 -5.10
N ARG D 430 7.32 49.70 -4.80
CA ARG D 430 7.16 48.61 -5.76
C ARG D 430 5.68 48.40 -6.02
N GLY D 431 5.30 48.36 -7.29
CA GLY D 431 3.90 48.25 -7.62
C GLY D 431 3.15 49.54 -7.32
N CYS D 432 1.85 49.38 -7.07
CA CYS D 432 1.02 50.54 -6.76
C CYS D 432 -0.03 50.16 -5.72
N PRO D 433 0.11 50.65 -4.48
CA PRO D 433 -0.95 50.43 -3.49
C PRO D 433 -2.25 51.10 -3.93
N GLN D 434 -3.37 50.44 -3.61
CA GLN D 434 -4.67 50.97 -3.97
C GLN D 434 -5.07 52.16 -3.10
N GLU D 435 -4.46 52.31 -1.93
CA GLU D 435 -4.80 53.43 -1.05
C GLU D 435 -4.43 54.76 -1.67
N LYS D 436 -3.29 54.82 -2.36
CA LYS D 436 -2.77 55.98 -3.07
C LYS D 436 -2.28 57.10 -2.15
N GLU D 437 -2.40 56.95 -0.83
CA GLU D 437 -1.89 57.97 0.09
C GLU D 437 -1.64 57.30 1.44
N LYS D 438 -0.38 57.10 1.79
CA LYS D 438 0.01 56.53 3.06
C LYS D 438 1.09 57.39 3.69
N SER D 439 1.07 57.50 5.01
CA SER D 439 2.02 58.33 5.73
C SER D 439 2.83 57.49 6.70
N PHE D 440 4.13 57.75 6.76
CA PHE D 440 5.01 57.06 7.69
C PHE D 440 5.90 58.08 8.39
N THR D 441 6.69 57.61 9.35
CA THR D 441 7.47 58.48 10.22
C THR D 441 8.94 58.11 10.17
N ILE D 442 9.80 59.12 10.03
CA ILE D 442 11.23 58.98 10.22
C ILE D 442 11.60 59.73 11.49
N LYS D 443 12.29 59.06 12.40
CA LYS D 443 12.53 59.69 13.70
C LYS D 443 13.83 59.23 14.30
N PRO D 444 14.69 60.15 14.76
CA PRO D 444 15.84 59.74 15.56
C PRO D 444 15.38 59.04 16.84
N VAL D 445 16.14 58.03 17.24
CA VAL D 445 15.74 57.21 18.37
C VAL D 445 15.87 58.01 19.66
N GLY D 446 14.83 57.96 20.49
CA GLY D 446 14.79 58.66 21.76
C GLY D 446 14.12 60.02 21.73
N PHE D 447 14.31 60.77 20.65
CA PHE D 447 13.74 62.11 20.55
C PHE D 447 12.27 62.04 20.16
N LYS D 448 11.52 63.07 20.53
CA LYS D 448 10.14 63.20 20.08
C LYS D 448 10.04 63.84 18.72
N ASP D 449 11.04 64.64 18.32
CA ASP D 449 11.03 65.28 17.02
C ASP D 449 11.01 64.23 15.91
N SER D 450 10.10 64.40 14.95
CA SER D 450 9.92 63.40 13.92
C SER D 450 9.52 64.08 12.62
N LEU D 451 9.80 63.38 11.52
CA LEU D 451 9.42 63.81 10.18
C LEU D 451 8.29 62.91 9.70
N ILE D 452 7.18 63.52 9.30
CA ILE D 452 6.01 62.78 8.81
C ILE D 452 6.04 62.89 7.29
N VAL D 453 6.22 61.77 6.61
CA VAL D 453 6.24 61.72 5.16
C VAL D 453 4.90 61.20 4.67
N GLN D 454 4.17 62.03 3.94
CA GLN D 454 2.90 61.63 3.32
C GLN D 454 3.17 61.31 1.86
N VAL D 455 3.25 60.02 1.55
CA VAL D 455 3.54 59.55 0.20
C VAL D 455 2.22 59.33 -0.52
N THR D 456 2.07 59.98 -1.67
CA THR D 456 0.91 59.83 -2.53
C THR D 456 1.34 59.09 -3.79
N PHE D 457 0.66 57.97 -4.06
CA PHE D 457 0.99 57.14 -5.21
C PHE D 457 0.19 57.62 -6.41
N ASP D 458 0.87 58.30 -7.34
CA ASP D 458 0.23 58.81 -8.55
C ASP D 458 0.35 57.74 -9.62
N CYS D 459 -0.51 56.72 -9.50
CA CYS D 459 -0.54 55.62 -10.46
C CYS D 459 -1.45 55.95 -11.63
N ASP D 460 -2.71 56.23 -11.35
CA ASP D 460 -3.67 56.60 -12.38
C ASP D 460 -3.47 58.06 -12.78
N CYS D 461 -4.34 58.53 -13.69
CA CYS D 461 -4.21 59.92 -14.18
C CYS D 461 -5.59 60.56 -14.36
N ALA D 462 -5.63 61.84 -14.72
CA ALA D 462 -6.92 62.55 -14.88
C ALA D 462 -7.73 61.96 -16.04
N CYS D 463 -7.04 61.79 -17.17
CA CYS D 463 -7.72 61.29 -18.40
C CYS D 463 -8.25 59.88 -18.16
N GLN D 464 -7.56 59.07 -17.35
CA GLN D 464 -8.08 57.72 -17.01
C GLN D 464 -9.37 57.90 -16.22
N ALA D 465 -9.37 58.81 -15.24
CA ALA D 465 -10.60 59.11 -14.46
C ALA D 465 -11.65 59.67 -15.41
N GLN D 466 -11.23 60.49 -16.38
CA GLN D 466 -12.19 61.06 -17.38
C GLN D 466 -12.50 59.97 -18.42
N ALA D 467 -13.20 58.92 -18.00
CA ALA D 467 -13.52 57.81 -18.91
C ALA D 467 -14.82 58.10 -19.67
N GLU D 468 -14.92 57.62 -20.92
CA GLU D 468 -16.17 57.80 -21.70
C GLU D 468 -16.58 56.46 -22.30
N PRO D 469 -17.19 55.54 -21.52
CA PRO D 469 -17.55 54.21 -22.02
C PRO D 469 -18.57 54.36 -23.16
N ASN D 470 -19.40 55.39 -23.10
CA ASN D 470 -20.39 55.64 -24.20
C ASN D 470 -19.77 56.61 -25.20
N SER D 471 -18.60 56.27 -25.74
CA SER D 471 -17.97 57.11 -26.79
C SER D 471 -18.63 56.81 -28.14
N HIS D 472 -19.57 57.67 -28.58
CA HIS D 472 -20.28 57.43 -29.86
C HIS D 472 -19.25 57.16 -30.96
N ARG D 473 -18.09 57.81 -30.87
CA ARG D 473 -17.01 57.59 -31.86
C ARG D 473 -16.67 56.10 -31.89
N CYS D 474 -16.70 55.44 -30.72
CA CYS D 474 -16.38 53.99 -30.65
C CYS D 474 -17.67 53.18 -30.82
N ASN D 475 -18.12 53.01 -32.05
CA ASN D 475 -19.35 52.23 -32.34
C ASN D 475 -20.50 52.67 -31.44
N ASN D 476 -20.94 53.93 -31.55
CA ASN D 476 -22.12 54.41 -30.79
C ASN D 476 -21.91 54.27 -29.28
N GLY D 477 -20.67 54.19 -28.80
CA GLY D 477 -20.44 54.18 -27.34
C GLY D 477 -20.41 52.81 -26.70
N ASN D 478 -19.77 51.83 -27.33
CA ASN D 478 -19.60 50.51 -26.64
C ASN D 478 -18.15 50.39 -26.19
N GLY D 479 -17.39 51.49 -26.28
CA GLY D 479 -15.98 51.47 -25.84
C GLY D 479 -15.66 52.65 -24.94
N THR D 480 -15.00 52.39 -23.80
CA THR D 480 -14.66 53.47 -22.85
C THR D 480 -13.56 54.35 -23.45
N PHE D 481 -13.89 55.57 -23.86
CA PHE D 481 -12.91 56.46 -24.52
C PHE D 481 -11.84 56.90 -23.51
N GLU D 482 -11.80 56.27 -22.34
CA GLU D 482 -10.84 56.65 -21.29
C GLU D 482 -9.45 56.82 -21.92
N CYS D 483 -8.88 58.01 -21.82
CA CYS D 483 -7.51 58.28 -22.34
C CYS D 483 -7.42 58.11 -23.86
N GLY D 484 -8.16 58.93 -24.60
CA GLY D 484 -8.08 58.88 -26.05
C GLY D 484 -8.44 57.53 -26.61
N VAL D 485 -7.68 56.48 -26.24
CA VAL D 485 -8.02 55.15 -26.68
C VAL D 485 -9.36 54.74 -26.05
N CYS D 486 -9.98 53.74 -26.66
CA CYS D 486 -11.30 53.29 -26.25
C CYS D 486 -11.21 51.88 -25.67
N ARG D 487 -11.67 51.72 -24.43
CA ARG D 487 -11.66 50.43 -23.75
C ARG D 487 -13.01 49.76 -23.98
N CYS D 488 -13.01 48.67 -24.74
CA CYS D 488 -14.23 47.95 -25.05
C CYS D 488 -14.13 46.45 -24.79
N GLY D 489 -12.94 45.88 -24.65
CA GLY D 489 -12.78 44.49 -24.31
C GLY D 489 -13.07 43.56 -25.46
N PRO D 490 -13.06 42.25 -25.17
CA PRO D 490 -13.25 41.27 -26.25
C PRO D 490 -14.58 41.39 -26.97
N GLY D 491 -15.58 42.00 -26.35
CA GLY D 491 -16.84 42.23 -27.04
C GLY D 491 -16.69 43.16 -28.22
N TRP D 492 -15.80 44.15 -28.13
CA TRP D 492 -15.59 45.10 -29.21
C TRP D 492 -14.11 45.43 -29.36
N LEU D 493 -13.24 44.42 -29.37
CA LEU D 493 -11.82 44.74 -29.29
C LEU D 493 -11.24 45.37 -30.57
N GLY D 494 -12.03 45.82 -31.54
CA GLY D 494 -11.50 46.47 -32.72
C GLY D 494 -10.97 47.86 -32.42
N SER D 495 -10.40 48.47 -33.47
CA SER D 495 -9.81 49.79 -33.33
C SER D 495 -10.85 50.83 -32.94
N GLN D 496 -12.02 50.79 -33.58
CA GLN D 496 -13.12 51.69 -33.25
C GLN D 496 -14.16 51.01 -32.36
N CYS D 497 -13.73 50.03 -31.57
CA CYS D 497 -14.62 49.22 -30.74
C CYS D 497 -15.74 48.60 -31.58
N GLU D 498 -15.33 48.00 -32.70
CA GLU D 498 -16.27 47.43 -33.66
C GLU D 498 -16.17 45.91 -33.79
N CYS D 499 -15.13 45.28 -33.26
CA CYS D 499 -14.97 43.84 -33.39
C CYS D 499 -15.92 43.11 -32.47
N SER D 500 -17.12 42.77 -32.98
CA SER D 500 -18.18 42.22 -32.14
C SER D 500 -17.78 40.93 -31.45
N GLU D 501 -16.79 40.21 -31.98
CA GLU D 501 -16.31 38.97 -31.39
C GLU D 501 -14.82 39.10 -31.09
N GLU D 502 -14.39 38.46 -30.01
CA GLU D 502 -12.99 38.49 -29.61
C GLU D 502 -12.09 37.96 -30.73
N ASP D 503 -10.84 38.45 -30.74
CA ASP D 503 -9.83 38.08 -31.72
C ASP D 503 -10.18 38.54 -33.12
N TYR D 504 -9.36 38.15 -34.10
CA TYR D 504 -9.56 38.53 -35.49
C TYR D 504 -10.49 37.59 -36.24
N ARG D 505 -11.00 36.56 -35.57
CA ARG D 505 -11.90 35.61 -36.22
C ARG D 505 -13.13 36.26 -36.86
N PRO D 506 -13.85 37.19 -36.22
CA PRO D 506 -15.03 37.77 -36.88
C PRO D 506 -14.68 38.67 -38.06
N SER D 507 -13.41 39.03 -38.24
CA SER D 507 -12.98 39.94 -39.30
C SER D 507 -13.72 41.28 -39.18
N GLN D 508 -13.35 41.99 -38.11
CA GLN D 508 -13.97 43.26 -37.74
C GLN D 508 -14.17 44.18 -38.94
N GLN D 509 -15.26 44.95 -38.92
CA GLN D 509 -15.66 45.75 -40.07
C GLN D 509 -14.54 46.70 -40.48
N ASP D 510 -14.52 47.04 -41.76
CA ASP D 510 -13.42 47.78 -42.39
C ASP D 510 -12.11 47.01 -42.23
N GLU D 511 -12.07 45.87 -42.90
CA GLU D 511 -10.94 44.96 -42.88
C GLU D 511 -9.66 45.66 -43.35
N CYS D 512 -8.54 44.95 -43.21
CA CYS D 512 -7.25 45.49 -43.67
C CYS D 512 -7.24 45.74 -45.17
N SER D 513 -8.21 45.21 -45.91
CA SER D 513 -8.36 45.49 -47.33
C SER D 513 -8.39 47.00 -47.56
N PRO D 514 -7.37 47.58 -48.21
CA PRO D 514 -7.39 49.02 -48.46
C PRO D 514 -8.55 49.40 -49.37
N ARG D 515 -9.22 50.50 -49.03
CA ARG D 515 -10.43 50.97 -49.69
C ARG D 515 -11.50 49.89 -49.77
N GLU D 516 -11.31 48.82 -48.99
CA GLU D 516 -12.19 47.65 -48.97
C GLU D 516 -12.26 46.96 -50.32
N GLY D 517 -12.94 45.81 -50.36
CA GLY D 517 -13.02 45.05 -51.59
C GLY D 517 -11.70 44.53 -52.08
N GLN D 518 -10.82 44.13 -51.17
CA GLN D 518 -9.51 43.59 -51.51
C GLN D 518 -9.29 42.26 -50.79
N PRO D 519 -8.54 41.35 -51.40
CA PRO D 519 -8.36 40.02 -50.79
C PRO D 519 -7.42 40.06 -49.60
N VAL D 520 -7.87 39.43 -48.50
CA VAL D 520 -7.14 39.26 -47.23
C VAL D 520 -6.02 40.25 -47.02
N CYS D 521 -6.36 41.52 -46.82
CA CYS D 521 -5.40 42.60 -46.62
C CYS D 521 -4.34 42.58 -47.71
N SER D 522 -4.81 42.81 -48.95
CA SER D 522 -3.98 42.83 -50.14
C SER D 522 -3.28 41.48 -50.36
N GLN D 523 -4.06 40.40 -50.25
CA GLN D 523 -3.59 39.04 -50.48
C GLN D 523 -2.39 38.69 -49.59
N ARG D 524 -2.25 39.37 -48.46
CA ARG D 524 -1.18 39.10 -47.51
C ARG D 524 -1.62 38.16 -46.41
N GLY D 525 -2.60 37.29 -46.69
CA GLY D 525 -3.11 36.36 -45.70
C GLY D 525 -3.68 37.08 -44.49
N GLU D 526 -3.37 36.55 -43.31
CA GLU D 526 -3.72 37.24 -42.07
C GLU D 526 -2.84 38.47 -41.93
N CYS D 527 -3.37 39.63 -42.30
CA CYS D 527 -2.55 40.84 -42.29
C CYS D 527 -2.56 41.51 -40.92
N LEU D 528 -3.41 41.03 -40.01
CA LEU D 528 -3.35 41.34 -38.58
C LEU D 528 -3.29 42.85 -38.32
N CYS D 529 -4.38 43.53 -38.67
CA CYS D 529 -4.55 44.97 -38.40
C CYS D 529 -3.42 45.71 -39.09
N GLY D 530 -2.45 46.28 -38.38
CA GLY D 530 -1.34 46.97 -39.00
C GLY D 530 -0.18 46.11 -39.43
N GLN D 531 -0.26 44.79 -39.22
CA GLN D 531 0.86 43.92 -39.55
C GLN D 531 1.00 43.67 -41.05
N CYS D 532 -0.02 43.99 -41.85
CA CYS D 532 0.09 43.82 -43.30
C CYS D 532 1.08 44.82 -43.87
C1 NAG E . 13.35 -42.66 -27.03
C2 NAG E . 13.77 -41.41 -27.81
C3 NAG E . 15.25 -41.12 -27.60
C4 NAG E . 15.59 -41.08 -26.11
C5 NAG E . 15.10 -42.34 -25.43
C6 NAG E . 15.29 -42.34 -23.93
C7 NAG E . 12.88 -40.61 -29.96
C8 NAG E . 12.53 -39.34 -29.24
N2 NAG E . 13.46 -41.56 -29.22
O3 NAG E . 15.58 -39.88 -28.20
O4 NAG E . 17.00 -40.97 -25.96
O5 NAG E . 13.69 -42.51 -25.66
O6 NAG E . 14.87 -41.10 -23.35
O7 NAG E . 12.64 -40.77 -31.15
C1 NAG E . 17.36 -39.86 -25.11
C2 NAG E . 18.88 -39.68 -25.16
C3 NAG E . 19.30 -38.49 -24.29
C4 NAG E . 18.51 -37.24 -24.66
C5 NAG E . 17.01 -37.54 -24.66
C6 NAG E . 16.17 -36.38 -25.14
C7 NAG E . 19.69 -41.98 -25.49
C8 NAG E . 20.41 -43.13 -24.87
N2 NAG E . 19.55 -40.90 -24.72
O3 NAG E . 20.69 -38.26 -24.46
O4 NAG E . 18.78 -36.22 -23.70
O5 NAG E . 16.72 -38.64 -25.53
O6 NAG E . 14.92 -36.33 -24.48
O7 NAG E . 19.25 -42.02 -26.64
C1 BMA E . 19.38 -35.07 -24.31
C2 BMA E . 19.57 -34.00 -23.20
C3 BMA E . 20.32 -32.78 -23.77
C4 BMA E . 21.58 -33.20 -24.51
C5 BMA E . 21.24 -34.25 -25.58
C6 BMA E . 22.46 -34.74 -26.35
O2 BMA E . 20.34 -34.50 -22.14
O3 BMA E . 20.64 -31.85 -22.73
O4 BMA E . 22.17 -32.06 -25.14
O5 BMA E . 20.63 -35.38 -24.93
O6 BMA E . 22.01 -35.35 -27.54
C1 NAG F . 14.35 65.19 -4.78
C2 NAG F . 15.34 64.56 -5.75
C3 NAG F . 16.62 64.15 -5.03
C4 NAG F . 17.18 65.32 -4.23
C5 NAG F . 16.10 65.88 -3.31
C6 NAG F . 16.53 67.09 -2.53
C7 NAG F . 15.20 62.93 -7.59
C8 NAG F . 14.46 61.74 -8.13
N2 NAG F . 14.75 63.41 -6.43
O3 NAG F . 17.58 63.69 -5.97
O4 NAG F . 18.30 64.89 -3.45
O5 NAG F . 14.96 66.27 -4.09
O6 NAG F . 17.04 68.11 -3.38
O7 NAG F . 16.14 63.43 -8.19
C1 NAG F . 19.47 65.67 -3.80
C2 NAG F . 20.27 64.92 -4.86
C3 NAG F . 21.48 65.74 -5.29
C4 NAG F . 21.06 67.13 -5.72
C5 NAG F . 20.23 67.79 -4.62
C6 NAG F . 19.67 69.15 -5.03
C7 NAG F . 20.37 62.48 -5.02
C8 NAG F . 20.88 61.21 -4.38
N2 NAG F . 20.67 63.61 -4.39
O3 NAG F . 22.14 65.08 -6.36
O4 NAG F . 22.20 67.93 -5.99
O5 NAG F . 19.10 66.97 -4.29
O6 NAG F . 18.59 69.01 -5.94
O7 NAG F . 19.71 62.46 -6.06
C1 BMA G . -35.28 -51.55 40.99
C2 BMA G . -34.52 -50.73 42.04
C3 BMA G . -34.70 -49.23 41.76
C4 BMA G . -34.41 -48.90 40.28
C5 BMA G . -35.28 -49.79 39.39
C6 BMA G . -35.08 -49.54 37.90
O2 BMA G . -33.13 -51.01 41.99
O3 BMA G . -33.85 -48.46 42.62
O4 BMA G . -34.71 -47.54 40.00
O5 BMA G . -34.96 -51.16 39.68
O6 BMA G . -35.40 -48.19 37.64
C1 NAG G . -33.52 -46.74 40.02
C2 NAG G . -33.82 -45.40 39.34
C3 NAG G . -32.61 -44.47 39.43
C4 NAG G . -32.11 -44.36 40.87
C5 NAG G . -31.86 -45.76 41.44
C6 NAG G . -31.45 -45.74 42.88
C7 NAG G . -35.30 -45.02 37.42
C8 NAG G . -36.11 -44.16 38.32
N2 NAG G . -34.21 -45.59 37.96
O3 NAG G . -33.00 -43.19 38.95
O4 NAG G . -30.90 -43.62 41.05
O5 NAG G . -33.07 -46.53 41.35
O6 NAG G . -30.13 -45.24 43.04
O7 NAG G . -35.61 -45.21 36.24
C1 NAG G . -30.20 -42.78 40.07
C2 NAG G . -29.37 -43.69 39.14
C3 NAG G . -28.59 -42.86 38.13
C4 NAG G . -29.54 -41.93 37.38
C5 NAG G . -30.36 -41.08 38.34
C6 NAG G . -31.38 -40.20 37.66
C7 NAG G . -28.54 -45.87 39.92
C8 NAG G . -27.54 -46.59 40.77
N2 NAG G . -28.47 -44.53 39.91
O3 NAG G . -27.92 -43.71 37.22
O4 NAG G . -28.80 -41.08 36.51
O5 NAG G . -31.08 -41.93 39.25
O6 NAG G . -30.80 -39.48 36.58
O7 NAG G . -29.38 -46.48 39.26
C1 NAG H . 27.97 37.73 25.18
C2 NAG H . 28.35 36.47 25.94
C3 NAG H . 29.75 36.01 25.55
C4 NAG H . 29.87 35.88 24.04
C5 NAG H . 29.41 37.18 23.36
C6 NAG H . 29.38 37.09 21.85
C7 NAG H . 27.28 36.25 28.15
C8 NAG H . 26.21 35.48 27.44
N2 NAG H . 28.28 36.70 27.39
O3 NAG H . 30.05 34.77 26.16
O4 NAG H . 31.22 35.62 23.68
O5 NAG H . 28.08 37.50 23.79
O6 NAG H . 28.57 36.01 21.42
O7 NAG H . 27.24 36.46 29.35
C1 NAG H . 31.28 34.43 22.85
C2 NAG H . 32.67 33.81 22.96
C3 NAG H . 32.75 32.53 22.12
C4 NAG H . 31.60 31.58 22.46
C5 NAG H . 30.26 32.31 22.41
C6 NAG H . 29.10 31.47 22.89
C7 NAG H . 34.14 35.74 23.32
C8 NAG H . 35.20 36.62 22.73
N2 NAG H . 33.70 34.75 22.55
O3 NAG H . 34.00 31.89 22.34
O4 NAG H . 31.57 30.52 21.51
O5 NAG H . 30.30 33.47 23.25
O6 NAG H . 28.25 31.09 21.81
O7 NAG H . 33.70 35.94 24.46
C1 BMA H . 31.78 29.25 22.17
C2 BMA H . 31.91 28.18 21.07
C3 BMA H . 32.25 26.82 21.70
C4 BMA H . 33.41 26.94 22.70
C5 BMA H . 33.09 28.03 23.73
C6 BMA H . 34.21 28.24 24.73
O2 BMA H . 32.98 28.50 20.20
O3 BMA H . 32.56 25.84 20.70
O4 BMA H . 33.59 25.69 23.37
O5 BMA H . 32.91 29.26 23.02
O6 BMA H . 33.71 29.05 25.78
C1 NAG I . -25.75 49.84 -33.14
C2 NAG I . -25.05 48.64 -32.53
C3 NAG I . -23.86 48.22 -33.39
C4 NAG I . -24.30 48.00 -34.83
C5 NAG I . -25.05 49.23 -35.35
C6 NAG I . -25.61 49.03 -36.73
C7 NAG I . -23.75 49.84 -30.81
C8 NAG I . -23.44 49.94 -29.34
N2 NAG I . -24.62 48.90 -31.16
O3 NAG I . -23.28 47.04 -32.85
O4 NAG I . -23.18 47.75 -35.67
O5 NAG I . -26.15 49.54 -34.49
O6 NAG I . -24.63 48.59 -37.66
O7 NAG I . -23.20 50.58 -31.63
C1 NAG I . -22.97 46.34 -35.87
C2 NAG I . -21.49 46.07 -35.62
C3 NAG I . -21.20 44.57 -35.76
C4 NAG I . -22.13 43.76 -34.89
C5 NAG I . -23.58 44.12 -35.19
C6 NAG I . -24.57 43.43 -34.27
C7 NAG I . -19.67 47.64 -36.10
C8 NAG I . -18.92 48.37 -37.17
N2 NAG I . -20.66 46.85 -36.52
O3 NAG I . -19.85 44.32 -35.39
O4 NAG I . -21.93 42.37 -35.12
O5 NAG I . -23.78 45.53 -35.00
O6 NAG I . -25.71 44.24 -34.03
O7 NAG I . -19.39 47.75 -34.91
CA CA J . 11.22 -15.01 -10.95
CA CA K . 12.41 -8.12 -23.03
CA CA L . -3.63 -12.33 -5.14
CA CA M . -12.91 -8.60 -10.13
C1 NAG N . 13.35 1.63 -22.41
C2 NAG N . 14.76 1.62 -23.06
C3 NAG N . 15.31 3.03 -23.16
C4 NAG N . 14.20 4.00 -23.53
C5 NAG N . 13.23 4.11 -22.36
C6 NAG N . 11.82 4.46 -22.77
C7 NAG N . 16.23 -0.33 -22.80
C8 NAG N . 15.88 -0.67 -24.23
N2 NAG N . 15.67 0.77 -22.30
O3 NAG N . 16.34 3.07 -24.15
O4 NAG N . 14.74 5.28 -23.82
O5 NAG N . 13.17 2.87 -21.63
O6 NAG N . 11.45 3.80 -23.97
O7 NAG N . 17.00 -1.04 -22.15
C1 NAG O . -10.46 -24.74 16.33
C2 NAG O . -11.52 -23.94 15.59
C3 NAG O . -11.46 -24.21 14.10
C4 NAG O . -10.05 -23.98 13.57
C5 NAG O . -9.04 -24.77 14.39
C6 NAG O . -7.61 -24.48 14.00
C7 NAG O . -13.84 -23.36 16.13
C8 NAG O . -15.15 -23.85 16.70
N2 NAG O . -12.85 -24.25 16.11
O3 NAG O . -12.39 -23.36 13.42
O4 NAG O . -9.96 -24.37 12.21
O5 NAG O . -9.17 -24.44 15.78
O6 NAG O . -7.22 -23.16 14.37
O7 NAG O . -13.71 -22.22 15.72
C1 NAG P . -29.70 -29.91 -28.72
C2 NAG P . -28.62 -28.87 -28.41
C3 NAG P . -29.28 -27.57 -27.97
C4 NAG P . -30.28 -27.09 -29.01
C5 NAG P . -31.28 -28.21 -29.31
C6 NAG P . -32.23 -27.85 -30.43
C7 NAG P . -26.39 -29.52 -27.62
C8 NAG P . -25.59 -30.02 -26.46
N2 NAG P . -27.70 -29.36 -27.39
O3 NAG P . -28.27 -26.58 -27.78
O4 NAG P . -30.98 -25.95 -28.52
O5 NAG P . -30.59 -29.39 -29.72
O6 NAG P . -31.56 -27.20 -31.50
O7 NAG P . -25.89 -29.27 -28.70
MG MG Q . 3.85 -44.00 -45.43
CA CA R . 1.54 -37.34 -41.96
CA CA S . 7.89 -48.80 -48.38
C1 NAG T . 0.60 -67.28 3.58
C2 NAG T . 1.83 -67.51 4.45
C3 NAG T . 2.71 -68.60 3.87
C4 NAG T . 1.90 -69.87 3.62
C5 NAG T . 0.66 -69.54 2.79
C6 NAG T . -0.26 -70.73 2.61
C7 NAG T . 2.37 -65.42 5.62
C8 NAG T . 3.24 -64.20 5.64
N2 NAG T . 2.58 -66.28 4.62
O3 NAG T . 3.78 -68.88 4.75
O4 NAG T . 2.68 -70.84 2.95
O5 NAG T . -0.11 -68.52 3.42
O6 NAG T . -1.48 -70.55 3.31
O7 NAG T . 1.51 -65.61 6.47
CA CA U . 16.49 11.41 10.27
CA CA V . 20.13 4.27 21.95
CA CA W . 4.86 12.96 4.81
CA CA X . -8.28 9.92 11.31
C1 NAG Y . 20.82 -5.38 22.54
C2 NAG Y . 22.24 -5.86 22.20
C3 NAG Y . 22.20 -7.28 21.65
C4 NAG Y . 21.45 -8.20 22.61
C5 NAG Y . 20.07 -7.63 22.91
C6 NAG Y . 19.31 -8.44 23.94
C7 NAG Y . 23.86 -4.12 21.58
C8 NAG Y . 24.29 -4.14 23.02
N2 NAG Y . 22.88 -4.96 21.25
O3 NAG Y . 23.53 -7.75 21.48
O4 NAG Y . 21.30 -9.49 22.04
O5 NAG Y . 20.19 -6.30 23.43
O6 NAG Y . 18.65 -9.56 23.35
O7 NAG Y . 24.38 -3.38 20.76
C1 NAG Z . -4.94 24.61 -13.12
C2 NAG Z . -5.52 25.02 -14.47
C3 NAG Z . -7.03 25.28 -14.35
C4 NAG Z . -7.41 25.81 -12.98
C5 NAG Z . -6.89 24.92 -11.86
C6 NAG Z . -7.99 24.12 -11.19
C7 NAG Z . -4.30 26.22 -16.23
C8 NAG Z . -3.63 27.50 -16.62
N2 NAG Z . -4.84 26.18 -15.00
O3 NAG Z . -7.74 24.08 -14.63
O4 NAG Z . -6.90 27.14 -12.81
O5 NAG Z . -5.94 23.99 -12.35
O6 NAG Z . -8.71 23.35 -12.14
O7 NAG Z . -4.35 25.25 -16.98
C1 NAG AA . -18.61 32.30 33.13
C2 NAG AA . -17.79 32.63 31.88
C3 NAG AA . -18.71 33.15 30.77
C4 NAG AA . -19.82 32.15 30.51
C5 NAG AA . -20.55 31.82 31.80
C6 NAG AA . -21.59 30.73 31.63
C7 NAG AA . -15.46 33.35 32.15
C8 NAG AA . -14.54 34.49 32.49
N2 NAG AA . -16.77 33.62 32.19
O3 NAG AA . -17.93 33.35 29.59
O4 NAG AA . -20.75 32.68 29.57
O5 NAG AA . -19.62 31.35 32.78
O6 NAG AA . -21.51 29.77 32.68
O7 NAG AA . -15.03 32.24 31.84
MG MG BA . 19.64 40.32 43.94
CA CA CA . 9.40 36.70 42.30
CA CA DA . 25.57 45.49 47.08
C1 NAG EA . 21.15 55.72 -1.80
C2 NAG EA . 21.82 56.29 -3.03
C3 NAG EA . 21.43 57.76 -3.22
C4 NAG EA . 21.69 58.55 -1.94
C5 NAG EA . 21.18 57.85 -0.69
C6 NAG EA . 19.68 57.93 -0.51
C7 NAG EA . 24.03 55.67 -3.93
C8 NAG EA . 23.30 55.25 -5.17
N2 NAG EA . 23.27 56.15 -2.94
O3 NAG EA . 20.07 57.84 -3.60
O4 NAG EA . 23.08 58.80 -1.80
O5 NAG EA . 21.54 56.46 -0.67
O6 NAG EA . 19.28 57.46 0.76
O7 NAG EA . 25.25 55.56 -3.83
#